data_8BCU
#
_entry.id   8BCU
#
_cell.length_a   1.00
_cell.length_b   1.00
_cell.length_c   1.00
_cell.angle_alpha   90.00
_cell.angle_beta   90.00
_cell.angle_gamma   90.00
#
_symmetry.space_group_name_H-M   'P 1'
#
loop_
_entity.id
_entity.type
_entity.pdbx_description
1 polymer 'Tail tube terminator protein p142'
2 polymer 'Tail tube protein'
#
loop_
_entity_poly.entity_id
_entity_poly.type
_entity_poly.pdbx_seq_one_letter_code
_entity_poly.pdbx_strand_id
1 'polypeptide(L)'
;MDHRTSIAQAMVDRISKQMDGSQPDEYFNNLYGNVSRQTYKFEEIREFPYVAVHIGTETGQYLPSGQQWMFLELPILVYD
KEKTDIQEQLEKLVADIKTVIDTGGNLEYTVSKPNGSTFPCEATDMIITSVSTDEGLLAPYGLAEINVTVRYQPPRRSLR
R
;
C,D,A,B,E,F
2 'polypeptide(L)'
;MSLQLLRNTRIFVSTVKTGHNKTNTQEILVQDDISWGQDSNSTDITVNEAGPRPTRGSKRFNDSLNAAEWSFSTYILPYK
DKNTSKQIVPDYMLWHALSSGRAINLEGTTGAHNNATNFMVNFKDNSYHELAMLHIYILTDKTWSYIDSCQINQAEVNVD
IEDIGRVTWSGNGNQLIPLDEQPFDPDQIGIDDETYMTIQGSYIKNKLTILKIKDMDTNKSYDIPITGGTFTINNNITYL
TPNVMSRVTIPIGSFTGAFELTGSLTAYLNDKSLGSMELYKDLIKTLKVVNRFEIALVLGGEYDDERPAAILVAKQAHVN
IPTIETDDVLGTSVEFKAIPSDLDAGDEGYLGFSSKYTRTTINNLIVNGDGATDAVTAITVKSAGNVTTLNRSATLQMSV
EVTPSSARNKEVTWAITAGDAATINATGLLRADASKTGAVTVEATAKDGSGVKGTKVITVTAGG
;
H,G,I
#
# COMPACT_ATOMS: atom_id res chain seq x y z
N MET A 1 -30.66 1.03 23.44
CA MET A 1 -29.75 2.18 23.67
C MET A 1 -29.61 3.02 22.40
N ASP A 2 -30.72 3.28 21.73
CA ASP A 2 -30.74 4.11 20.54
C ASP A 2 -31.49 5.39 20.85
N HIS A 3 -31.08 6.49 20.21
CA HIS A 3 -31.65 7.79 20.47
C HIS A 3 -31.80 8.58 19.17
N ARG A 4 -32.04 7.88 18.07
CA ARG A 4 -32.13 8.55 16.78
C ARG A 4 -33.16 9.67 16.81
N THR A 5 -34.43 9.32 17.01
CA THR A 5 -35.46 10.35 17.11
C THR A 5 -35.10 11.37 18.18
N SER A 6 -34.45 10.93 19.27
CA SER A 6 -34.03 11.85 20.30
C SER A 6 -33.00 12.84 19.76
N ILE A 7 -32.03 12.36 18.98
CA ILE A 7 -31.03 13.25 18.41
C ILE A 7 -31.69 14.24 17.45
N ALA A 8 -32.61 13.75 16.62
CA ALA A 8 -33.29 14.64 15.69
C ALA A 8 -34.09 15.70 16.43
N GLN A 9 -34.78 15.30 17.49
CA GLN A 9 -35.52 16.27 18.29
C GLN A 9 -34.58 17.29 18.91
N ALA A 10 -33.41 16.85 19.37
CA ALA A 10 -32.45 17.79 19.91
C ALA A 10 -32.00 18.79 18.86
N MET A 11 -31.70 18.31 17.65
CA MET A 11 -31.27 19.23 16.60
C MET A 11 -32.38 20.21 16.24
N VAL A 12 -33.61 19.71 16.11
CA VAL A 12 -34.71 20.58 15.70
C VAL A 12 -35.00 21.62 16.77
N ASP A 13 -34.98 21.22 18.04
CA ASP A 13 -35.22 22.18 19.09
C ASP A 13 -34.06 23.17 19.23
N ARG A 14 -32.83 22.74 18.95
CA ARG A 14 -31.73 23.68 18.92
C ARG A 14 -31.95 24.73 17.83
N ILE A 15 -32.32 24.27 16.64
CA ILE A 15 -32.62 25.20 15.56
C ILE A 15 -33.68 26.19 16.00
N SER A 16 -34.77 25.69 16.58
CA SER A 16 -35.86 26.58 16.97
C SER A 16 -35.40 27.58 18.02
N LYS A 17 -34.79 27.10 19.10
CA LYS A 17 -34.45 27.98 20.21
C LYS A 17 -33.36 28.96 19.84
N GLN A 18 -32.52 28.62 18.86
CA GLN A 18 -31.38 29.44 18.48
C GLN A 18 -31.61 30.10 17.12
N MET A 19 -32.87 30.38 16.79
CA MET A 19 -33.21 31.06 15.56
C MET A 19 -34.07 32.31 15.78
N ASP A 20 -34.63 32.49 16.97
CA ASP A 20 -35.43 33.66 17.23
C ASP A 20 -34.58 34.92 17.04
N GLY A 21 -35.21 36.08 17.19
CA GLY A 21 -34.53 37.34 17.01
C GLY A 21 -33.63 37.73 18.15
N SER A 22 -33.42 36.84 19.13
CA SER A 22 -32.59 37.17 20.27
C SER A 22 -31.13 37.37 19.90
N GLN A 23 -30.73 36.95 18.71
CA GLN A 23 -29.34 37.12 18.24
C GLN A 23 -29.37 37.65 16.81
N PRO A 24 -29.81 38.89 16.61
CA PRO A 24 -29.82 39.45 15.26
C PRO A 24 -28.42 39.75 14.74
N ASP A 25 -27.47 39.99 15.64
CA ASP A 25 -26.10 40.28 15.22
C ASP A 25 -25.28 39.03 14.95
N GLU A 26 -25.85 37.85 15.18
CA GLU A 26 -25.15 36.59 14.94
C GLU A 26 -25.79 35.75 13.85
N TYR A 27 -27.08 35.93 13.60
CA TYR A 27 -27.80 35.15 12.61
C TYR A 27 -28.58 36.08 11.67
N PHE A 28 -28.91 35.54 10.50
CA PHE A 28 -29.50 36.32 9.43
C PHE A 28 -31.02 36.32 9.48
N ASN A 29 -31.63 35.14 9.47
CA ASN A 29 -33.06 35.01 9.32
C ASN A 29 -33.72 34.73 10.66
N ASN A 30 -35.02 34.44 10.61
CA ASN A 30 -35.79 34.09 11.80
C ASN A 30 -36.92 33.17 11.34
N LEU A 31 -36.71 31.86 11.50
CA LEU A 31 -37.69 30.90 11.03
C LEU A 31 -39.00 30.96 11.82
N TYR A 32 -39.03 31.68 12.94
CA TYR A 32 -40.23 31.77 13.76
C TYR A 32 -40.75 30.38 14.10
N GLY A 33 -39.84 29.47 14.44
CA GLY A 33 -40.22 28.15 14.87
C GLY A 33 -40.76 27.25 13.79
N ASN A 34 -40.48 27.57 12.52
CA ASN A 34 -40.97 26.74 11.41
C ASN A 34 -39.96 25.63 11.10
N VAL A 35 -39.67 24.85 12.14
CA VAL A 35 -38.71 23.75 12.06
C VAL A 35 -39.38 22.49 12.59
N SER A 36 -39.24 21.40 11.85
CA SER A 36 -39.92 20.16 12.19
C SER A 36 -39.01 18.98 11.92
N ARG A 37 -39.31 17.87 12.59
CA ARG A 37 -38.54 16.64 12.46
C ARG A 37 -38.98 15.78 11.29
N GLN A 38 -40.11 16.09 10.65
CA GLN A 38 -40.57 15.31 9.52
C GLN A 38 -41.45 16.17 8.62
N THR A 39 -41.46 15.83 7.34
CA THR A 39 -42.28 16.51 6.34
C THR A 39 -43.00 15.47 5.51
N TYR A 40 -44.28 15.74 5.21
CA TYR A 40 -45.07 14.80 4.41
C TYR A 40 -44.68 14.86 2.94
N LYS A 41 -44.48 16.06 2.41
CA LYS A 41 -44.19 16.23 1.00
C LYS A 41 -43.80 17.67 0.75
N PHE A 42 -42.84 17.87 -0.15
CA PHE A 42 -42.49 19.23 -0.56
C PHE A 42 -43.72 20.00 -0.97
N GLU A 43 -44.57 19.39 -1.80
CA GLU A 43 -45.83 20.01 -2.19
C GLU A 43 -46.71 20.29 -0.97
N GLU A 44 -46.74 19.36 -0.02
CA GLU A 44 -47.57 19.54 1.17
C GLU A 44 -47.24 20.84 1.91
N ILE A 45 -45.95 21.15 2.04
CA ILE A 45 -45.55 22.30 2.84
C ILE A 45 -46.28 23.55 2.34
N ARG A 46 -46.49 24.50 3.26
CA ARG A 46 -47.21 25.73 2.95
C ARG A 46 -46.42 26.99 3.26
N GLU A 47 -45.72 27.06 4.39
CA GLU A 47 -45.02 28.26 4.81
C GLU A 47 -43.52 28.15 4.53
N PHE A 48 -42.94 29.26 4.09
CA PHE A 48 -41.52 29.34 3.81
C PHE A 48 -40.93 30.56 4.50
N PRO A 49 -39.62 30.55 4.78
CA PRO A 49 -38.66 29.47 4.53
C PRO A 49 -38.85 28.34 5.53
N TYR A 50 -38.63 27.09 5.13
CA TYR A 50 -38.87 25.94 5.98
C TYR A 50 -37.70 24.99 5.89
N VAL A 51 -37.31 24.44 7.03
CA VAL A 51 -36.15 23.56 7.14
C VAL A 51 -36.61 22.21 7.66
N ALA A 52 -36.18 21.14 6.99
CA ALA A 52 -36.57 19.79 7.35
C ALA A 52 -35.35 19.02 7.82
N VAL A 53 -35.48 18.36 8.96
CA VAL A 53 -34.43 17.51 9.52
C VAL A 53 -34.84 16.06 9.28
N HIS A 54 -34.00 15.34 8.54
CA HIS A 54 -34.28 13.96 8.17
C HIS A 54 -33.49 13.00 9.05
N ILE A 55 -33.79 11.72 8.88
CA ILE A 55 -33.15 10.64 9.61
C ILE A 55 -32.58 9.66 8.60
N GLY A 56 -31.31 9.29 8.78
CA GLY A 56 -30.64 8.39 7.88
C GLY A 56 -30.14 7.14 8.56
N THR A 57 -29.21 6.47 7.91
CA THR A 57 -28.61 5.28 8.47
C THR A 57 -27.77 5.64 9.68
N GLU A 58 -27.47 4.63 10.49
CA GLU A 58 -26.78 4.82 11.77
C GLU A 58 -25.69 3.76 11.87
N THR A 59 -24.50 4.08 11.38
CA THR A 59 -23.39 3.15 11.45
C THR A 59 -22.87 3.05 12.87
N GLY A 60 -22.19 1.95 13.16
CA GLY A 60 -21.72 1.70 14.52
C GLY A 60 -20.37 1.01 14.52
N GLN A 61 -19.66 1.23 15.62
CA GLN A 61 -18.39 0.58 15.88
C GLN A 61 -18.39 0.04 17.30
N TYR A 62 -17.52 -0.92 17.56
CA TYR A 62 -17.37 -1.51 18.87
C TYR A 62 -15.93 -1.39 19.34
N LEU A 63 -15.76 -1.02 20.60
CA LEU A 63 -14.44 -0.75 21.17
C LEU A 63 -14.16 -1.70 22.33
N PRO A 64 -12.89 -1.92 22.66
CA PRO A 64 -12.55 -2.99 23.60
C PRO A 64 -13.22 -2.86 24.96
N SER A 65 -13.29 -1.65 25.52
CA SER A 65 -13.73 -1.50 26.91
C SER A 65 -15.24 -1.54 27.05
N GLY A 66 -15.95 -2.05 26.06
CA GLY A 66 -17.39 -2.00 26.06
C GLY A 66 -17.96 -0.69 25.58
N GLN A 67 -17.12 0.27 25.21
CA GLN A 67 -17.62 1.51 24.64
C GLN A 67 -18.33 1.22 23.32
N GLN A 68 -18.91 2.25 22.74
CA GLN A 68 -19.66 2.07 21.49
C GLN A 68 -19.71 3.39 20.75
N TRP A 69 -18.92 3.51 19.68
CA TRP A 69 -19.01 4.63 18.77
C TRP A 69 -20.09 4.33 17.74
N MET A 70 -21.02 5.25 17.55
CA MET A 70 -22.08 5.08 16.57
C MET A 70 -22.33 6.41 15.89
N PHE A 71 -22.16 6.43 14.57
CA PHE A 71 -22.28 7.64 13.77
C PHE A 71 -23.65 7.70 13.11
N LEU A 72 -24.37 8.78 13.37
CA LEU A 72 -25.71 8.97 12.84
C LEU A 72 -25.67 10.04 11.76
N GLU A 73 -26.30 9.76 10.62
CA GLU A 73 -26.34 10.68 9.51
C GLU A 73 -27.62 11.50 9.56
N LEU A 74 -27.48 12.82 9.48
CA LEU A 74 -28.60 13.74 9.63
C LEU A 74 -28.64 14.68 8.44
N PRO A 75 -29.09 14.21 7.28
CA PRO A 75 -29.36 15.13 6.19
C PRO A 75 -30.35 16.19 6.62
N ILE A 76 -30.04 17.44 6.28
CA ILE A 76 -30.90 18.58 6.59
C ILE A 76 -31.28 19.25 5.28
N LEU A 77 -32.58 19.48 5.09
CA LEU A 77 -33.10 20.12 3.90
C LEU A 77 -33.67 21.48 4.26
N VAL A 78 -33.51 22.43 3.36
CA VAL A 78 -34.10 23.75 3.51
C VAL A 78 -34.87 24.10 2.25
N TYR A 79 -35.82 25.02 2.37
CA TYR A 79 -36.61 25.49 1.25
C TYR A 79 -36.90 26.97 1.44
N ASP A 80 -37.20 27.64 0.33
CA ASP A 80 -37.56 29.04 0.40
C ASP A 80 -38.24 29.46 -0.90
N LYS A 81 -39.24 30.34 -0.77
CA LYS A 81 -39.84 30.97 -1.92
C LYS A 81 -39.01 32.17 -2.34
N GLU A 82 -38.91 32.40 -3.64
CA GLU A 82 -38.04 33.46 -4.17
C GLU A 82 -38.68 34.81 -3.89
N LYS A 83 -38.39 35.36 -2.71
CA LYS A 83 -38.84 36.71 -2.40
C LYS A 83 -38.00 37.75 -3.15
N THR A 84 -36.68 37.55 -3.18
CA THR A 84 -35.78 38.36 -3.98
C THR A 84 -34.97 37.53 -4.97
N ASP A 85 -34.34 36.45 -4.50
CA ASP A 85 -33.59 35.57 -5.37
C ASP A 85 -33.23 34.32 -4.58
N ILE A 86 -33.41 33.15 -5.19
CA ILE A 86 -33.27 31.90 -4.44
C ILE A 86 -31.83 31.73 -3.97
N GLN A 87 -30.86 32.01 -4.83
CA GLN A 87 -29.47 31.69 -4.49
C GLN A 87 -29.03 32.42 -3.23
N GLU A 88 -29.21 33.75 -3.19
CA GLU A 88 -28.75 34.53 -2.05
C GLU A 88 -29.49 34.13 -0.78
N GLN A 89 -30.80 33.92 -0.87
CA GLN A 89 -31.55 33.55 0.32
C GLN A 89 -31.08 32.21 0.86
N LEU A 90 -30.87 31.24 -0.03
CA LEU A 90 -30.41 29.94 0.42
C LEU A 90 -29.01 30.04 1.01
N GLU A 91 -28.15 30.89 0.44
CA GLU A 91 -26.83 31.08 1.03
C GLU A 91 -26.95 31.66 2.43
N LYS A 92 -27.79 32.67 2.61
CA LYS A 92 -28.00 33.24 3.94
C LYS A 92 -28.44 32.16 4.91
N LEU A 93 -29.44 31.38 4.52
CA LEU A 93 -30.00 30.36 5.40
C LEU A 93 -28.97 29.28 5.73
N VAL A 94 -28.21 28.85 4.72
CA VAL A 94 -27.24 27.79 4.94
C VAL A 94 -26.11 28.29 5.82
N ALA A 95 -25.67 29.53 5.63
CA ALA A 95 -24.65 30.08 6.53
C ALA A 95 -25.18 30.15 7.95
N ASP A 96 -26.44 30.56 8.11
CA ASP A 96 -27.03 30.61 9.44
C ASP A 96 -27.06 29.21 10.07
N ILE A 97 -27.43 28.20 9.30
CA ILE A 97 -27.52 26.85 9.84
C ILE A 97 -26.12 26.32 10.18
N LYS A 98 -25.13 26.65 9.35
CA LYS A 98 -23.76 26.25 9.66
C LYS A 98 -23.29 26.91 10.95
N THR A 99 -23.64 28.18 11.15
CA THR A 99 -23.30 28.83 12.41
C THR A 99 -24.00 28.16 13.58
N VAL A 100 -25.27 27.76 13.38
CA VAL A 100 -26.01 27.08 14.44
C VAL A 100 -25.38 25.73 14.75
N ILE A 101 -24.78 25.10 13.75
CA ILE A 101 -24.31 23.74 13.92
C ILE A 101 -22.86 23.66 14.34
N ASP A 102 -22.07 24.71 14.11
CA ASP A 102 -20.67 24.70 14.48
C ASP A 102 -20.37 25.44 15.78
N THR A 103 -21.10 26.51 16.09
CA THR A 103 -20.92 27.23 17.33
C THR A 103 -21.78 26.61 18.42
N GLY A 104 -21.63 27.13 19.63
CA GLY A 104 -22.33 26.55 20.76
C GLY A 104 -21.64 25.29 21.25
N GLY A 105 -22.33 24.60 22.16
CA GLY A 105 -21.77 23.43 22.80
C GLY A 105 -22.00 22.15 22.03
N ASN A 106 -22.60 21.17 22.70
CA ASN A 106 -22.84 19.85 22.13
C ASN A 106 -24.33 19.61 22.02
N LEU A 107 -24.70 18.66 21.16
CA LEU A 107 -26.11 18.36 20.93
C LEU A 107 -26.70 17.77 22.20
N GLU A 108 -27.54 18.53 22.87
CA GLU A 108 -28.19 18.09 24.10
C GLU A 108 -29.51 17.44 23.74
N TYR A 109 -29.58 16.11 23.85
CA TYR A 109 -30.81 15.38 23.65
C TYR A 109 -31.22 14.71 24.95
N THR A 110 -32.52 14.55 25.14
CA THR A 110 -33.08 13.92 26.32
C THR A 110 -33.44 12.49 25.97
N VAL A 111 -32.88 11.54 26.71
CA VAL A 111 -33.15 10.13 26.50
C VAL A 111 -34.19 9.69 27.52
N SER A 112 -35.30 9.14 27.04
CA SER A 112 -36.34 8.63 27.91
C SER A 112 -36.07 7.16 28.20
N LYS A 113 -35.72 6.85 29.43
CA LYS A 113 -35.38 5.48 29.81
C LYS A 113 -36.63 4.64 30.01
N PRO A 114 -36.50 3.32 29.94
CA PRO A 114 -37.67 2.45 30.14
C PRO A 114 -38.37 2.65 31.47
N ASN A 115 -37.63 3.02 32.52
CA ASN A 115 -38.25 3.27 33.81
C ASN A 115 -39.28 4.37 33.73
N GLY A 116 -39.18 5.22 32.71
CA GLY A 116 -40.03 6.39 32.57
C GLY A 116 -39.38 7.70 32.93
N SER A 117 -38.12 7.69 33.32
CA SER A 117 -37.40 8.89 33.72
C SER A 117 -36.54 9.38 32.57
N THR A 118 -36.47 10.70 32.41
CA THR A 118 -35.72 11.33 31.34
C THR A 118 -34.46 11.95 31.91
N PHE A 119 -33.32 11.65 31.29
CA PHE A 119 -32.03 12.18 31.71
C PHE A 119 -31.47 13.10 30.62
N PRO A 120 -30.87 14.23 30.97
CA PRO A 120 -30.15 15.00 29.96
C PRO A 120 -28.92 14.23 29.48
N CYS A 121 -28.61 14.40 28.19
CA CYS A 121 -27.45 13.76 27.60
C CYS A 121 -26.85 14.71 26.57
N GLU A 122 -25.63 14.40 26.14
CA GLU A 122 -24.91 15.25 25.21
C GLU A 122 -24.18 14.40 24.19
N ALA A 123 -24.28 14.80 22.92
CA ALA A 123 -23.52 14.15 21.87
C ALA A 123 -22.04 14.49 22.01
N THR A 124 -21.22 13.79 21.24
CA THR A 124 -19.78 14.03 21.31
C THR A 124 -19.35 15.18 20.42
N ASP A 125 -19.62 15.07 19.13
CA ASP A 125 -19.32 16.15 18.21
C ASP A 125 -20.22 16.03 16.99
N MET A 126 -20.29 17.11 16.22
CA MET A 126 -21.15 17.19 15.05
C MET A 126 -20.31 17.76 13.91
N ILE A 127 -20.07 16.96 12.90
CA ILE A 127 -19.26 17.36 11.75
C ILE A 127 -20.12 17.28 10.50
N ILE A 128 -20.08 18.33 9.70
CA ILE A 128 -20.81 18.35 8.44
C ILE A 128 -19.90 17.76 7.37
N THR A 129 -20.47 16.92 6.51
CA THR A 129 -19.73 16.29 5.44
C THR A 129 -19.72 17.16 4.19
N SER A 130 -20.89 17.51 3.67
CA SER A 130 -20.95 18.33 2.48
C SER A 130 -22.31 19.03 2.42
N VAL A 131 -22.31 20.21 1.81
CA VAL A 131 -23.52 20.97 1.56
C VAL A 131 -23.73 21.04 0.07
N SER A 132 -24.88 20.57 -0.38
CA SER A 132 -25.19 20.47 -1.81
C SER A 132 -26.49 21.20 -2.11
N THR A 133 -26.56 21.80 -3.28
CA THR A 133 -27.74 22.53 -3.74
C THR A 133 -28.34 21.76 -4.90
N ASP A 134 -29.63 21.45 -4.81
CA ASP A 134 -30.35 20.78 -5.88
C ASP A 134 -30.90 21.85 -6.82
N GLU A 135 -30.03 22.36 -7.69
CA GLU A 135 -30.43 23.35 -8.66
C GLU A 135 -31.27 22.70 -9.75
N GLY A 136 -31.86 23.55 -10.59
CA GLY A 136 -32.74 23.08 -11.64
C GLY A 136 -34.15 22.79 -11.19
N LEU A 137 -34.48 23.03 -9.93
CA LEU A 137 -35.82 22.78 -9.43
C LEU A 137 -36.72 23.95 -9.81
N LEU A 138 -37.97 23.92 -9.35
CA LEU A 138 -38.91 24.98 -9.67
C LEU A 138 -38.34 26.32 -9.22
N ALA A 139 -38.33 27.28 -10.15
CA ALA A 139 -37.59 28.52 -9.92
C ALA A 139 -38.00 29.20 -8.62
N PRO A 140 -39.28 29.45 -8.34
CA PRO A 140 -39.65 30.09 -7.07
C PRO A 140 -39.31 29.27 -5.84
N TYR A 141 -39.08 27.97 -5.96
CA TYR A 141 -38.84 27.10 -4.82
C TYR A 141 -37.46 26.49 -4.94
N GLY A 142 -36.56 26.88 -4.02
CA GLY A 142 -35.20 26.39 -4.01
C GLY A 142 -35.00 25.26 -3.00
N LEU A 143 -33.76 24.76 -2.97
CA LEU A 143 -33.43 23.62 -2.13
C LEU A 143 -31.93 23.61 -1.90
N ALA A 144 -31.53 23.25 -0.68
CA ALA A 144 -30.11 23.11 -0.36
C ALA A 144 -29.96 21.93 0.58
N GLU A 145 -29.26 20.90 0.11
CA GLU A 145 -29.03 19.68 0.89
C GLU A 145 -27.75 19.87 1.70
N ILE A 146 -27.88 19.87 3.02
CA ILE A 146 -26.73 19.97 3.91
C ILE A 146 -26.68 18.69 4.74
N ASN A 147 -25.58 17.95 4.59
CA ASN A 147 -25.45 16.64 5.20
C ASN A 147 -24.56 16.72 6.42
N VAL A 148 -25.00 16.08 7.51
CA VAL A 148 -24.28 16.10 8.77
C VAL A 148 -24.24 14.67 9.32
N THR A 149 -23.15 14.33 9.99
CA THR A 149 -22.98 13.03 10.62
C THR A 149 -22.72 13.26 12.10
N VAL A 150 -23.78 13.20 12.90
CA VAL A 150 -23.66 13.43 14.33
C VAL A 150 -23.03 12.20 14.98
N ARG A 151 -21.97 12.41 15.75
CA ARG A 151 -21.25 11.34 16.41
C ARG A 151 -21.67 11.30 17.87
N TYR A 152 -22.37 10.23 18.26
CA TYR A 152 -22.90 10.11 19.60
C TYR A 152 -22.60 8.72 20.15
N GLN A 153 -22.46 8.66 21.47
CA GLN A 153 -22.09 7.44 22.17
C GLN A 153 -23.19 7.08 23.15
N PRO A 154 -23.75 5.87 23.11
CA PRO A 154 -24.92 5.56 23.91
C PRO A 154 -24.52 5.22 25.34
N PRO A 155 -25.49 4.99 26.22
CA PRO A 155 -25.16 4.53 27.56
C PRO A 155 -24.39 3.22 27.52
N ARG A 156 -23.37 3.12 28.37
CA ARG A 156 -22.48 1.97 28.34
C ARG A 156 -23.26 0.70 28.59
N ARG A 157 -23.05 -0.29 27.73
CA ARG A 157 -23.67 -1.61 27.88
C ARG A 157 -22.84 -2.59 27.06
N SER A 158 -23.40 -3.78 26.82
CA SER A 158 -22.72 -4.80 26.04
C SER A 158 -21.45 -5.25 26.74
N LEU A 159 -21.50 -5.30 28.08
CA LEU A 159 -20.33 -5.71 28.84
C LEU A 159 -19.91 -7.13 28.48
N ARG A 160 -20.88 -8.03 28.35
CA ARG A 160 -20.60 -9.43 28.07
C ARG A 160 -20.83 -9.74 26.60
N MET B 1 -21.38 30.58 7.33
CA MET B 1 -20.26 31.46 6.87
C MET B 1 -19.72 30.89 5.55
N ASP B 2 -20.61 30.31 4.75
CA ASP B 2 -20.20 29.62 3.54
C ASP B 2 -19.62 30.60 2.52
N HIS B 3 -20.35 31.66 2.22
CA HIS B 3 -19.97 32.59 1.17
C HIS B 3 -19.98 31.94 -0.20
N ARG B 4 -20.74 30.85 -0.36
CA ARG B 4 -20.79 30.18 -1.66
C ARG B 4 -21.32 31.12 -2.74
N THR B 5 -22.49 31.71 -2.50
CA THR B 5 -23.02 32.65 -3.48
C THR B 5 -22.18 33.91 -3.57
N SER B 6 -21.47 34.28 -2.50
CA SER B 6 -20.49 35.34 -2.62
C SER B 6 -19.41 34.96 -3.63
N ILE B 7 -18.98 33.69 -3.60
CA ILE B 7 -18.00 33.22 -4.58
C ILE B 7 -18.60 33.26 -5.98
N ALA B 8 -19.87 32.86 -6.12
CA ALA B 8 -20.50 32.92 -7.43
C ALA B 8 -20.53 34.34 -7.97
N GLN B 9 -20.88 35.30 -7.11
CA GLN B 9 -20.88 36.69 -7.53
C GLN B 9 -19.46 37.16 -7.86
N ALA B 10 -18.48 36.68 -7.10
CA ALA B 10 -17.09 37.00 -7.42
C ALA B 10 -16.77 36.53 -8.84
N MET B 11 -17.19 35.32 -9.19
CA MET B 11 -16.93 34.84 -10.54
C MET B 11 -17.65 35.69 -11.57
N VAL B 12 -18.93 35.98 -11.35
CA VAL B 12 -19.70 36.67 -12.37
C VAL B 12 -19.13 38.05 -12.63
N ASP B 13 -18.83 38.81 -11.57
CA ASP B 13 -18.29 40.15 -11.80
C ASP B 13 -16.83 40.12 -12.21
N ARG B 14 -16.07 39.09 -11.85
CA ARG B 14 -14.73 38.92 -12.39
C ARG B 14 -14.78 38.80 -13.90
N ILE B 15 -15.61 37.87 -14.40
CA ILE B 15 -15.76 37.71 -15.84
C ILE B 15 -16.25 39.00 -16.46
N SER B 16 -17.22 39.67 -15.84
CA SER B 16 -17.78 40.88 -16.40
C SER B 16 -16.72 41.96 -16.54
N LYS B 17 -16.02 42.27 -15.44
CA LYS B 17 -15.01 43.32 -15.49
C LYS B 17 -13.92 42.97 -16.49
N GLN B 18 -13.37 41.77 -16.41
CA GLN B 18 -12.42 41.34 -17.42
C GLN B 18 -13.17 41.00 -18.70
N MET B 19 -12.44 40.57 -19.72
CA MET B 19 -13.06 40.19 -20.99
C MET B 19 -13.95 41.31 -21.51
N ASP B 20 -13.41 42.53 -21.52
CA ASP B 20 -14.07 43.70 -22.07
C ASP B 20 -13.21 44.32 -23.15
N GLY B 21 -13.76 45.32 -23.83
CA GLY B 21 -13.04 45.96 -24.91
C GLY B 21 -11.77 46.67 -24.48
N SER B 22 -11.56 46.83 -23.17
CA SER B 22 -10.36 47.49 -22.69
C SER B 22 -9.11 46.71 -23.08
N GLN B 23 -9.17 45.37 -23.04
CA GLN B 23 -8.00 44.52 -23.28
C GLN B 23 -8.35 43.50 -24.36
N PRO B 24 -8.41 43.93 -25.61
CA PRO B 24 -8.76 43.00 -26.69
C PRO B 24 -7.58 42.18 -27.16
N ASP B 25 -6.38 42.77 -27.07
CA ASP B 25 -5.18 42.05 -27.48
C ASP B 25 -4.92 40.82 -26.63
N GLU B 26 -5.51 40.75 -25.43
CA GLU B 26 -5.31 39.64 -24.52
C GLU B 26 -6.42 38.61 -24.56
N TYR B 27 -7.68 39.04 -24.59
CA TYR B 27 -8.81 38.14 -24.68
C TYR B 27 -9.56 38.38 -25.99
N PHE B 28 -10.16 37.31 -26.50
CA PHE B 28 -10.83 37.34 -27.80
C PHE B 28 -12.17 38.09 -27.74
N ASN B 29 -13.11 37.57 -26.97
CA ASN B 29 -14.51 37.99 -27.10
C ASN B 29 -14.87 39.09 -26.12
N ASN B 30 -15.92 39.82 -26.47
CA ASN B 30 -16.52 40.84 -25.62
C ASN B 30 -17.94 40.41 -25.31
N LEU B 31 -18.35 40.61 -24.05
CA LEU B 31 -19.67 40.19 -23.61
C LEU B 31 -20.59 41.35 -23.28
N TYR B 32 -20.08 42.57 -23.16
CA TYR B 32 -20.90 43.73 -22.85
C TYR B 32 -21.71 43.51 -21.58
N GLY B 33 -21.13 42.77 -20.64
CA GLY B 33 -21.84 42.44 -19.41
C GLY B 33 -22.90 41.38 -19.56
N ASN B 34 -22.73 40.45 -20.51
CA ASN B 34 -23.71 39.38 -20.71
C ASN B 34 -23.21 38.10 -20.02
N VAL B 35 -23.36 38.11 -18.70
CA VAL B 35 -22.95 36.99 -17.86
C VAL B 35 -23.72 37.05 -16.55
N SER B 36 -24.12 35.88 -16.06
CA SER B 36 -24.92 35.81 -14.85
C SER B 36 -24.79 34.43 -14.24
N ARG B 37 -24.79 34.38 -12.90
CA ARG B 37 -24.78 33.11 -12.20
C ARG B 37 -26.14 32.41 -12.26
N GLN B 38 -27.20 33.16 -12.52
CA GLN B 38 -28.53 32.57 -12.60
C GLN B 38 -28.61 31.69 -13.83
N THR B 39 -28.99 30.42 -13.64
CA THR B 39 -29.21 29.53 -14.77
C THR B 39 -30.61 29.75 -15.33
N TYR B 40 -30.72 29.66 -16.65
CA TYR B 40 -31.99 29.74 -17.34
C TYR B 40 -32.13 28.59 -18.32
N LYS B 41 -33.37 28.35 -18.74
CA LYS B 41 -33.62 27.39 -19.79
C LYS B 41 -32.84 27.77 -21.04
N PHE B 42 -32.33 26.76 -21.75
CA PHE B 42 -31.51 27.03 -22.92
C PHE B 42 -32.29 27.82 -23.97
N GLU B 43 -33.55 27.45 -24.21
CA GLU B 43 -34.37 28.19 -25.16
C GLU B 43 -34.59 29.63 -24.72
N GLU B 44 -34.41 29.93 -23.43
CA GLU B 44 -34.77 31.24 -22.90
C GLU B 44 -33.70 32.29 -23.15
N ILE B 45 -32.48 31.90 -23.49
CA ILE B 45 -31.41 32.88 -23.67
C ILE B 45 -31.81 33.89 -24.73
N ARG B 46 -31.45 35.15 -24.50
CA ARG B 46 -31.82 36.23 -25.42
C ARG B 46 -30.80 36.38 -26.54
N GLU B 47 -29.52 36.53 -26.19
CA GLU B 47 -28.47 36.78 -27.16
C GLU B 47 -27.26 35.94 -26.82
N PHE B 48 -26.40 35.72 -27.82
CA PHE B 48 -25.19 34.94 -27.64
C PHE B 48 -23.95 35.72 -28.07
N PRO B 49 -22.77 35.41 -27.52
CA PRO B 49 -22.49 34.33 -26.56
C PRO B 49 -22.93 34.69 -25.15
N TYR B 50 -23.26 33.69 -24.35
CA TYR B 50 -23.69 33.87 -22.98
C TYR B 50 -23.08 32.79 -22.12
N VAL B 51 -22.68 33.16 -20.91
CA VAL B 51 -21.99 32.25 -19.99
C VAL B 51 -22.79 32.20 -18.68
N ALA B 52 -22.95 31.00 -18.16
CA ALA B 52 -23.69 30.78 -16.92
C ALA B 52 -22.82 30.01 -15.93
N VAL B 53 -23.08 30.23 -14.65
CA VAL B 53 -22.29 29.65 -13.57
C VAL B 53 -23.22 28.84 -12.69
N HIS B 54 -22.81 27.60 -12.38
CA HIS B 54 -23.54 26.74 -11.47
C HIS B 54 -22.75 26.59 -10.18
N ILE B 55 -23.46 26.55 -9.05
CA ILE B 55 -22.86 26.31 -7.75
C ILE B 55 -23.03 24.84 -7.44
N GLY B 56 -21.94 24.09 -7.50
CA GLY B 56 -21.95 22.66 -7.29
C GLY B 56 -21.87 22.30 -5.82
N THR B 57 -21.53 21.05 -5.58
CA THR B 57 -21.36 20.57 -4.21
C THR B 57 -20.13 21.24 -3.58
N GLU B 58 -20.13 21.27 -2.26
CA GLU B 58 -19.07 21.93 -1.49
C GLU B 58 -18.65 20.99 -0.35
N THR B 59 -17.64 20.19 -0.60
CA THR B 59 -17.09 19.32 0.42
C THR B 59 -16.31 20.14 1.44
N GLY B 60 -16.02 19.53 2.58
CA GLY B 60 -15.26 20.20 3.61
C GLY B 60 -14.48 19.27 4.51
N GLN B 61 -13.25 19.67 4.86
CA GLN B 61 -12.46 18.98 5.85
C GLN B 61 -12.06 19.98 6.93
N TYR B 62 -12.13 19.56 8.18
CA TYR B 62 -11.76 20.40 9.31
C TYR B 62 -10.27 20.26 9.60
N LEU B 63 -9.75 21.22 10.34
CA LEU B 63 -8.37 21.21 10.78
C LEU B 63 -8.31 21.54 12.26
N PRO B 64 -7.22 21.19 12.93
CA PRO B 64 -7.23 21.25 14.41
C PRO B 64 -7.59 22.61 14.98
N SER B 65 -7.08 23.71 14.40
CA SER B 65 -7.24 25.02 15.00
C SER B 65 -8.49 25.74 14.51
N GLY B 66 -9.49 25.00 14.04
CA GLY B 66 -10.68 25.61 13.48
C GLY B 66 -10.58 25.91 12.00
N GLN B 67 -9.39 25.83 11.42
CA GLN B 67 -9.26 26.01 9.98
C GLN B 67 -10.14 25.02 9.25
N GLN B 68 -10.84 25.50 8.23
CA GLN B 68 -11.70 24.67 7.41
C GLN B 68 -11.18 24.68 5.99
N TRP B 69 -11.21 23.52 5.34
CA TRP B 69 -10.82 23.39 3.94
C TRP B 69 -12.06 23.04 3.14
N MET B 70 -12.68 24.06 2.54
CA MET B 70 -13.84 23.88 1.69
C MET B 70 -13.38 23.86 0.25
N PHE B 71 -13.67 22.76 -0.46
CA PHE B 71 -13.37 22.65 -1.88
C PHE B 71 -14.67 22.85 -2.64
N LEU B 72 -15.06 24.11 -2.83
CA LEU B 72 -16.27 24.45 -3.55
C LEU B 72 -16.05 24.24 -5.04
N GLU B 73 -17.08 23.74 -5.72
CA GLU B 73 -17.01 23.40 -7.13
C GLU B 73 -17.97 24.28 -7.91
N LEU B 74 -17.45 24.97 -8.93
CA LEU B 74 -18.25 25.86 -9.79
C LEU B 74 -18.19 25.39 -11.22
N PRO B 75 -19.17 24.61 -11.67
CA PRO B 75 -19.29 24.38 -13.11
C PRO B 75 -19.56 25.69 -13.84
N ILE B 76 -18.94 25.83 -15.00
CA ILE B 76 -19.13 26.99 -15.87
C ILE B 76 -19.63 26.49 -17.21
N LEU B 77 -20.73 27.06 -17.69
CA LEU B 77 -21.30 26.68 -18.97
C LEU B 77 -21.32 27.90 -19.88
N VAL B 78 -21.12 27.67 -21.17
CA VAL B 78 -21.14 28.73 -22.18
C VAL B 78 -22.02 28.28 -23.33
N TYR B 79 -22.81 29.21 -23.86
CA TYR B 79 -23.68 28.94 -25.00
C TYR B 79 -23.41 29.95 -26.09
N ASP B 80 -23.39 29.47 -27.33
CA ASP B 80 -23.15 30.35 -28.47
C ASP B 80 -23.82 29.75 -29.71
N LYS B 81 -24.09 30.62 -30.67
CA LYS B 81 -24.74 30.25 -31.92
C LYS B 81 -23.71 30.16 -33.04
N GLU B 82 -23.91 29.23 -33.97
CA GLU B 82 -22.96 29.02 -35.06
C GLU B 82 -23.13 30.15 -36.08
N LYS B 83 -22.50 31.28 -35.79
CA LYS B 83 -22.51 32.40 -36.72
C LYS B 83 -21.41 32.28 -37.76
N THR B 84 -20.22 31.85 -37.35
CA THR B 84 -19.14 31.52 -38.27
C THR B 84 -18.76 30.05 -38.17
N ASP B 85 -18.49 29.56 -36.97
CA ASP B 85 -18.27 28.14 -36.74
C ASP B 85 -18.36 27.83 -35.25
N ILE B 86 -19.16 26.83 -34.89
CA ILE B 86 -19.35 26.51 -33.49
C ILE B 86 -18.00 26.23 -32.82
N GLN B 87 -17.20 25.37 -33.43
CA GLN B 87 -15.97 24.93 -32.79
C GLN B 87 -15.03 26.10 -32.51
N GLU B 88 -14.83 26.97 -33.49
CA GLU B 88 -13.81 28.01 -33.35
C GLU B 88 -14.23 29.04 -32.31
N GLN B 89 -15.46 29.53 -32.39
CA GLN B 89 -15.89 30.54 -31.43
C GLN B 89 -16.00 29.95 -30.02
N LEU B 90 -16.44 28.70 -29.92
CA LEU B 90 -16.46 28.03 -28.62
C LEU B 90 -15.05 27.89 -28.07
N GLU B 91 -14.08 27.57 -28.93
CA GLU B 91 -12.69 27.49 -28.51
C GLU B 91 -12.20 28.83 -27.99
N LYS B 92 -12.51 29.90 -28.72
CA LYS B 92 -12.08 31.21 -28.27
C LYS B 92 -12.71 31.54 -26.93
N LEU B 93 -13.99 31.24 -26.75
CA LEU B 93 -14.66 31.50 -25.49
C LEU B 93 -13.99 30.75 -24.35
N VAL B 94 -13.73 29.46 -24.54
CA VAL B 94 -13.17 28.67 -23.45
C VAL B 94 -11.74 29.14 -23.15
N ALA B 95 -10.99 29.51 -24.19
CA ALA B 95 -9.64 29.98 -23.95
C ALA B 95 -9.64 31.29 -23.18
N ASP B 96 -10.55 32.19 -23.51
CA ASP B 96 -10.67 33.43 -22.75
C ASP B 96 -11.05 33.15 -21.31
N ILE B 97 -11.99 32.23 -21.11
CA ILE B 97 -12.41 31.88 -19.75
C ILE B 97 -11.23 31.34 -18.97
N LYS B 98 -10.44 30.46 -19.58
CA LYS B 98 -9.27 29.92 -18.90
C LYS B 98 -8.27 31.01 -18.57
N THR B 99 -8.04 31.93 -19.52
CA THR B 99 -7.09 33.01 -19.28
C THR B 99 -7.52 33.87 -18.09
N VAL B 100 -8.80 34.23 -18.05
CA VAL B 100 -9.27 35.04 -16.92
C VAL B 100 -9.22 34.24 -15.63
N ILE B 101 -9.42 32.92 -15.70
CA ILE B 101 -9.34 32.10 -14.49
C ILE B 101 -7.92 32.10 -13.96
N ASP B 102 -6.93 31.97 -14.83
CA ASP B 102 -5.54 31.84 -14.38
C ASP B 102 -4.88 33.20 -14.18
N THR B 103 -4.80 34.00 -15.24
CA THR B 103 -4.10 35.27 -15.15
C THR B 103 -4.75 36.18 -14.13
N GLY B 104 -3.92 36.95 -13.43
CA GLY B 104 -4.41 37.92 -12.48
C GLY B 104 -4.41 37.41 -11.06
N GLY B 105 -4.82 38.29 -10.16
CA GLY B 105 -4.88 37.94 -8.76
C GLY B 105 -5.99 36.94 -8.47
N ASN B 106 -5.98 36.44 -7.25
CA ASN B 106 -6.96 35.45 -6.85
C ASN B 106 -8.35 36.08 -6.78
N LEU B 107 -9.34 35.25 -6.44
CA LEU B 107 -10.69 35.78 -6.27
C LEU B 107 -10.73 36.82 -5.16
N GLU B 108 -11.58 37.82 -5.34
CA GLU B 108 -11.86 38.81 -4.31
C GLU B 108 -13.37 38.76 -4.08
N TYR B 109 -13.79 37.85 -3.21
CA TYR B 109 -15.22 37.61 -2.96
C TYR B 109 -15.64 38.31 -1.69
N THR B 110 -16.70 39.11 -1.79
CA THR B 110 -17.17 39.89 -0.66
C THR B 110 -17.83 38.99 0.37
N VAL B 111 -17.50 39.22 1.64
CA VAL B 111 -18.11 38.52 2.75
C VAL B 111 -19.11 39.47 3.40
N SER B 112 -20.37 39.04 3.48
CA SER B 112 -21.43 39.85 4.06
C SER B 112 -21.76 39.33 5.45
N LYS B 113 -21.83 40.23 6.41
CA LYS B 113 -22.06 39.90 7.80
C LYS B 113 -23.47 40.31 8.23
N PRO B 114 -24.01 39.70 9.28
CA PRO B 114 -25.38 40.05 9.68
C PRO B 114 -25.53 41.52 10.02
N ASN B 115 -24.54 42.12 10.66
CA ASN B 115 -24.57 43.54 11.00
C ASN B 115 -23.88 44.37 9.92
N GLY B 116 -24.27 44.16 8.67
CA GLY B 116 -23.73 44.92 7.56
C GLY B 116 -22.23 45.10 7.59
N SER B 117 -21.52 44.14 8.19
CA SER B 117 -20.05 44.23 8.30
C SER B 117 -19.41 43.52 7.12
N THR B 118 -19.46 44.18 5.97
CA THR B 118 -18.96 43.62 4.72
C THR B 118 -17.49 44.02 4.56
N PHE B 119 -16.61 43.02 4.53
CA PHE B 119 -15.21 43.23 4.20
C PHE B 119 -14.74 42.14 3.27
N PRO B 120 -13.69 42.41 2.47
CA PRO B 120 -13.31 41.47 1.41
C PRO B 120 -12.52 40.29 1.91
N CYS B 121 -12.56 39.21 1.13
CA CYS B 121 -11.78 38.02 1.40
C CYS B 121 -11.43 37.35 0.07
N GLU B 122 -10.49 36.42 0.14
CA GLU B 122 -9.89 35.83 -1.05
C GLU B 122 -9.70 34.33 -0.86
N ALA B 123 -9.80 33.59 -1.96
CA ALA B 123 -9.53 32.17 -1.96
C ALA B 123 -8.03 31.93 -1.97
N THR B 124 -7.62 30.70 -2.23
CA THR B 124 -6.22 30.36 -2.36
C THR B 124 -5.92 29.66 -3.67
N ASP B 125 -6.83 28.83 -4.16
CA ASP B 125 -6.59 27.95 -5.30
C ASP B 125 -7.65 28.16 -6.36
N MET B 126 -7.24 27.95 -7.62
CA MET B 126 -8.14 27.97 -8.75
C MET B 126 -7.54 27.06 -9.83
N ILE B 127 -8.11 25.88 -9.98
CA ILE B 127 -7.63 24.91 -10.97
C ILE B 127 -8.80 24.45 -11.81
N ILE B 128 -8.64 24.52 -13.13
CA ILE B 128 -9.65 24.04 -14.07
C ILE B 128 -9.33 22.57 -14.31
N THR B 129 -9.96 21.69 -13.53
CA THR B 129 -9.57 20.29 -13.54
C THR B 129 -9.81 19.65 -14.91
N SER B 130 -10.94 19.96 -15.55
CA SER B 130 -11.28 19.30 -16.79
C SER B 130 -12.18 20.21 -17.61
N VAL B 131 -11.95 20.22 -18.92
CA VAL B 131 -12.75 20.99 -19.87
C VAL B 131 -13.37 20.03 -20.86
N SER B 132 -14.67 20.14 -21.08
CA SER B 132 -15.37 19.29 -22.02
C SER B 132 -16.49 20.09 -22.66
N THR B 133 -16.93 19.62 -23.83
CA THR B 133 -18.00 20.25 -24.57
C THR B 133 -18.99 19.21 -25.06
N ASP B 134 -20.23 19.64 -25.25
CA ASP B 134 -21.30 18.77 -25.71
C ASP B 134 -21.34 18.79 -27.23
N GLU B 135 -21.63 17.64 -27.82
CA GLU B 135 -21.66 17.47 -29.27
C GLU B 135 -22.93 16.74 -29.67
N GLY B 136 -23.37 17.00 -30.90
CA GLY B 136 -24.57 16.41 -31.42
C GLY B 136 -25.84 17.21 -31.18
N LEU B 137 -25.76 18.27 -30.38
CA LEU B 137 -26.91 19.15 -30.19
C LEU B 137 -27.19 19.89 -31.48
N LEU B 138 -28.23 20.72 -31.48
CA LEU B 138 -28.52 21.53 -32.65
C LEU B 138 -27.25 22.20 -33.13
N ALA B 139 -26.88 21.93 -34.39
CA ALA B 139 -25.64 22.46 -34.93
C ALA B 139 -25.48 23.94 -34.68
N PRO B 140 -26.49 24.79 -34.84
CA PRO B 140 -26.31 26.20 -34.46
C PRO B 140 -25.92 26.37 -33.01
N TYR B 141 -26.41 25.52 -32.12
CA TYR B 141 -26.16 25.68 -30.70
C TYR B 141 -24.89 24.94 -30.28
N GLY B 142 -24.22 25.49 -29.27
CA GLY B 142 -23.01 24.89 -28.74
C GLY B 142 -22.95 25.02 -27.24
N LEU B 143 -22.18 24.12 -26.62
CA LEU B 143 -22.11 24.06 -25.17
C LEU B 143 -20.75 23.54 -24.74
N ALA B 144 -20.10 24.25 -23.83
CA ALA B 144 -18.84 23.83 -23.24
C ALA B 144 -18.89 24.05 -21.75
N GLU B 145 -18.48 23.03 -20.98
CA GLU B 145 -18.53 23.06 -19.53
C GLU B 145 -17.13 23.08 -18.96
N ILE B 146 -16.90 23.93 -17.97
CA ILE B 146 -15.62 24.06 -17.31
C ILE B 146 -15.80 23.72 -15.83
N ASN B 147 -14.95 22.84 -15.32
CA ASN B 147 -15.03 22.39 -13.93
C ASN B 147 -13.93 23.09 -13.14
N VAL B 148 -14.32 24.09 -12.35
CA VAL B 148 -13.40 24.88 -11.54
C VAL B 148 -13.64 24.52 -10.08
N THR B 149 -12.61 23.99 -9.43
CA THR B 149 -12.69 23.65 -8.00
C THR B 149 -12.02 24.77 -7.21
N VAL B 150 -12.78 25.84 -7.00
CA VAL B 150 -12.29 26.93 -6.17
C VAL B 150 -12.14 26.43 -4.75
N ARG B 151 -10.91 26.37 -4.27
CA ARG B 151 -10.60 25.93 -2.91
C ARG B 151 -10.34 27.18 -2.08
N TYR B 152 -11.13 27.38 -1.04
CA TYR B 152 -11.06 28.59 -0.24
C TYR B 152 -11.12 28.23 1.23
N GLN B 153 -10.34 28.97 2.03
CA GLN B 153 -10.32 28.79 3.48
C GLN B 153 -11.17 29.89 4.08
N PRO B 154 -12.33 29.58 4.66
CA PRO B 154 -13.20 30.63 5.16
C PRO B 154 -12.54 31.39 6.29
N PRO B 155 -12.88 32.66 6.48
CA PRO B 155 -12.27 33.43 7.58
C PRO B 155 -12.76 32.96 8.94
N ARG B 156 -12.52 31.67 9.23
CA ARG B 156 -13.10 31.05 10.42
C ARG B 156 -12.78 31.82 11.69
N ARG B 157 -11.63 32.49 11.74
CA ARG B 157 -11.24 33.16 12.96
C ARG B 157 -12.28 34.15 13.44
N SER B 158 -13.10 34.68 12.53
CA SER B 158 -14.17 35.58 12.94
C SER B 158 -15.22 34.86 13.78
N LEU B 159 -15.70 33.72 13.29
CA LEU B 159 -16.75 32.97 13.97
C LEU B 159 -17.91 33.87 14.40
N MET C 1 -15.63 -24.62 26.67
CA MET C 1 -14.86 -24.16 25.48
C MET C 1 -15.40 -22.82 24.97
N SER C 2 -14.51 -21.86 24.76
CA SER C 2 -14.90 -20.57 24.24
C SER C 2 -13.66 -19.87 23.68
N LEU C 3 -13.89 -18.76 22.99
CA LEU C 3 -12.83 -17.90 22.49
C LEU C 3 -12.91 -16.55 23.16
N GLN C 4 -11.77 -15.88 23.25
CA GLN C 4 -11.71 -14.55 23.85
C GLN C 4 -11.61 -13.51 22.75
N LEU C 5 -12.50 -12.53 22.82
CA LEU C 5 -12.57 -11.46 21.83
C LEU C 5 -12.05 -10.17 22.44
N LEU C 6 -11.22 -9.44 21.69
CA LEU C 6 -10.68 -8.19 22.20
C LEU C 6 -11.78 -7.23 22.59
N ARG C 7 -12.95 -7.34 21.99
CA ARG C 7 -14.06 -6.45 22.35
C ARG C 7 -14.48 -6.64 23.79
N ASN C 8 -14.09 -7.73 24.43
CA ASN C 8 -14.50 -8.06 25.79
C ASN C 8 -13.34 -7.96 26.78
N THR C 9 -12.48 -6.97 26.60
CA THR C 9 -11.34 -6.76 27.48
C THR C 9 -11.51 -5.48 28.25
N ARG C 10 -11.33 -5.56 29.57
CA ARG C 10 -11.41 -4.41 30.45
C ARG C 10 -10.08 -4.30 31.17
N ILE C 11 -9.51 -3.10 31.19
CA ILE C 11 -8.19 -2.86 31.77
C ILE C 11 -8.39 -2.12 33.09
N PHE C 12 -7.89 -2.71 34.17
CA PHE C 12 -7.96 -2.10 35.49
C PHE C 12 -6.57 -1.68 35.93
N VAL C 13 -6.53 -0.75 36.88
CA VAL C 13 -5.29 -0.25 37.45
C VAL C 13 -5.47 -0.18 38.96
N SER C 14 -4.55 -0.79 39.69
CA SER C 14 -4.62 -0.78 41.14
C SER C 14 -3.22 -0.55 41.69
N THR C 15 -3.14 0.22 42.77
CA THR C 15 -1.86 0.50 43.40
C THR C 15 -1.42 -0.59 44.36
N VAL C 16 -2.30 -1.54 44.68
CA VAL C 16 -1.99 -2.64 45.58
C VAL C 16 -2.45 -3.93 44.94
N LYS C 17 -2.25 -5.03 45.67
CA LYS C 17 -2.62 -6.35 45.19
C LYS C 17 -3.73 -6.99 46.00
N THR C 18 -4.15 -6.38 47.11
CA THR C 18 -5.15 -6.97 47.98
C THR C 18 -6.00 -5.86 48.58
N GLY C 19 -7.16 -6.25 49.10
CA GLY C 19 -8.09 -5.27 49.65
C GLY C 19 -8.53 -4.26 48.62
N HIS C 20 -8.84 -4.71 47.41
CA HIS C 20 -9.18 -3.80 46.33
C HIS C 20 -10.47 -3.06 46.63
N ASN C 21 -10.45 -1.75 46.44
CA ASN C 21 -11.62 -0.92 46.67
C ASN C 21 -11.69 0.11 45.55
N LYS C 22 -12.78 0.87 45.53
CA LYS C 22 -12.95 1.89 44.51
C LYS C 22 -11.87 2.96 44.56
N THR C 23 -11.18 3.09 45.69
CA THR C 23 -10.14 4.10 45.83
C THR C 23 -8.76 3.56 45.44
N ASN C 24 -8.41 2.37 45.90
CA ASN C 24 -7.11 1.80 45.58
C ASN C 24 -7.07 1.07 44.24
N THR C 25 -8.21 0.94 43.57
CA THR C 25 -8.29 0.29 42.29
C THR C 25 -9.25 1.06 41.41
N GLN C 26 -9.09 0.93 40.09
CA GLN C 26 -9.97 1.66 39.19
C GLN C 26 -9.90 1.06 37.79
N GLU C 27 -10.97 1.30 37.03
CA GLU C 27 -11.04 0.85 35.65
C GLU C 27 -10.80 2.03 34.72
N ILE C 28 -10.12 1.77 33.61
CA ILE C 28 -9.83 2.78 32.60
C ILE C 28 -10.29 2.26 31.25
N LEU C 29 -11.16 3.02 30.60
CA LEU C 29 -11.64 2.66 29.28
C LEU C 29 -10.51 2.80 28.28
N VAL C 30 -10.26 1.74 27.51
CA VAL C 30 -9.15 1.73 26.57
C VAL C 30 -9.71 1.81 25.16
N GLN C 31 -8.81 1.80 24.19
CA GLN C 31 -9.15 1.83 22.78
C GLN C 31 -8.58 0.60 22.08
N ASP C 32 -8.90 0.45 20.80
CA ASP C 32 -8.53 -0.74 20.06
C ASP C 32 -7.02 -0.90 19.95
N ASP C 33 -6.26 0.16 20.22
CA ASP C 33 -4.80 0.08 20.19
C ASP C 33 -4.27 -0.40 21.55
N ILE C 34 -4.71 -1.59 21.94
CA ILE C 34 -4.31 -2.22 23.19
C ILE C 34 -3.42 -3.40 22.85
N SER C 35 -2.28 -3.49 23.52
CA SER C 35 -1.34 -4.57 23.27
C SER C 35 -0.46 -4.77 24.49
N TRP C 36 -0.16 -6.02 24.79
CA TRP C 36 0.69 -6.36 25.92
C TRP C 36 1.31 -7.72 25.66
N GLY C 37 2.32 -8.05 26.44
CA GLY C 37 3.01 -9.31 26.29
C GLY C 37 4.30 -9.31 27.08
N GLN C 38 5.05 -10.41 26.93
CA GLN C 38 6.30 -10.56 27.66
C GLN C 38 7.18 -11.54 26.88
N ASP C 39 8.12 -11.01 26.12
CA ASP C 39 9.03 -11.84 25.35
C ASP C 39 10.20 -12.28 26.21
N SER C 40 10.98 -13.22 25.68
CA SER C 40 12.05 -13.86 26.44
C SER C 40 13.34 -13.85 25.63
N ASN C 41 14.46 -13.76 26.34
CA ASN C 41 15.77 -13.91 25.72
C ASN C 41 16.11 -15.39 25.57
N SER C 42 17.11 -15.66 24.73
CA SER C 42 17.50 -17.03 24.47
C SER C 42 18.91 -17.06 23.92
N THR C 43 19.69 -18.05 24.35
CA THR C 43 21.06 -18.24 23.90
C THR C 43 21.21 -19.63 23.31
N ASP C 44 21.90 -19.71 22.18
CA ASP C 44 22.14 -20.96 21.48
C ASP C 44 23.63 -21.22 21.46
N ILE C 45 24.04 -22.40 21.96
CA ILE C 45 25.44 -22.79 21.99
C ILE C 45 25.66 -23.84 20.91
N THR C 46 26.68 -23.62 20.07
CA THR C 46 27.04 -24.55 19.02
C THR C 46 28.55 -24.70 19.01
N VAL C 47 29.03 -25.68 18.24
CA VAL C 47 30.44 -26.04 18.26
C VAL C 47 30.98 -26.01 16.84
N ASN C 48 32.29 -25.76 16.73
CA ASN C 48 32.97 -25.68 15.45
C ASN C 48 34.31 -26.38 15.59
N GLU C 49 34.46 -27.53 14.94
CA GLU C 49 35.70 -28.29 14.98
C GLU C 49 36.06 -28.72 13.57
N ALA C 50 37.35 -28.95 13.35
CA ALA C 50 37.87 -29.24 12.03
C ALA C 50 37.84 -30.72 11.67
N GLY C 51 37.48 -31.60 12.61
CA GLY C 51 37.52 -33.02 12.35
C GLY C 51 36.58 -33.43 11.24
N PRO C 52 36.96 -34.43 10.45
CA PRO C 52 36.04 -34.92 9.41
C PRO C 52 34.75 -35.41 10.05
N ARG C 53 33.66 -35.24 9.32
CA ARG C 53 32.36 -35.55 9.89
C ARG C 53 32.14 -34.69 11.14
N PRO C 54 31.94 -33.39 10.98
CA PRO C 54 31.84 -32.50 12.13
C PRO C 54 30.61 -32.78 12.99
N THR C 55 30.42 -31.98 14.02
CA THR C 55 29.30 -32.13 14.96
C THR C 55 28.30 -31.03 14.66
N ARG C 56 27.41 -31.29 13.70
CA ARG C 56 26.36 -30.34 13.35
C ARG C 56 25.22 -30.50 14.35
N GLY C 57 25.06 -29.52 15.22
CA GLY C 57 23.99 -29.55 16.19
C GLY C 57 24.08 -28.35 17.10
N SER C 58 23.01 -28.13 17.85
CA SER C 58 22.97 -27.01 18.77
C SER C 58 21.93 -27.31 19.84
N LYS C 59 21.99 -26.53 20.92
CA LYS C 59 21.04 -26.66 22.01
C LYS C 59 20.65 -25.26 22.47
N ARG C 60 19.39 -25.08 22.84
CA ARG C 60 18.89 -23.76 23.22
C ARG C 60 18.62 -23.73 24.72
N PHE C 61 19.03 -22.64 25.36
CA PHE C 61 18.84 -22.43 26.78
C PHE C 61 18.04 -21.15 27.01
N ASN C 62 17.00 -21.24 27.84
CA ASN C 62 16.25 -20.08 28.26
C ASN C 62 16.99 -19.41 29.41
N ASP C 63 17.48 -18.20 29.17
CA ASP C 63 18.39 -17.53 30.09
C ASP C 63 17.67 -16.61 31.07
N SER C 64 16.79 -15.75 30.57
CA SER C 64 16.14 -14.74 31.39
C SER C 64 14.77 -14.46 30.80
N LEU C 65 14.19 -13.32 31.15
CA LEU C 65 12.88 -12.96 30.64
C LEU C 65 12.77 -11.44 30.61
N ASN C 66 12.63 -10.87 29.42
CA ASN C 66 12.54 -9.41 29.30
C ASN C 66 11.31 -8.90 30.06
N ALA C 67 11.46 -7.72 30.65
CA ALA C 67 10.35 -7.12 31.36
C ALA C 67 9.16 -6.94 30.43
N ALA C 68 7.97 -7.21 30.93
CA ALA C 68 6.78 -7.12 30.11
C ALA C 68 6.66 -5.74 29.49
N GLU C 69 5.81 -5.64 28.48
CA GLU C 69 5.50 -4.38 27.82
C GLU C 69 3.99 -4.26 27.70
N TRP C 70 3.53 -3.05 27.40
CA TRP C 70 2.10 -2.82 27.31
C TRP C 70 1.84 -1.40 26.85
N SER C 71 0.68 -1.19 26.25
CA SER C 71 0.30 0.15 25.82
C SER C 71 -1.16 0.20 25.42
N PHE C 72 -1.90 1.18 25.93
CA PHE C 72 -3.28 1.40 25.56
C PHE C 72 -3.53 2.88 25.45
N SER C 73 -4.63 3.24 24.78
CA SER C 73 -5.02 4.63 24.57
C SER C 73 -6.36 4.90 25.23
N THR C 74 -6.41 5.95 26.04
CA THR C 74 -7.62 6.35 26.74
C THR C 74 -7.91 7.81 26.45
N TYR C 75 -9.18 8.11 26.22
CA TYR C 75 -9.56 9.49 25.92
C TYR C 75 -9.49 10.35 27.18
N ILE C 76 -8.97 11.56 27.03
CA ILE C 76 -8.93 12.51 28.14
C ILE C 76 -10.35 12.99 28.40
N LEU C 77 -10.84 12.77 29.62
CA LEU C 77 -12.25 12.98 29.97
C LEU C 77 -12.36 13.67 31.32
N PRO C 78 -12.17 14.99 31.37
CA PRO C 78 -12.44 15.71 32.62
C PRO C 78 -13.94 15.71 32.93
N TYR C 79 -14.27 15.56 34.21
CA TYR C 79 -15.65 15.65 34.65
C TYR C 79 -15.68 15.89 36.15
N LYS C 80 -16.80 16.42 36.62
CA LYS C 80 -16.99 16.69 38.05
C LYS C 80 -17.54 15.43 38.71
N ASP C 81 -16.98 15.09 39.87
CA ASP C 81 -17.41 13.93 40.63
C ASP C 81 -18.40 14.36 41.69
N LYS C 82 -19.60 13.79 41.67
CA LYS C 82 -20.63 14.18 42.63
C LYS C 82 -20.18 13.96 44.06
N ASN C 83 -19.39 12.93 44.32
CA ASN C 83 -18.98 12.65 45.70
C ASN C 83 -18.16 13.80 46.28
N THR C 84 -17.24 14.36 45.50
CA THR C 84 -16.36 15.41 45.97
C THR C 84 -16.60 16.75 45.28
N SER C 85 -17.44 16.80 44.25
CA SER C 85 -17.73 18.04 43.54
C SER C 85 -16.44 18.71 43.08
N LYS C 86 -15.51 17.91 42.58
CA LYS C 86 -14.25 18.42 42.07
C LYS C 86 -13.93 17.75 40.73
N GLN C 87 -13.29 18.50 39.85
CA GLN C 87 -12.95 17.97 38.55
C GLN C 87 -11.94 16.84 38.69
N ILE C 88 -12.13 15.78 37.90
CA ILE C 88 -11.26 14.63 37.90
C ILE C 88 -11.32 14.01 36.50
N VAL C 89 -10.44 13.05 36.26
CA VAL C 89 -10.47 12.29 35.00
C VAL C 89 -10.52 10.82 35.37
N PRO C 90 -11.07 9.95 34.51
CA PRO C 90 -11.17 8.54 34.89
C PRO C 90 -9.82 7.92 35.20
N ASP C 91 -8.79 8.23 34.42
CA ASP C 91 -7.48 7.59 34.57
C ASP C 91 -6.54 8.44 35.40
N TYR C 92 -7.01 8.89 36.57
CA TYR C 92 -6.17 9.77 37.37
C TYR C 92 -5.07 8.99 38.08
N MET C 93 -5.30 7.70 38.36
CA MET C 93 -4.22 6.89 38.88
C MET C 93 -3.05 6.87 37.92
N LEU C 94 -3.33 6.77 36.62
CA LEU C 94 -2.26 6.75 35.62
C LEU C 94 -1.47 8.04 35.62
N TRP C 95 -2.17 9.17 35.65
CA TRP C 95 -1.46 10.45 35.69
C TRP C 95 -0.60 10.54 36.94
N HIS C 96 -1.13 10.10 38.08
CA HIS C 96 -0.33 10.13 39.29
C HIS C 96 0.90 9.29 39.15
N ALA C 97 0.76 8.08 38.58
CA ALA C 97 1.91 7.20 38.43
C ALA C 97 2.96 7.82 37.52
N LEU C 98 2.51 8.44 36.42
CA LEU C 98 3.46 9.10 35.53
C LEU C 98 4.15 10.27 36.22
N SER C 99 3.45 10.92 37.14
CA SER C 99 3.98 12.15 37.71
C SER C 99 4.98 11.89 38.83
N SER C 100 4.52 11.29 39.93
CA SER C 100 5.32 11.23 41.15
C SER C 100 5.51 9.78 41.58
N GLY C 101 6.13 9.62 42.75
CA GLY C 101 6.35 8.31 43.32
C GLY C 101 5.82 8.18 44.73
N ARG C 102 5.34 9.28 45.30
CA ARG C 102 4.73 9.24 46.62
C ARG C 102 3.29 8.71 46.51
N ALA C 103 2.70 8.39 47.65
CA ALA C 103 1.34 7.91 47.65
C ALA C 103 0.39 8.96 47.09
N ILE C 104 -0.55 8.51 46.27
CA ILE C 104 -1.49 9.42 45.64
C ILE C 104 -2.20 10.24 46.70
N ASN C 105 -2.36 11.54 46.44
CA ASN C 105 -3.03 12.45 47.37
C ASN C 105 -3.68 13.55 46.55
N LEU C 106 -4.98 13.41 46.27
CA LEU C 106 -5.66 14.35 45.39
C LEU C 106 -5.67 15.76 45.94
N GLU C 107 -5.81 15.92 47.26
CA GLU C 107 -5.91 17.24 47.86
C GLU C 107 -4.58 17.99 47.88
N GLY C 108 -3.46 17.31 47.69
CA GLY C 108 -2.16 17.93 47.83
C GLY C 108 -1.92 19.04 46.83
N THR C 109 -0.67 19.48 46.71
CA THR C 109 -0.31 20.55 45.78
C THR C 109 0.71 20.11 44.75
N THR C 110 1.07 18.83 44.71
CA THR C 110 2.03 18.33 43.74
C THR C 110 1.48 17.04 43.14
N GLY C 111 1.94 16.75 41.92
CA GLY C 111 1.48 15.55 41.25
C GLY C 111 0.00 15.64 40.91
N ALA C 112 -0.67 14.49 40.92
CA ALA C 112 -2.06 14.41 40.51
C ALA C 112 -2.95 14.93 41.63
N HIS C 113 -2.95 16.25 41.80
CA HIS C 113 -3.82 16.91 42.75
C HIS C 113 -4.89 17.66 41.99
N ASN C 114 -6.15 17.35 42.31
CA ASN C 114 -7.25 18.03 41.64
C ASN C 114 -7.66 19.27 42.42
N ASN C 115 -8.50 20.08 41.78
CA ASN C 115 -9.03 21.28 42.41
C ASN C 115 -10.49 21.43 42.01
N ALA C 116 -11.25 22.14 42.84
CA ALA C 116 -12.66 22.35 42.52
C ALA C 116 -12.82 22.90 41.11
N THR C 117 -11.95 23.82 40.70
CA THR C 117 -12.02 24.39 39.37
C THR C 117 -11.58 23.41 38.29
N ASN C 118 -10.48 22.71 38.53
CA ASN C 118 -9.92 21.84 37.50
C ASN C 118 -9.00 20.81 38.15
N PHE C 119 -8.73 19.75 37.39
CA PHE C 119 -7.80 18.71 37.81
C PHE C 119 -6.47 18.95 37.11
N MET C 120 -5.40 19.05 37.90
CA MET C 120 -4.07 19.35 37.39
C MET C 120 -3.10 18.26 37.84
N VAL C 121 -2.12 17.98 36.99
CA VAL C 121 -1.02 17.10 37.32
C VAL C 121 0.26 17.92 37.26
N ASN C 122 1.04 17.89 38.34
CA ASN C 122 2.22 18.74 38.47
C ASN C 122 3.43 17.83 38.52
N PHE C 123 4.41 18.10 37.66
CA PHE C 123 5.55 17.23 37.50
C PHE C 123 6.64 17.46 38.54
N LYS C 124 6.47 18.46 39.41
CA LYS C 124 7.35 18.56 40.56
C LYS C 124 7.19 17.32 41.44
N ASP C 125 8.13 17.13 42.35
CA ASP C 125 8.09 15.98 43.24
C ASP C 125 7.99 14.68 42.46
N ASN C 126 8.73 14.60 41.35
CA ASN C 126 8.88 13.36 40.59
C ASN C 126 10.28 12.79 40.69
N SER C 127 11.16 13.40 41.49
CA SER C 127 12.52 12.89 41.66
C SER C 127 12.43 11.65 42.53
N TYR C 128 12.45 10.49 41.87
CA TYR C 128 12.38 9.21 42.54
C TYR C 128 13.02 8.16 41.67
N HIS C 129 13.79 7.27 42.30
CA HIS C 129 14.41 6.17 41.56
C HIS C 129 13.37 5.20 41.03
N GLU C 130 12.19 5.17 41.63
CA GLU C 130 11.07 4.39 41.12
C GLU C 130 9.78 5.16 41.33
N LEU C 131 9.10 5.45 40.22
CA LEU C 131 7.83 6.15 40.27
C LEU C 131 6.81 5.24 40.97
N ALA C 132 5.59 5.74 41.14
CA ALA C 132 4.57 4.94 41.81
C ALA C 132 4.37 3.63 41.06
N MET C 133 4.28 2.54 41.80
CA MET C 133 4.20 1.20 41.24
C MET C 133 2.74 0.84 41.05
N LEU C 134 2.36 0.49 39.82
CA LEU C 134 1.03 0.01 39.51
C LEU C 134 1.06 -1.47 39.17
N HIS C 135 -0.10 -2.10 39.29
CA HIS C 135 -0.28 -3.50 38.92
C HIS C 135 -1.51 -3.58 38.02
N ILE C 136 -1.27 -3.64 36.71
CA ILE C 136 -2.36 -3.66 35.74
C ILE C 136 -3.03 -5.02 35.79
N TYR C 137 -4.33 -5.02 36.05
CA TYR C 137 -5.14 -6.23 36.04
C TYR C 137 -5.97 -6.25 34.75
N ILE C 138 -5.71 -7.22 33.89
CA ILE C 138 -6.35 -7.29 32.58
C ILE C 138 -7.41 -8.38 32.63
N LEU C 139 -8.66 -7.98 32.45
CA LEU C 139 -9.78 -8.90 32.32
C LEU C 139 -10.20 -8.96 30.87
N THR C 140 -10.21 -10.16 30.31
CA THR C 140 -10.67 -10.38 28.94
C THR C 140 -11.63 -11.56 28.93
N ASP C 141 -12.83 -11.34 28.41
CA ASP C 141 -13.87 -12.37 28.39
C ASP C 141 -14.07 -12.84 29.83
N LYS C 142 -13.34 -13.86 30.25
CA LYS C 142 -13.41 -14.35 31.62
C LYS C 142 -12.06 -14.69 32.22
N THR C 143 -11.00 -14.76 31.42
CA THR C 143 -9.68 -15.06 31.94
C THR C 143 -9.08 -13.83 32.60
N TRP C 144 -8.20 -14.08 33.56
CA TRP C 144 -7.58 -13.01 34.34
C TRP C 144 -6.07 -13.05 34.16
N SER C 145 -5.48 -11.89 33.88
CA SER C 145 -4.05 -11.75 33.74
C SER C 145 -3.66 -10.36 34.19
N TYR C 146 -2.58 -10.29 34.97
CA TYR C 146 -2.16 -9.01 35.55
C TYR C 146 -0.65 -8.90 35.50
N ILE C 147 -0.16 -7.67 35.51
CA ILE C 147 1.26 -7.36 35.46
C ILE C 147 1.70 -6.95 36.85
N ASP C 148 2.74 -7.60 37.36
CA ASP C 148 3.09 -7.46 38.78
C ASP C 148 3.32 -6.00 39.15
N SER C 149 4.38 -5.40 38.64
CA SER C 149 4.76 -4.04 39.03
C SER C 149 5.24 -3.31 37.79
N CYS C 150 4.48 -2.32 37.35
CA CYS C 150 4.79 -1.58 36.14
C CYS C 150 4.84 -0.10 36.46
N GLN C 151 5.68 0.61 35.72
CA GLN C 151 5.83 2.05 35.85
C GLN C 151 5.65 2.68 34.48
N ILE C 152 4.79 3.69 34.40
CA ILE C 152 4.51 4.32 33.12
C ILE C 152 5.79 4.91 32.55
N ASN C 153 5.97 4.75 31.24
CA ASN C 153 7.19 5.17 30.57
C ASN C 153 6.97 6.26 29.54
N GLN C 154 5.80 6.30 28.90
CA GLN C 154 5.53 7.29 27.88
C GLN C 154 4.04 7.60 27.85
N ALA C 155 3.73 8.86 27.58
CA ALA C 155 2.35 9.31 27.39
C ALA C 155 2.34 10.23 26.18
N GLU C 156 1.85 9.73 25.06
CA GLU C 156 1.87 10.42 23.78
C GLU C 156 0.52 11.10 23.56
N VAL C 157 0.56 12.37 23.16
CA VAL C 157 -0.64 13.11 22.82
C VAL C 157 -0.51 13.56 21.38
N ASN C 158 -1.36 13.04 20.50
CA ASN C 158 -1.36 13.37 19.09
C ASN C 158 -2.63 14.14 18.79
N VAL C 159 -2.48 15.33 18.20
CA VAL C 159 -3.64 16.16 17.87
C VAL C 159 -3.95 16.17 16.38
N ASP C 160 -2.96 15.93 15.52
CA ASP C 160 -3.21 16.03 14.08
C ASP C 160 -4.38 15.15 13.66
N ILE C 161 -4.46 13.93 14.18
CA ILE C 161 -5.58 13.06 13.88
C ILE C 161 -6.88 13.77 14.24
N GLU C 162 -7.82 13.77 13.29
CA GLU C 162 -9.04 14.56 13.46
C GLU C 162 -9.90 14.06 14.61
N ASP C 163 -9.80 12.79 14.95
CA ASP C 163 -10.66 12.22 15.99
C ASP C 163 -10.45 12.96 17.30
N ILE C 164 -11.31 12.66 18.27
CA ILE C 164 -11.19 13.24 19.59
C ILE C 164 -9.80 12.97 20.16
N GLY C 165 -9.30 13.92 20.94
CA GLY C 165 -7.98 13.79 21.52
C GLY C 165 -7.81 12.54 22.35
N ARG C 166 -6.71 11.83 22.14
CA ARG C 166 -6.42 10.60 22.85
C ARG C 166 -5.01 10.67 23.41
N VAL C 167 -4.75 9.81 24.39
CA VAL C 167 -3.43 9.70 25.02
C VAL C 167 -3.01 8.25 24.93
N THR C 168 -1.77 8.02 24.51
CA THR C 168 -1.22 6.68 24.40
C THR C 168 -0.25 6.48 25.55
N TRP C 169 -0.63 5.64 26.50
CA TRP C 169 0.27 5.28 27.58
C TRP C 169 1.18 4.14 27.13
N SER C 170 2.24 3.92 27.90
CA SER C 170 3.12 2.79 27.66
C SER C 170 3.98 2.60 28.90
N GLY C 171 4.52 1.40 29.03
CA GLY C 171 5.32 1.10 30.19
C GLY C 171 5.96 -0.26 30.09
N ASN C 172 6.35 -0.79 31.24
CA ASN C 172 6.98 -2.11 31.30
C ASN C 172 6.59 -2.77 32.61
N GLY C 173 6.74 -4.09 32.65
CA GLY C 173 6.35 -4.85 33.83
C GLY C 173 7.29 -6.02 34.05
N ASN C 174 7.36 -6.44 35.32
CA ASN C 174 8.28 -7.50 35.69
C ASN C 174 7.88 -8.84 35.08
N GLN C 175 6.62 -9.24 35.25
CA GLN C 175 6.21 -10.59 34.89
C GLN C 175 4.71 -10.63 34.70
N LEU C 176 4.27 -10.93 33.48
CA LEU C 176 2.85 -11.10 33.20
C LEU C 176 2.42 -12.44 33.78
N ILE C 177 1.79 -12.40 34.95
CA ILE C 177 1.37 -13.60 35.66
C ILE C 177 -0.11 -13.83 35.36
N PRO C 178 -0.50 -14.93 34.72
CA PRO C 178 -1.92 -15.23 34.60
C PRO C 178 -2.54 -15.53 35.95
N LEU C 179 -3.84 -15.23 36.06
CA LEU C 179 -4.59 -15.43 37.30
C LEU C 179 -5.71 -16.43 37.06
N ASP C 180 -5.83 -17.39 37.98
CA ASP C 180 -6.82 -18.44 37.84
C ASP C 180 -8.15 -18.11 38.49
N GLU C 181 -8.20 -17.13 39.39
CA GLU C 181 -9.43 -16.73 40.05
C GLU C 181 -9.58 -15.22 40.01
N GLN C 182 -10.81 -14.77 40.01
CA GLN C 182 -11.08 -13.34 39.94
C GLN C 182 -10.53 -12.64 41.17
N PRO C 183 -9.96 -11.45 41.05
CA PRO C 183 -9.46 -10.76 42.26
C PRO C 183 -10.56 -10.03 43.01
N PHE C 184 -11.55 -9.48 42.31
CA PHE C 184 -12.59 -8.69 42.95
C PHE C 184 -13.79 -8.64 42.03
N ASP C 185 -14.94 -8.27 42.60
CA ASP C 185 -16.15 -8.13 41.80
C ASP C 185 -15.94 -7.03 40.78
N PRO C 186 -15.99 -7.32 39.47
CA PRO C 186 -15.73 -6.26 38.50
C PRO C 186 -16.83 -5.23 38.44
N ASP C 187 -18.09 -5.65 38.50
CA ASP C 187 -19.19 -4.70 38.34
C ASP C 187 -19.14 -3.62 39.41
N GLN C 188 -18.93 -4.02 40.67
CA GLN C 188 -18.85 -3.02 41.73
C GLN C 188 -17.66 -2.10 41.52
N ILE C 189 -16.48 -2.67 41.23
CA ILE C 189 -15.28 -1.87 41.10
C ILE C 189 -15.32 -1.03 39.83
N GLY C 190 -15.71 -1.64 38.71
CA GLY C 190 -15.72 -0.92 37.45
C GLY C 190 -16.64 0.28 37.49
N ILE C 191 -16.41 1.20 36.55
CA ILE C 191 -17.20 2.43 36.53
C ILE C 191 -18.65 2.09 36.25
N ASP C 192 -19.54 2.65 37.06
CA ASP C 192 -20.96 2.36 36.97
C ASP C 192 -21.59 3.18 35.84
N ASP C 193 -22.85 2.87 35.54
CA ASP C 193 -23.50 3.50 34.40
C ASP C 193 -23.56 5.01 34.55
N GLU C 194 -23.90 5.50 35.74
CA GLU C 194 -24.10 6.93 35.93
C GLU C 194 -22.82 7.71 35.63
N THR C 195 -21.68 7.19 36.08
CA THR C 195 -20.42 7.87 35.78
C THR C 195 -20.17 7.91 34.28
N TYR C 196 -20.49 6.82 33.58
CA TYR C 196 -20.35 6.83 32.13
C TYR C 196 -21.24 7.90 31.50
N MET C 197 -22.48 8.00 31.98
CA MET C 197 -23.39 9.02 31.48
C MET C 197 -22.81 10.41 31.68
N THR C 198 -22.26 10.66 32.86
CA THR C 198 -21.67 11.97 33.13
C THR C 198 -20.48 12.22 32.21
N ILE C 199 -19.67 11.18 31.97
CA ILE C 199 -18.43 11.36 31.22
C ILE C 199 -18.73 11.68 29.76
N GLN C 200 -19.65 10.94 29.14
CA GLN C 200 -19.75 11.02 27.68
C GLN C 200 -20.05 12.43 27.21
N GLY C 201 -20.58 13.29 28.07
CA GLY C 201 -20.87 14.66 27.69
C GLY C 201 -19.70 15.59 27.94
N SER C 202 -18.49 15.03 28.03
CA SER C 202 -17.31 15.85 28.32
C SER C 202 -16.12 15.46 27.43
N TYR C 203 -16.37 14.85 26.29
CA TYR C 203 -15.29 14.53 25.37
C TYR C 203 -14.62 15.81 24.89
N ILE C 204 -13.37 15.68 24.44
CA ILE C 204 -12.58 16.80 23.95
C ILE C 204 -12.42 16.64 22.45
N LYS C 205 -12.72 17.70 21.71
CA LYS C 205 -12.58 17.72 20.26
C LYS C 205 -11.27 18.40 19.90
N ASN C 206 -10.48 17.76 19.04
CA ASN C 206 -9.31 18.42 18.48
C ASN C 206 -9.68 19.42 17.40
N LYS C 207 -10.95 19.47 16.98
CA LYS C 207 -11.37 20.44 15.99
C LYS C 207 -11.12 21.86 16.46
N LEU C 208 -11.02 22.07 17.78
CA LEU C 208 -10.77 23.38 18.36
C LEU C 208 -9.54 23.25 19.24
N THR C 209 -8.37 23.55 18.69
CA THR C 209 -7.11 23.44 19.42
C THR C 209 -6.29 24.69 19.17
N ILE C 210 -6.53 25.72 19.97
CA ILE C 210 -5.78 26.97 19.88
C ILE C 210 -4.49 26.79 20.64
N LEU C 211 -3.45 27.46 20.17
CA LEU C 211 -2.14 27.45 20.81
C LEU C 211 -1.70 28.86 21.13
N LYS C 212 -1.05 29.01 22.28
CA LYS C 212 -0.40 30.25 22.67
C LYS C 212 1.09 30.00 22.79
N ILE C 213 1.88 30.91 22.22
CA ILE C 213 3.34 30.80 22.25
C ILE C 213 3.90 32.20 22.30
N LYS C 214 4.87 32.42 23.20
CA LYS C 214 5.42 33.75 23.40
C LYS C 214 6.90 33.64 23.72
N ASP C 215 7.72 34.45 23.05
CA ASP C 215 9.15 34.42 23.25
C ASP C 215 9.50 35.27 24.46
N MET C 216 9.75 34.62 25.59
CA MET C 216 9.94 35.39 26.82
C MET C 216 11.21 36.24 26.75
N ASP C 217 12.08 35.99 25.78
CA ASP C 217 13.20 36.90 25.56
C ASP C 217 12.72 38.23 25.00
N THR C 218 11.86 38.19 23.99
CA THR C 218 11.37 39.41 23.35
C THR C 218 10.00 39.85 23.85
N ASN C 219 9.33 39.02 24.64
CA ASN C 219 7.98 39.35 25.11
C ASN C 219 7.06 39.67 23.94
N LYS C 220 7.11 38.83 22.91
CA LYS C 220 6.29 38.96 21.72
C LYS C 220 5.36 37.75 21.65
N SER C 221 4.06 38.00 21.47
CA SER C 221 3.06 36.95 21.43
C SER C 221 2.70 36.64 19.98
N TYR C 222 2.95 35.41 19.56
CA TYR C 222 2.64 34.97 18.21
C TYR C 222 1.24 34.40 18.14
N ASP C 223 0.61 34.54 16.98
CA ASP C 223 -0.72 34.01 16.73
C ASP C 223 -0.62 32.93 15.67
N ILE C 224 -0.70 31.68 16.09
CA ILE C 224 -0.37 30.54 15.23
C ILE C 224 -1.55 29.58 15.21
N PRO C 225 -2.19 29.36 14.06
CA PRO C 225 -3.15 28.25 13.97
C PRO C 225 -2.46 26.94 13.59
N ILE C 226 -2.55 25.94 14.46
CA ILE C 226 -1.85 24.68 14.23
C ILE C 226 -2.52 23.92 13.10
N THR C 227 -1.76 23.07 12.42
CA THR C 227 -2.30 22.04 11.56
C THR C 227 -2.08 20.64 12.10
N GLY C 228 -1.08 20.45 12.94
CA GLY C 228 -0.84 19.18 13.61
C GLY C 228 0.19 19.40 14.68
N GLY C 229 0.38 18.38 15.50
CA GLY C 229 1.34 18.47 16.56
C GLY C 229 1.15 17.38 17.58
N THR C 230 2.05 17.36 18.55
CA THR C 230 2.02 16.34 19.59
C THR C 230 3.01 16.72 20.68
N PHE C 231 2.84 16.08 21.83
CA PHE C 231 3.80 16.19 22.91
C PHE C 231 3.79 14.91 23.70
N THR C 232 4.97 14.40 24.01
CA THR C 232 5.12 13.14 24.72
C THR C 232 5.91 13.38 26.00
N ILE C 233 5.50 12.72 27.07
CA ILE C 233 6.20 12.77 28.34
C ILE C 233 6.88 11.43 28.53
N ASN C 234 8.21 11.43 28.54
CA ASN C 234 9.00 10.22 28.59
C ASN C 234 9.82 10.20 29.87
N ASN C 235 9.83 9.06 30.54
CA ASN C 235 10.67 8.87 31.73
C ASN C 235 11.92 8.04 31.45
N ASN C 236 12.07 7.50 30.24
CA ASN C 236 13.25 6.74 29.86
C ASN C 236 13.53 5.65 30.90
N ILE C 237 12.48 4.96 31.31
CA ILE C 237 12.60 3.95 32.34
C ILE C 237 13.43 2.79 31.82
N THR C 238 14.39 2.34 32.63
CA THR C 238 15.21 1.19 32.33
C THR C 238 15.03 0.16 33.44
N TYR C 239 15.04 -1.12 33.09
CA TYR C 239 14.80 -2.19 34.04
C TYR C 239 16.08 -3.00 34.25
N LEU C 240 16.63 -2.93 35.45
CA LEU C 240 17.74 -3.78 35.85
C LEU C 240 17.26 -5.22 35.89
N THR C 241 18.17 -6.15 35.57
CA THR C 241 17.84 -7.55 35.65
C THR C 241 19.05 -8.36 36.06
N PRO C 242 18.89 -9.33 36.95
CA PRO C 242 20.03 -10.19 37.32
C PRO C 242 20.57 -10.91 36.09
N ASN C 243 21.70 -11.58 36.28
CA ASN C 243 22.38 -12.26 35.19
C ASN C 243 22.86 -13.65 35.64
N VAL C 244 22.02 -14.36 36.38
CA VAL C 244 22.35 -15.74 36.74
C VAL C 244 22.21 -16.60 35.50
N MET C 245 23.14 -17.54 35.33
CA MET C 245 23.14 -18.39 34.15
C MET C 245 22.41 -19.71 34.39
N SER C 246 22.56 -20.30 35.56
CA SER C 246 22.03 -21.64 35.78
C SER C 246 20.50 -21.67 35.69
N ARG C 247 19.83 -20.68 36.26
CA ARG C 247 18.38 -20.64 36.27
C ARG C 247 17.87 -19.39 35.58
N VAL C 248 16.63 -19.44 35.11
CA VAL C 248 16.03 -18.31 34.43
C VAL C 248 15.55 -17.30 35.46
N THR C 249 15.85 -16.03 35.23
CA THR C 249 15.60 -14.96 36.19
C THR C 249 14.55 -14.00 35.66
N ILE C 250 14.33 -12.93 36.42
CA ILE C 250 13.31 -11.94 36.12
C ILE C 250 13.84 -10.54 36.45
N PRO C 251 13.52 -9.51 35.68
CA PRO C 251 13.92 -8.16 36.07
C PRO C 251 13.27 -7.75 37.39
N ILE C 252 14.09 -7.37 38.35
CA ILE C 252 13.61 -7.17 39.71
C ILE C 252 13.34 -5.69 39.97
N GLY C 253 14.25 -4.82 39.53
CA GLY C 253 14.16 -3.42 39.87
C GLY C 253 14.03 -2.56 38.63
N SER C 254 13.90 -1.25 38.87
CA SER C 254 13.82 -0.29 37.80
C SER C 254 14.60 0.96 38.19
N PHE C 255 15.08 1.69 37.18
CA PHE C 255 15.76 2.95 37.37
C PHE C 255 15.17 3.96 36.39
N THR C 256 14.49 4.97 36.93
CA THR C 256 13.92 6.00 36.07
C THR C 256 15.03 6.74 35.34
N GLY C 257 14.80 7.03 34.07
CA GLY C 257 15.78 7.70 33.26
C GLY C 257 15.75 9.21 33.42
N ALA C 258 15.76 9.94 32.32
CA ALA C 258 15.76 11.39 32.34
C ALA C 258 14.41 11.91 31.84
N PHE C 259 13.84 12.85 32.58
CA PHE C 259 12.56 13.43 32.19
C PHE C 259 12.69 14.13 30.84
N GLU C 260 11.65 14.02 30.02
CA GLU C 260 11.67 14.61 28.69
C GLU C 260 10.23 14.93 28.30
N LEU C 261 9.85 16.21 28.43
CA LEU C 261 8.53 16.67 27.99
C LEU C 261 8.60 17.15 26.54
N THR C 262 9.16 16.29 25.69
CA THR C 262 9.37 16.66 24.30
C THR C 262 8.04 16.79 23.57
N GLY C 263 8.01 17.70 22.60
CA GLY C 263 6.83 17.88 21.79
C GLY C 263 7.19 18.53 20.46
N SER C 264 6.17 18.67 19.62
CA SER C 264 6.38 19.22 18.29
C SER C 264 5.13 19.95 17.84
N LEU C 265 5.31 20.82 16.85
CA LEU C 265 4.22 21.62 16.31
C LEU C 265 4.40 21.72 14.80
N THR C 266 3.34 22.12 14.11
CA THR C 266 3.41 22.37 12.69
C THR C 266 2.25 23.26 12.28
N ALA C 267 2.51 24.13 11.31
CA ALA C 267 1.50 25.09 10.89
C ALA C 267 1.80 25.54 9.46
N TYR C 268 0.80 26.17 8.86
CA TYR C 268 0.98 26.77 7.55
C TYR C 268 1.73 28.09 7.67
N LEU C 269 2.21 28.57 6.52
CA LEU C 269 2.91 29.84 6.47
C LEU C 269 1.88 30.96 6.35
N ASN C 270 1.91 31.90 7.27
CA ASN C 270 0.98 33.02 7.30
C ASN C 270 1.77 34.32 7.34
N ASP C 271 1.53 35.20 6.38
CA ASP C 271 2.27 36.43 6.27
C ASP C 271 1.82 37.49 7.27
N LYS C 272 0.64 37.35 7.84
CA LYS C 272 0.16 38.34 8.80
C LYS C 272 1.12 38.44 9.97
N SER C 273 1.31 39.66 10.46
CA SER C 273 2.29 39.90 11.49
C SER C 273 2.01 39.03 12.71
N LEU C 274 3.08 38.67 13.41
CA LEU C 274 3.00 37.79 14.58
C LEU C 274 2.42 36.44 14.20
N GLY C 275 2.64 36.01 12.95
CA GLY C 275 2.25 34.72 12.47
C GLY C 275 3.43 33.80 12.28
N SER C 276 3.18 32.69 11.58
CA SER C 276 4.23 31.70 11.38
C SER C 276 5.42 32.28 10.62
N MET C 277 5.17 33.13 9.63
CA MET C 277 6.26 33.81 8.94
C MET C 277 7.15 34.55 9.93
N GLU C 278 6.54 35.34 10.80
CA GLU C 278 7.32 36.16 11.72
C GLU C 278 8.17 35.29 12.64
N LEU C 279 7.60 34.20 13.15
CA LEU C 279 8.36 33.27 14.00
C LEU C 279 9.51 32.64 13.23
N TYR C 280 9.24 32.20 12.00
CA TYR C 280 10.28 31.63 11.17
C TYR C 280 11.44 32.61 11.03
N LYS C 281 11.13 33.84 10.64
CA LYS C 281 12.15 34.84 10.40
C LYS C 281 12.94 35.11 11.68
N ASP C 282 12.24 35.27 12.80
CA ASP C 282 12.92 35.55 14.05
C ASP C 282 13.88 34.43 14.40
N LEU C 283 13.39 33.18 14.36
CA LEU C 283 14.19 32.08 14.86
C LEU C 283 15.38 31.81 13.95
N ILE C 284 15.19 31.95 12.63
CA ILE C 284 16.31 31.69 11.72
C ILE C 284 17.33 32.81 11.79
N LYS C 285 16.87 34.06 11.78
CA LYS C 285 17.82 35.17 11.79
C LYS C 285 18.59 35.24 13.10
N THR C 286 17.88 35.20 14.24
CA THR C 286 18.53 35.41 15.52
C THR C 286 19.65 34.40 15.73
N LEU C 287 19.35 33.11 15.59
CA LEU C 287 20.34 32.05 15.69
C LEU C 287 21.04 32.08 17.04
N LYS C 288 20.25 31.91 18.10
CA LYS C 288 20.76 31.89 19.46
C LYS C 288 21.09 30.46 19.88
N VAL C 289 21.97 30.36 20.88
CA VAL C 289 22.34 29.05 21.41
C VAL C 289 21.17 28.42 22.14
N VAL C 290 20.52 29.19 23.02
CA VAL C 290 19.41 28.70 23.82
C VAL C 290 18.24 29.67 23.65
N ASN C 291 17.03 29.15 23.85
CA ASN C 291 15.82 29.94 23.74
C ASN C 291 15.00 29.73 25.00
N ARG C 292 14.10 30.68 25.26
CA ARG C 292 13.20 30.61 26.41
C ARG C 292 11.81 30.97 25.93
N PHE C 293 11.04 29.96 25.52
CA PHE C 293 9.69 30.14 25.00
C PHE C 293 8.68 29.55 25.98
N GLU C 294 7.63 30.30 26.24
CA GLU C 294 6.51 29.82 27.04
C GLU C 294 5.46 29.28 26.07
N ILE C 295 5.33 27.96 26.03
CA ILE C 295 4.45 27.28 25.09
C ILE C 295 3.23 26.79 25.85
N ALA C 296 2.06 27.06 25.30
CA ALA C 296 0.78 26.59 25.87
C ALA C 296 -0.03 26.02 24.73
N LEU C 297 -0.23 24.70 24.75
CA LEU C 297 -1.08 24.02 23.77
C LEU C 297 -2.41 23.73 24.43
N VAL C 298 -3.49 24.24 23.86
CA VAL C 298 -4.80 24.23 24.48
C VAL C 298 -5.71 23.36 23.63
N LEU C 299 -5.83 22.08 24.00
CA LEU C 299 -6.80 21.20 23.34
C LEU C 299 -8.21 21.64 23.68
N GLY C 300 -9.11 21.56 22.71
CA GLY C 300 -10.48 21.94 22.92
C GLY C 300 -10.73 23.43 22.91
N GLY C 301 -9.72 24.25 22.65
CA GLY C 301 -9.89 25.68 22.58
C GLY C 301 -10.46 26.24 23.87
N GLU C 302 -10.66 27.56 23.85
CA GLU C 302 -11.24 28.26 24.99
C GLU C 302 -12.41 29.09 24.50
N TYR C 303 -13.34 29.36 25.40
CA TYR C 303 -14.53 30.12 25.05
C TYR C 303 -15.07 30.83 26.28
N ASP C 304 -15.85 31.88 26.03
CA ASP C 304 -16.51 32.57 27.13
C ASP C 304 -17.47 31.64 27.84
N ASP C 305 -18.24 30.85 27.09
CA ASP C 305 -19.03 29.80 27.69
C ASP C 305 -18.13 28.74 28.29
N GLU C 306 -18.63 28.06 29.32
CA GLU C 306 -17.87 26.99 29.96
C GLU C 306 -17.88 25.77 29.05
N ARG C 307 -16.70 25.24 28.75
CA ARG C 307 -16.57 24.08 27.90
C ARG C 307 -15.32 23.29 28.27
N PRO C 308 -15.26 22.01 27.91
CA PRO C 308 -14.10 21.20 28.28
C PRO C 308 -12.85 21.61 27.53
N ALA C 309 -11.70 21.30 28.12
CA ALA C 309 -10.42 21.54 27.49
C ALA C 309 -9.32 20.91 28.32
N ALA C 310 -8.29 20.42 27.64
CA ALA C 310 -7.09 19.88 28.26
C ALA C 310 -5.93 20.76 27.87
N ILE C 311 -5.06 21.08 28.83
CA ILE C 311 -4.13 22.19 28.70
C ILE C 311 -2.73 21.69 29.02
N LEU C 312 -1.76 22.09 28.20
CA LEU C 312 -0.36 21.80 28.47
C LEU C 312 0.40 23.12 28.69
N VAL C 313 1.13 23.19 29.79
CA VAL C 313 1.94 24.36 30.12
C VAL C 313 3.39 23.91 30.20
N ALA C 314 4.25 24.54 29.41
CA ALA C 314 5.69 24.28 29.41
C ALA C 314 6.41 25.62 29.52
N LYS C 315 6.57 26.10 30.74
CA LYS C 315 7.28 27.36 30.94
C LYS C 315 8.73 27.22 30.54
N GLN C 316 9.30 28.31 30.04
CA GLN C 316 10.67 28.33 29.52
C GLN C 316 10.98 27.06 28.73
N ALA C 317 10.20 26.83 27.68
CA ALA C 317 10.40 25.66 26.84
C ALA C 317 11.41 25.97 25.74
N HIS C 318 12.46 25.17 25.66
CA HIS C 318 13.43 25.28 24.59
C HIS C 318 12.78 24.95 23.26
N VAL C 319 13.16 25.69 22.22
CA VAL C 319 12.62 25.51 20.88
C VAL C 319 13.76 25.29 19.91
N ASN C 320 13.61 24.30 19.03
CA ASN C 320 14.60 24.07 18.00
C ASN C 320 14.37 25.00 16.81
N ILE C 321 15.23 24.89 15.81
CA ILE C 321 15.14 25.78 14.65
C ILE C 321 14.06 25.26 13.71
N PRO C 322 13.09 26.07 13.31
CA PRO C 322 12.01 25.55 12.47
C PRO C 322 12.52 25.04 11.13
N THR C 323 11.85 24.02 10.61
CA THR C 323 12.19 23.43 9.32
C THR C 323 11.01 23.56 8.39
N ILE C 324 11.18 24.28 7.30
CA ILE C 324 10.11 24.47 6.32
C ILE C 324 9.77 23.13 5.68
N GLU C 325 8.48 22.91 5.44
CA GLU C 325 8.00 21.70 4.79
C GLU C 325 7.27 22.07 3.51
N THR C 326 7.49 21.27 2.47
CA THR C 326 6.98 21.55 1.13
C THR C 326 5.94 20.51 0.75
N ASP C 327 4.73 20.97 0.45
CA ASP C 327 3.65 20.12 -0.03
C ASP C 327 2.65 21.01 -0.75
N ASP C 328 1.43 20.51 -0.93
CA ASP C 328 0.42 21.28 -1.65
C ASP C 328 0.31 22.69 -1.08
N VAL C 329 0.40 22.83 0.24
CA VAL C 329 0.52 24.12 0.89
C VAL C 329 1.73 24.08 1.80
N LEU C 330 2.52 25.15 1.79
CA LEU C 330 3.73 25.19 2.58
C LEU C 330 3.40 25.16 4.07
N GLY C 331 4.26 24.50 4.83
CA GLY C 331 4.10 24.45 6.28
C GLY C 331 5.45 24.31 6.94
N THR C 332 5.51 24.75 8.20
CA THR C 332 6.73 24.69 8.99
C THR C 332 6.45 23.94 10.29
N SER C 333 7.37 23.05 10.65
CA SER C 333 7.26 22.27 11.87
C SER C 333 8.30 22.77 12.86
N VAL C 334 7.86 22.99 14.10
CA VAL C 334 8.74 23.42 15.18
C VAL C 334 8.75 22.32 16.23
N GLU C 335 9.94 21.83 16.55
CA GLU C 335 10.14 20.85 17.62
C GLU C 335 10.64 21.58 18.86
N PHE C 336 10.05 21.29 20.00
CA PHE C 336 10.39 21.95 21.25
C PHE C 336 10.58 20.91 22.34
N LYS C 337 11.43 21.25 23.31
CA LYS C 337 11.64 20.43 24.49
C LYS C 337 11.59 21.34 25.70
N ALA C 338 10.75 20.98 26.68
CA ALA C 338 10.57 21.81 27.86
C ALA C 338 11.74 21.61 28.81
N ILE C 339 12.48 22.69 29.07
CA ILE C 339 13.61 22.64 30.00
C ILE C 339 13.23 23.35 31.28
N PRO C 340 13.79 22.97 32.42
CA PRO C 340 13.41 23.56 33.70
C PRO C 340 14.22 24.81 34.00
N SER C 341 13.79 25.54 35.03
CA SER C 341 14.60 26.63 35.53
C SER C 341 15.91 26.12 36.10
N ASP C 342 15.85 24.98 36.79
CA ASP C 342 17.03 24.31 37.32
C ASP C 342 16.88 22.82 37.11
N LEU C 343 18.01 22.11 37.05
CA LEU C 343 17.97 20.70 36.69
C LEU C 343 17.10 19.90 37.65
N ASP C 344 17.29 20.09 38.96
CA ASP C 344 16.52 19.34 39.94
C ASP C 344 15.21 20.01 40.31
N ALA C 345 14.93 21.20 39.77
CA ALA C 345 13.70 21.91 40.15
C ALA C 345 12.47 21.10 39.79
N GLY C 346 12.46 20.48 38.62
CA GLY C 346 11.34 19.66 38.22
C GLY C 346 10.11 20.43 37.79
N ASP C 347 10.28 21.67 37.36
CA ASP C 347 9.17 22.50 36.91
C ASP C 347 9.07 22.53 35.38
N GLU C 348 9.36 21.40 34.74
CA GLU C 348 9.29 21.34 33.28
C GLU C 348 7.96 21.86 32.79
N GLY C 349 6.87 21.38 33.37
CA GLY C 349 5.55 21.84 32.99
C GLY C 349 4.50 21.16 33.82
N TYR C 350 3.26 21.59 33.61
CA TYR C 350 2.11 21.01 34.28
C TYR C 350 0.92 21.08 33.34
N LEU C 351 -0.11 20.32 33.67
CA LEU C 351 -1.28 20.19 32.82
C LEU C 351 -2.54 20.55 33.59
N GLY C 352 -3.58 20.89 32.84
CA GLY C 352 -4.88 21.17 33.42
C GLY C 352 -6.00 20.49 32.67
N PHE C 353 -6.97 19.94 33.39
CA PHE C 353 -8.13 19.31 32.79
C PHE C 353 -9.37 19.76 33.53
N SER C 354 -10.44 20.02 32.79
CA SER C 354 -11.72 20.34 33.39
C SER C 354 -12.75 20.48 32.28
N SER C 355 -14.00 20.23 32.63
CA SER C 355 -15.10 20.38 31.69
C SER C 355 -15.58 21.83 31.57
N LYS C 356 -15.16 22.69 32.48
CA LYS C 356 -15.71 24.05 32.59
C LYS C 356 -14.60 25.09 32.44
N TYR C 357 -13.76 24.93 31.43
CA TYR C 357 -12.62 25.82 31.25
C TYR C 357 -13.03 27.10 30.54
N THR C 358 -12.81 28.23 31.18
CA THR C 358 -13.17 29.54 30.67
C THR C 358 -11.93 30.35 30.37
N ARG C 359 -12.05 31.28 29.42
CA ARG C 359 -10.89 32.05 28.98
C ARG C 359 -10.16 32.67 30.16
N THR C 360 -10.91 33.31 31.07
CA THR C 360 -10.27 33.83 32.27
C THR C 360 -9.65 32.70 33.07
N THR C 361 -10.37 31.60 33.21
CA THR C 361 -9.83 30.46 33.95
C THR C 361 -8.56 29.95 33.29
N ILE C 362 -8.56 29.83 31.96
CA ILE C 362 -7.41 29.27 31.27
C ILE C 362 -6.21 30.19 31.43
N ASN C 363 -6.42 31.51 31.31
CA ASN C 363 -5.30 32.42 31.44
C ASN C 363 -4.72 32.40 32.84
N ASN C 364 -5.59 32.37 33.86
CA ASN C 364 -5.05 32.32 35.22
C ASN C 364 -4.31 31.02 35.44
N LEU C 365 -4.78 29.91 34.87
CA LEU C 365 -4.02 28.67 34.98
C LEU C 365 -2.66 28.81 34.34
N ILE C 366 -2.61 29.43 33.15
CA ILE C 366 -1.34 29.55 32.44
C ILE C 366 -0.35 30.35 33.28
N VAL C 367 -0.80 31.46 33.87
CA VAL C 367 0.13 32.37 34.54
C VAL C 367 0.27 32.08 36.02
N ASN C 368 -0.45 31.09 36.56
CA ASN C 368 -0.33 30.76 37.97
C ASN C 368 -0.16 29.27 38.17
N GLY C 369 -0.64 28.47 37.22
CA GLY C 369 -0.58 27.04 37.29
C GLY C 369 -1.79 26.39 37.91
N ASP C 370 -2.73 27.16 38.43
CA ASP C 370 -3.97 26.64 39.00
C ASP C 370 -5.14 27.43 38.44
N GLY C 371 -6.23 26.72 38.16
CA GLY C 371 -7.43 27.41 37.71
C GLY C 371 -8.04 28.27 38.80
N ALA C 372 -8.13 27.74 40.01
CA ALA C 372 -8.86 28.44 41.08
C ALA C 372 -8.22 29.78 41.38
N THR C 373 -6.90 29.84 41.49
CA THR C 373 -6.23 31.10 41.79
C THR C 373 -6.25 31.99 40.57
N ASP C 374 -6.66 33.24 40.76
CA ASP C 374 -6.81 34.19 39.67
C ASP C 374 -5.50 34.90 39.37
N ALA C 375 -5.54 35.78 38.38
CA ALA C 375 -4.38 36.56 37.99
C ALA C 375 -4.81 37.94 37.54
N VAL C 376 -3.86 38.89 37.61
CA VAL C 376 -4.17 40.28 37.29
C VAL C 376 -4.38 40.43 35.79
N THR C 377 -5.39 41.21 35.42
CA THR C 377 -5.75 41.42 34.03
C THR C 377 -5.45 42.83 33.54
N ALA C 378 -5.99 43.85 34.21
CA ALA C 378 -5.77 45.24 33.82
C ALA C 378 -5.28 46.02 35.03
N ILE C 379 -4.32 46.91 34.78
CA ILE C 379 -3.68 47.69 35.81
C ILE C 379 -3.68 49.15 35.41
N THR C 380 -4.07 50.02 36.34
CA THR C 380 -3.93 51.46 36.16
C THR C 380 -3.34 52.05 37.44
N VAL C 381 -2.67 53.17 37.30
CA VAL C 381 -1.95 53.81 38.39
C VAL C 381 -2.75 55.01 38.88
N LYS C 382 -3.01 55.06 40.19
CA LYS C 382 -3.76 56.14 40.81
C LYS C 382 -2.84 56.92 41.73
N SER C 383 -2.69 58.21 41.47
CA SER C 383 -1.79 59.04 42.24
C SER C 383 -2.42 59.41 43.59
N ALA C 384 -1.56 59.60 44.59
CA ALA C 384 -2.01 59.98 45.92
C ALA C 384 -2.73 61.32 45.83
N GLY C 385 -4.04 61.31 46.04
CA GLY C 385 -4.85 62.50 45.86
C GLY C 385 -5.24 62.80 44.44
N ASN C 386 -4.95 61.89 43.50
CA ASN C 386 -5.33 62.06 42.10
C ASN C 386 -4.75 63.35 41.53
N VAL C 387 -3.42 63.42 41.50
CA VAL C 387 -2.70 64.59 41.05
C VAL C 387 -1.95 64.24 39.77
N THR C 388 -2.11 65.08 38.75
CA THR C 388 -1.48 64.86 37.45
C THR C 388 -0.21 65.68 37.26
N THR C 389 0.31 66.28 38.32
CA THR C 389 1.54 67.05 38.24
C THR C 389 2.17 67.14 39.62
N LEU C 390 3.46 67.47 39.64
CA LEU C 390 4.20 67.59 40.88
C LEU C 390 5.31 68.61 40.69
N ASN C 391 5.61 69.35 41.75
CA ASN C 391 6.66 70.34 41.74
C ASN C 391 7.94 69.74 42.31
N ARG C 392 9.04 70.43 42.10
CA ARG C 392 10.34 69.94 42.54
C ARG C 392 10.39 69.84 44.06
N SER C 393 11.21 68.91 44.55
CA SER C 393 11.37 68.70 45.99
C SER C 393 10.04 68.38 46.66
N ALA C 394 9.24 67.56 45.99
CA ALA C 394 7.97 67.09 46.54
C ALA C 394 7.87 65.58 46.33
N THR C 395 7.14 64.92 47.22
CA THR C 395 6.98 63.47 47.19
C THR C 395 5.54 63.13 46.83
N LEU C 396 5.37 62.15 45.93
CA LEU C 396 4.05 61.68 45.49
C LEU C 396 4.04 60.17 45.63
N GLN C 397 3.51 59.69 46.76
CA GLN C 397 3.42 58.26 47.04
C GLN C 397 2.22 57.68 46.28
N MET C 398 2.34 57.73 44.96
CA MET C 398 1.26 57.28 44.09
C MET C 398 0.94 55.82 44.36
N SER C 399 -0.35 55.50 44.40
CA SER C 399 -0.84 54.16 44.68
C SER C 399 -1.29 53.50 43.38
N VAL C 400 -1.81 52.28 43.49
CA VAL C 400 -2.18 51.48 42.33
C VAL C 400 -3.38 50.62 42.68
N GLU C 401 -4.17 50.30 41.65
CA GLU C 401 -5.32 49.41 41.77
C GLU C 401 -5.28 48.42 40.63
N VAL C 402 -5.48 47.15 40.94
CA VAL C 402 -5.41 46.07 39.97
C VAL C 402 -6.82 45.60 39.64
N THR C 403 -6.91 44.73 38.63
CA THR C 403 -8.16 44.10 38.25
C THR C 403 -7.86 42.68 37.76
N PRO C 404 -8.68 41.70 38.15
CA PRO C 404 -9.89 41.79 38.99
C PRO C 404 -9.59 41.98 40.46
N SER C 405 -10.62 42.26 41.27
CA SER C 405 -10.44 42.45 42.69
C SER C 405 -10.05 41.15 43.41
N SER C 406 -10.15 40.01 42.74
CA SER C 406 -9.84 38.72 43.35
C SER C 406 -8.46 38.21 42.95
N ALA C 407 -7.62 39.04 42.35
CA ALA C 407 -6.28 38.62 41.98
C ALA C 407 -5.49 38.25 43.22
N ARG C 408 -4.69 37.18 43.11
CA ARG C 408 -3.94 36.70 44.26
C ARG C 408 -2.76 37.60 44.57
N ASN C 409 -2.10 38.13 43.55
CA ASN C 409 -0.91 38.96 43.72
C ASN C 409 -1.30 40.42 43.48
N LYS C 410 -1.81 41.07 44.53
CA LYS C 410 -2.10 42.48 44.47
C LYS C 410 -0.85 43.34 44.42
N GLU C 411 0.32 42.76 44.67
CA GLU C 411 1.57 43.49 44.74
C GLU C 411 2.20 43.56 43.36
N VAL C 412 2.74 44.74 43.02
CA VAL C 412 3.38 44.98 41.75
C VAL C 412 4.68 45.73 42.00
N THR C 413 5.56 45.70 41.00
CA THR C 413 6.85 46.38 41.09
C THR C 413 6.72 47.81 40.58
N TRP C 414 7.73 48.63 40.89
CA TRP C 414 7.78 50.03 40.53
C TRP C 414 9.04 50.32 39.73
N ALA C 415 8.92 51.18 38.72
CA ALA C 415 10.04 51.53 37.88
C ALA C 415 9.79 52.87 37.21
N ILE C 416 10.84 53.67 37.10
CA ILE C 416 10.82 54.94 36.39
C ILE C 416 11.60 54.73 35.10
N THR C 417 10.92 54.84 33.96
CA THR C 417 11.51 54.49 32.67
C THR C 417 11.82 55.72 31.83
N ALA C 418 10.83 56.56 31.54
CA ALA C 418 10.98 57.66 30.59
C ALA C 418 11.28 58.94 31.36
N GLY C 419 12.45 59.53 31.09
CA GLY C 419 12.84 60.78 31.71
C GLY C 419 13.55 60.58 33.04
N ASP C 420 14.16 61.66 33.51
CA ASP C 420 14.89 61.67 34.79
C ASP C 420 14.44 62.91 35.57
N ALA C 421 13.32 62.79 36.30
CA ALA C 421 12.84 63.88 37.12
C ALA C 421 12.40 63.46 38.51
N ALA C 422 12.22 62.17 38.78
CA ALA C 422 11.79 61.72 40.10
C ALA C 422 12.33 60.32 40.34
N THR C 423 12.41 59.95 41.62
CA THR C 423 12.86 58.64 42.04
C THR C 423 11.79 58.01 42.93
N ILE C 424 11.47 56.75 42.65
CA ILE C 424 10.48 56.00 43.39
C ILE C 424 11.15 54.78 44.00
N ASN C 425 10.53 54.26 45.05
CA ASN C 425 11.03 53.11 45.79
C ASN C 425 10.00 51.98 45.71
N ALA C 426 10.28 50.90 46.45
CA ALA C 426 9.34 49.79 46.51
C ALA C 426 8.01 50.21 47.13
N THR C 427 8.05 51.04 48.18
CA THR C 427 6.83 51.50 48.81
C THR C 427 5.93 52.23 47.81
N GLY C 428 6.52 52.81 46.77
CA GLY C 428 5.80 53.65 45.85
C GLY C 428 5.95 55.13 46.09
N LEU C 429 6.83 55.53 47.01
CA LEU C 429 7.03 56.94 47.35
C LEU C 429 7.90 57.59 46.28
N LEU C 430 7.25 58.22 45.30
CA LEU C 430 7.97 58.90 44.24
C LEU C 430 8.49 60.24 44.74
N ARG C 431 9.77 60.51 44.51
CA ARG C 431 10.43 61.69 45.03
C ARG C 431 11.12 62.42 43.89
N ALA C 432 11.02 63.75 43.90
CA ALA C 432 11.69 64.62 42.95
C ALA C 432 12.76 65.43 43.68
N ASP C 433 13.52 66.22 42.91
CA ASP C 433 14.57 67.04 43.47
C ASP C 433 14.71 68.29 42.60
N ALA C 434 15.80 69.03 42.81
CA ALA C 434 16.05 70.24 42.05
C ALA C 434 16.59 69.91 40.66
N SER C 435 16.55 70.92 39.78
CA SER C 435 17.06 70.78 38.42
C SER C 435 16.38 69.63 37.70
N LYS C 436 15.07 69.52 37.85
CA LYS C 436 14.27 68.49 37.19
C LYS C 436 13.26 69.21 36.30
N THR C 437 13.64 69.48 35.05
CA THR C 437 12.81 70.23 34.12
C THR C 437 12.26 69.36 33.00
N GLY C 438 12.12 68.07 33.23
CA GLY C 438 11.55 67.17 32.25
C GLY C 438 10.47 66.30 32.86
N ALA C 439 9.43 66.06 32.07
CA ALA C 439 8.35 65.19 32.51
C ALA C 439 8.83 63.75 32.57
N VAL C 440 8.32 63.01 33.55
CA VAL C 440 8.73 61.63 33.79
C VAL C 440 7.49 60.74 33.85
N THR C 441 7.70 59.46 33.59
CA THR C 441 6.65 58.45 33.64
C THR C 441 7.05 57.35 34.61
N VAL C 442 6.05 56.79 35.28
CA VAL C 442 6.25 55.71 36.25
C VAL C 442 5.64 54.45 35.69
N GLU C 443 6.40 53.36 35.68
CA GLU C 443 5.96 52.09 35.16
C GLU C 443 5.88 51.07 36.28
N ALA C 444 4.98 50.10 36.11
CA ALA C 444 4.78 49.02 37.07
C ALA C 444 4.78 47.69 36.33
N THR C 445 5.25 46.66 37.03
CA THR C 445 5.25 45.30 36.50
C THR C 445 4.71 44.36 37.56
N ALA C 446 3.73 43.53 37.19
CA ALA C 446 3.10 42.66 38.16
C ALA C 446 4.09 41.64 38.70
N LYS C 447 3.97 41.35 39.99
CA LYS C 447 4.83 40.35 40.61
C LYS C 447 4.48 38.93 40.19
N ASP C 448 3.29 38.69 39.68
CA ASP C 448 2.87 37.36 39.27
C ASP C 448 3.30 37.01 37.85
N GLY C 449 3.95 37.92 37.15
CA GLY C 449 4.36 37.66 35.79
C GLY C 449 3.21 37.55 34.82
N SER C 450 2.06 38.11 35.16
CA SER C 450 0.91 38.06 34.25
C SER C 450 1.21 38.79 32.95
N GLY C 451 1.86 39.94 33.03
CA GLY C 451 2.14 40.73 31.85
C GLY C 451 1.16 41.86 31.67
N VAL C 452 0.92 42.61 32.75
CA VAL C 452 0.07 43.79 32.72
C VAL C 452 0.94 45.03 32.81
N LYS C 453 0.51 46.10 32.15
CA LYS C 453 1.27 47.33 32.08
C LYS C 453 0.39 48.50 32.49
N GLY C 454 0.96 49.44 33.23
CA GLY C 454 0.25 50.64 33.63
C GLY C 454 1.11 51.87 33.46
N THR C 455 0.61 52.87 32.72
CA THR C 455 1.39 54.03 32.35
C THR C 455 0.73 55.31 32.86
N LYS C 456 1.56 56.31 33.13
CA LYS C 456 1.10 57.62 33.53
C LYS C 456 2.24 58.61 33.35
N VAL C 457 1.98 59.68 32.63
CA VAL C 457 2.97 60.73 32.39
C VAL C 457 2.65 61.87 33.35
N ILE C 458 3.58 62.17 34.24
CA ILE C 458 3.43 63.25 35.21
C ILE C 458 4.33 64.40 34.77
N THR C 459 3.75 65.59 34.69
CA THR C 459 4.48 66.79 34.25
C THR C 459 5.14 67.43 35.46
N VAL C 460 6.33 66.93 35.78
CA VAL C 460 7.13 67.51 36.86
C VAL C 460 8.07 68.55 36.25
N THR C 461 7.96 69.79 36.71
CA THR C 461 8.70 70.90 36.13
C THR C 461 9.26 71.80 37.22
N ALA C 462 9.72 72.99 36.84
CA ALA C 462 10.32 73.91 37.80
C ALA C 462 9.34 74.44 38.82
N GLY C 463 8.04 74.23 38.63
CA GLY C 463 7.06 74.68 39.58
C GLY C 463 6.72 76.15 39.41
N GLY C 464 6.03 76.68 40.43
CA GLY C 464 5.66 78.08 40.45
C GLY C 464 6.82 78.98 40.80
N MET D 1 -7.42 -29.10 -23.24
CA MET D 1 -7.71 -30.02 -22.11
C MET D 1 -8.66 -29.38 -21.11
N ASP D 2 -9.89 -29.90 -21.06
CA ASP D 2 -10.88 -29.40 -20.11
C ASP D 2 -11.73 -30.57 -19.65
N HIS D 3 -12.32 -30.42 -18.47
CA HIS D 3 -13.16 -31.44 -17.89
C HIS D 3 -14.36 -30.82 -17.20
N ARG D 4 -14.86 -29.71 -17.74
CA ARG D 4 -15.92 -28.96 -17.07
C ARG D 4 -17.13 -29.85 -16.83
N THR D 5 -17.78 -30.30 -17.90
CA THR D 5 -18.91 -31.20 -17.73
C THR D 5 -18.49 -32.45 -16.98
N SER D 6 -17.24 -32.88 -17.14
CA SER D 6 -16.76 -34.03 -16.39
C SER D 6 -16.77 -33.74 -14.89
N ILE D 7 -16.34 -32.55 -14.51
CA ILE D 7 -16.36 -32.18 -13.09
C ILE D 7 -17.80 -32.11 -12.59
N ALA D 8 -18.70 -31.51 -13.38
CA ALA D 8 -20.09 -31.45 -12.96
C ALA D 8 -20.68 -32.85 -12.78
N GLN D 9 -20.39 -33.75 -13.71
CA GLN D 9 -20.86 -35.12 -13.59
C GLN D 9 -20.28 -35.78 -12.35
N ALA D 10 -19.01 -35.51 -12.05
CA ALA D 10 -18.42 -36.08 -10.85
C ALA D 10 -19.15 -35.61 -9.61
N MET D 11 -19.44 -34.31 -9.52
CA MET D 11 -20.13 -33.81 -8.34
C MET D 11 -21.55 -34.36 -8.27
N VAL D 12 -22.23 -34.44 -9.40
CA VAL D 12 -23.62 -34.92 -9.39
C VAL D 12 -23.66 -36.38 -8.97
N ASP D 13 -22.75 -37.20 -9.49
CA ASP D 13 -22.74 -38.60 -9.09
C ASP D 13 -22.30 -38.75 -7.64
N ARG D 14 -21.39 -37.91 -7.16
CA ARG D 14 -21.05 -37.97 -5.74
C ARG D 14 -22.27 -37.68 -4.89
N ILE D 15 -23.04 -36.65 -5.25
CA ILE D 15 -24.27 -36.35 -4.53
C ILE D 15 -25.18 -37.58 -4.54
N SER D 16 -25.36 -38.18 -5.71
CA SER D 16 -26.29 -39.30 -5.82
C SER D 16 -25.85 -40.48 -4.97
N LYS D 17 -24.60 -40.93 -5.14
CA LYS D 17 -24.15 -42.12 -4.43
C LYS D 17 -24.04 -41.88 -2.93
N GLN D 18 -23.76 -40.65 -2.52
CA GLN D 18 -23.56 -40.33 -1.11
C GLN D 18 -24.77 -39.60 -0.53
N MET D 19 -25.97 -39.94 -0.99
CA MET D 19 -27.17 -39.39 -0.41
C MET D 19 -28.25 -40.43 -0.22
N ASP D 20 -28.02 -41.68 -0.58
CA ASP D 20 -28.98 -42.74 -0.32
C ASP D 20 -29.06 -42.93 1.19
N GLY D 21 -29.89 -43.87 1.62
CA GLY D 21 -30.06 -44.13 3.04
C GLY D 21 -28.96 -44.93 3.67
N SER D 22 -27.87 -45.18 2.93
CA SER D 22 -26.78 -45.99 3.45
C SER D 22 -26.07 -45.33 4.62
N GLN D 23 -26.24 -44.03 4.82
CA GLN D 23 -25.63 -43.31 5.93
C GLN D 23 -26.67 -42.45 6.61
N PRO D 24 -27.65 -43.07 7.28
CA PRO D 24 -28.67 -42.28 7.97
C PRO D 24 -28.12 -41.57 9.20
N ASP D 25 -27.13 -42.16 9.85
CA ASP D 25 -26.53 -41.55 11.03
C ASP D 25 -25.60 -40.40 10.70
N GLU D 26 -25.31 -40.16 9.43
CA GLU D 26 -24.44 -39.06 9.02
C GLU D 26 -25.16 -38.00 8.20
N TYR D 27 -26.17 -38.38 7.43
CA TYR D 27 -26.90 -37.46 6.58
C TYR D 27 -28.38 -37.45 6.93
N PHE D 28 -29.01 -36.31 6.64
CA PHE D 28 -30.40 -36.08 7.00
C PHE D 28 -31.37 -36.72 6.02
N ASN D 29 -31.30 -36.32 4.75
CA ASN D 29 -32.33 -36.62 3.78
C ASN D 29 -31.93 -37.80 2.91
N ASN D 30 -32.74 -38.04 1.89
CA ASN D 30 -32.48 -39.09 0.90
C ASN D 30 -33.09 -38.62 -0.42
N LEU D 31 -32.25 -38.07 -1.30
CA LEU D 31 -32.75 -37.54 -2.56
C LEU D 31 -33.28 -38.62 -3.48
N TYR D 32 -33.01 -39.89 -3.20
CA TYR D 32 -33.44 -40.98 -4.07
C TYR D 32 -32.98 -40.74 -5.51
N GLY D 33 -31.74 -40.26 -5.65
CA GLY D 33 -31.18 -40.06 -6.97
C GLY D 33 -31.84 -38.97 -7.78
N ASN D 34 -32.54 -38.05 -7.15
CA ASN D 34 -33.18 -36.94 -7.87
C ASN D 34 -32.22 -35.77 -8.03
N VAL D 35 -31.11 -36.05 -8.71
CA VAL D 35 -30.08 -35.06 -8.97
C VAL D 35 -29.66 -35.15 -10.42
N SER D 36 -29.48 -34.00 -11.06
CA SER D 36 -29.14 -33.94 -12.48
C SER D 36 -28.11 -32.85 -12.71
N ARG D 37 -27.38 -33.00 -13.82
CA ARG D 37 -26.37 -32.02 -14.21
C ARG D 37 -26.94 -30.80 -14.90
N GLN D 38 -28.21 -30.83 -15.31
CA GLN D 38 -28.83 -29.69 -15.95
C GLN D 38 -30.32 -29.68 -15.63
N THR D 39 -30.90 -28.49 -15.69
CA THR D 39 -32.33 -28.30 -15.52
C THR D 39 -32.85 -27.41 -16.65
N TYR D 40 -34.08 -27.69 -17.08
CA TYR D 40 -34.68 -26.91 -18.16
C TYR D 40 -35.26 -25.60 -17.64
N LYS D 41 -36.09 -25.69 -16.60
CA LYS D 41 -36.72 -24.51 -16.03
C LYS D 41 -37.41 -24.93 -14.74
N PHE D 42 -37.31 -24.09 -13.71
CA PHE D 42 -37.85 -24.46 -12.41
C PHE D 42 -39.32 -24.84 -12.48
N GLU D 43 -40.08 -24.22 -13.39
CA GLU D 43 -41.48 -24.60 -13.56
C GLU D 43 -41.61 -26.05 -14.00
N GLU D 44 -40.76 -26.49 -14.94
CA GLU D 44 -40.89 -27.83 -15.49
C GLU D 44 -40.68 -28.90 -14.43
N ILE D 45 -39.71 -28.71 -13.53
CA ILE D 45 -39.40 -29.72 -12.53
C ILE D 45 -40.68 -30.17 -11.83
N ARG D 46 -40.73 -31.45 -11.48
CA ARG D 46 -41.92 -32.04 -10.86
C ARG D 46 -41.69 -32.56 -9.45
N GLU D 47 -40.70 -33.42 -9.25
CA GLU D 47 -40.49 -34.08 -7.96
C GLU D 47 -39.55 -33.27 -7.09
N PHE D 48 -39.85 -33.22 -5.80
CA PHE D 48 -39.05 -32.51 -4.83
C PHE D 48 -38.71 -33.44 -3.66
N PRO D 49 -37.63 -33.16 -2.92
CA PRO D 49 -36.67 -32.06 -3.12
C PRO D 49 -35.75 -32.34 -4.30
N TYR D 50 -35.32 -31.32 -5.02
CA TYR D 50 -34.49 -31.49 -6.20
C TYR D 50 -33.34 -30.50 -6.15
N VAL D 51 -32.13 -31.00 -6.40
CA VAL D 51 -30.92 -30.19 -6.33
C VAL D 51 -30.30 -30.14 -7.72
N ALA D 52 -30.01 -28.94 -8.19
CA ALA D 52 -29.47 -28.72 -9.52
C ALA D 52 -28.02 -28.29 -9.43
N VAL D 53 -27.18 -28.88 -10.26
CA VAL D 53 -25.76 -28.54 -10.36
C VAL D 53 -25.56 -27.79 -11.66
N HIS D 54 -25.07 -26.56 -11.56
CA HIS D 54 -24.88 -25.70 -12.71
C HIS D 54 -23.41 -25.64 -13.10
N ILE D 55 -23.15 -24.99 -14.24
CA ILE D 55 -21.81 -24.77 -14.76
C ILE D 55 -21.60 -23.27 -14.87
N GLY D 56 -20.51 -22.78 -14.26
CA GLY D 56 -20.15 -21.40 -14.35
C GLY D 56 -18.93 -21.18 -15.22
N THR D 57 -18.31 -20.02 -15.04
CA THR D 57 -17.07 -19.73 -15.74
C THR D 57 -15.95 -20.60 -15.19
N GLU D 58 -14.76 -20.43 -15.75
CA GLU D 58 -13.59 -21.20 -15.33
C GLU D 58 -12.35 -20.33 -15.56
N THR D 59 -11.93 -19.63 -14.52
CA THR D 59 -10.72 -18.81 -14.61
C THR D 59 -9.50 -19.71 -14.71
N GLY D 60 -8.46 -19.18 -15.35
CA GLY D 60 -7.24 -19.93 -15.60
C GLY D 60 -6.01 -19.21 -15.08
N GLN D 61 -5.08 -19.98 -14.53
CA GLN D 61 -3.81 -19.47 -14.07
C GLN D 61 -2.71 -20.34 -14.64
N TYR D 62 -1.57 -19.72 -14.93
CA TYR D 62 -0.43 -20.40 -15.55
C TYR D 62 0.79 -20.29 -14.63
N LEU D 63 1.49 -21.42 -14.47
CA LEU D 63 2.64 -21.51 -13.59
C LEU D 63 3.88 -21.89 -14.41
N PRO D 64 5.07 -21.57 -13.91
CA PRO D 64 6.27 -21.68 -14.77
C PRO D 64 6.52 -23.06 -15.32
N SER D 65 6.31 -24.10 -14.52
CA SER D 65 6.77 -25.43 -14.89
C SER D 65 5.87 -26.08 -15.94
N GLY D 66 5.00 -25.32 -16.58
CA GLY D 66 3.99 -25.90 -17.43
C GLY D 66 2.75 -26.34 -16.70
N GLN D 67 2.70 -26.18 -15.37
CA GLN D 67 1.49 -26.49 -14.64
C GLN D 67 0.38 -25.55 -15.06
N GLN D 68 -0.82 -25.79 -14.54
CA GLN D 68 -1.98 -25.00 -14.92
C GLN D 68 -3.04 -25.12 -13.84
N TRP D 69 -3.26 -24.02 -13.11
CA TRP D 69 -4.35 -23.94 -12.16
C TRP D 69 -5.57 -23.37 -12.87
N MET D 70 -6.69 -24.09 -12.79
CA MET D 70 -7.97 -23.61 -13.31
C MET D 70 -9.00 -23.74 -12.20
N PHE D 71 -9.62 -22.62 -11.85
CA PHE D 71 -10.66 -22.58 -10.83
C PHE D 71 -12.01 -22.57 -11.52
N LEU D 72 -12.84 -23.56 -11.21
CA LEU D 72 -14.16 -23.72 -11.81
C LEU D 72 -15.22 -23.37 -10.78
N GLU D 73 -16.17 -22.53 -11.17
CA GLU D 73 -17.27 -22.15 -10.30
C GLU D 73 -18.46 -23.07 -10.56
N LEU D 74 -18.97 -23.67 -9.49
CA LEU D 74 -20.03 -24.66 -9.56
C LEU D 74 -21.17 -24.22 -8.68
N PRO D 75 -21.96 -23.25 -9.12
CA PRO D 75 -23.19 -22.91 -8.38
C PRO D 75 -24.07 -24.15 -8.25
N ILE D 76 -24.58 -24.38 -7.05
CA ILE D 76 -25.48 -25.49 -6.78
C ILE D 76 -26.76 -24.92 -6.21
N LEU D 77 -27.89 -25.28 -6.81
CA LEU D 77 -29.20 -24.81 -6.40
C LEU D 77 -30.00 -25.98 -5.85
N VAL D 78 -30.83 -25.70 -4.85
CA VAL D 78 -31.72 -26.69 -4.26
C VAL D 78 -33.13 -26.14 -4.28
N TYR D 79 -34.10 -27.05 -4.18
CA TYR D 79 -35.51 -26.68 -4.08
C TYR D 79 -36.20 -27.69 -3.17
N ASP D 80 -37.34 -27.27 -2.62
CA ASP D 80 -38.14 -28.17 -1.82
C ASP D 80 -39.58 -27.67 -1.77
N LYS D 81 -40.51 -28.62 -1.66
CA LYS D 81 -41.90 -28.29 -1.38
C LYS D 81 -42.09 -28.18 0.12
N GLU D 82 -42.91 -27.23 0.56
CA GLU D 82 -43.10 -26.98 1.98
C GLU D 82 -43.96 -28.10 2.56
N LYS D 83 -43.30 -29.18 2.94
CA LYS D 83 -43.99 -30.26 3.63
C LYS D 83 -44.28 -29.88 5.08
N THR D 84 -43.29 -29.30 5.76
CA THR D 84 -43.49 -28.69 7.07
C THR D 84 -43.12 -27.21 7.08
N ASP D 85 -41.95 -26.86 6.54
CA ASP D 85 -41.52 -25.47 6.46
C ASP D 85 -40.31 -25.40 5.53
N ILE D 86 -40.24 -24.33 4.75
CA ILE D 86 -39.17 -24.23 3.76
C ILE D 86 -37.83 -24.01 4.43
N GLN D 87 -37.79 -23.16 5.45
CA GLN D 87 -36.51 -22.76 6.03
C GLN D 87 -35.77 -23.96 6.62
N GLU D 88 -36.43 -24.71 7.50
CA GLU D 88 -35.76 -25.83 8.16
C GLU D 88 -35.39 -26.90 7.15
N GLN D 89 -36.27 -27.17 6.18
CA GLN D 89 -35.95 -28.17 5.17
C GLN D 89 -34.71 -27.77 4.38
N LEU D 90 -34.64 -26.50 3.98
CA LEU D 90 -33.46 -26.06 3.22
C LEU D 90 -32.22 -26.08 4.11
N GLU D 91 -32.36 -25.79 5.39
CA GLU D 91 -31.21 -25.92 6.29
C GLU D 91 -30.70 -27.35 6.32
N LYS D 92 -31.62 -28.30 6.50
CA LYS D 92 -31.23 -29.70 6.52
C LYS D 92 -30.55 -30.10 5.22
N LEU D 93 -31.15 -29.69 4.10
CA LEU D 93 -30.61 -30.08 2.80
C LEU D 93 -29.24 -29.46 2.57
N VAL D 94 -29.06 -28.19 2.92
CA VAL D 94 -27.79 -27.53 2.71
C VAL D 94 -26.73 -28.12 3.62
N ALA D 95 -27.10 -28.48 4.85
CA ALA D 95 -26.15 -29.16 5.72
C ALA D 95 -25.73 -30.48 5.11
N ASP D 96 -26.69 -31.22 4.55
CA ASP D 96 -26.34 -32.48 3.89
C ASP D 96 -25.37 -32.24 2.75
N ILE D 97 -25.64 -31.22 1.93
CA ILE D 97 -24.80 -30.96 0.77
C ILE D 97 -23.41 -30.52 1.21
N LYS D 98 -23.33 -29.69 2.24
CA LYS D 98 -22.02 -29.28 2.74
C LYS D 98 -21.25 -30.48 3.28
N THR D 99 -21.92 -31.38 3.98
CA THR D 99 -21.24 -32.58 4.44
C THR D 99 -20.76 -33.42 3.26
N VAL D 100 -21.57 -33.50 2.21
CA VAL D 100 -21.16 -34.23 1.00
C VAL D 100 -19.96 -33.55 0.35
N ILE D 101 -19.85 -32.23 0.52
CA ILE D 101 -18.82 -31.47 -0.18
C ILE D 101 -17.55 -31.28 0.63
N ASP D 102 -17.58 -31.54 1.94
CA ASP D 102 -16.43 -31.33 2.79
C ASP D 102 -15.84 -32.62 3.34
N THR D 103 -16.65 -33.67 3.54
CA THR D 103 -16.12 -34.95 3.96
C THR D 103 -15.79 -35.80 2.73
N GLY D 104 -15.11 -36.91 2.96
CA GLY D 104 -14.64 -37.73 1.88
C GLY D 104 -13.35 -37.17 1.29
N GLY D 105 -12.97 -37.74 0.16
CA GLY D 105 -11.71 -37.41 -0.46
C GLY D 105 -11.78 -36.25 -1.43
N ASN D 106 -11.41 -36.50 -2.67
CA ASN D 106 -11.36 -35.49 -3.71
C ASN D 106 -12.35 -35.82 -4.83
N LEU D 107 -12.76 -34.79 -5.55
CA LEU D 107 -13.72 -34.96 -6.62
C LEU D 107 -13.14 -35.88 -7.68
N GLU D 108 -13.72 -37.07 -7.82
CA GLU D 108 -13.27 -38.05 -8.80
C GLU D 108 -14.11 -37.91 -10.06
N TYR D 109 -13.51 -37.39 -11.13
CA TYR D 109 -14.16 -37.32 -12.42
C TYR D 109 -13.40 -38.19 -13.41
N THR D 110 -14.14 -38.81 -14.31
CA THR D 110 -13.58 -39.67 -15.34
C THR D 110 -13.39 -38.85 -16.61
N VAL D 111 -12.14 -38.67 -17.01
CA VAL D 111 -11.80 -37.91 -18.21
C VAL D 111 -11.72 -38.87 -19.37
N SER D 112 -12.52 -38.62 -20.40
CA SER D 112 -12.47 -39.41 -21.63
C SER D 112 -11.50 -38.74 -22.59
N LYS D 113 -10.47 -39.46 -23.00
CA LYS D 113 -9.46 -38.92 -23.89
C LYS D 113 -9.87 -39.11 -25.35
N PRO D 114 -9.27 -38.34 -26.26
CA PRO D 114 -9.61 -38.49 -27.70
C PRO D 114 -9.39 -39.90 -28.23
N ASN D 115 -8.36 -40.59 -27.74
CA ASN D 115 -8.13 -41.96 -28.20
C ASN D 115 -9.34 -42.84 -27.93
N GLY D 116 -10.15 -42.49 -26.92
CA GLY D 116 -11.34 -43.24 -26.60
C GLY D 116 -11.25 -43.96 -25.27
N SER D 117 -10.17 -43.72 -24.53
CA SER D 117 -9.95 -44.39 -23.25
C SER D 117 -10.22 -43.40 -22.12
N THR D 118 -10.88 -43.88 -21.08
CA THR D 118 -11.24 -43.08 -19.92
C THR D 118 -10.35 -43.47 -18.76
N PHE D 119 -9.72 -42.47 -18.14
CA PHE D 119 -8.87 -42.69 -16.98
C PHE D 119 -9.48 -42.04 -15.76
N PRO D 120 -9.42 -42.66 -14.58
CA PRO D 120 -9.84 -41.95 -13.37
C PRO D 120 -8.91 -40.78 -13.07
N CYS D 121 -9.49 -39.72 -12.52
CA CYS D 121 -8.74 -38.53 -12.14
C CYS D 121 -9.37 -37.93 -10.90
N GLU D 122 -8.61 -37.11 -10.21
CA GLU D 122 -9.05 -36.51 -8.96
C GLU D 122 -8.78 -35.01 -8.96
N ALA D 123 -9.76 -34.25 -8.51
CA ALA D 123 -9.59 -32.81 -8.34
C ALA D 123 -8.54 -32.54 -7.27
N THR D 124 -8.27 -31.26 -7.04
CA THR D 124 -7.30 -30.89 -6.02
C THR D 124 -7.98 -30.63 -4.68
N ASP D 125 -8.91 -29.68 -4.64
CA ASP D 125 -9.67 -29.42 -3.43
C ASP D 125 -11.04 -28.89 -3.82
N MET D 126 -11.77 -28.40 -2.83
CA MET D 126 -13.17 -28.02 -3.04
C MET D 126 -13.54 -27.05 -1.93
N ILE D 127 -13.52 -25.76 -2.23
CA ILE D 127 -13.82 -24.73 -1.25
C ILE D 127 -15.13 -24.05 -1.65
N ILE D 128 -16.04 -23.92 -0.71
CA ILE D 128 -17.31 -23.24 -0.94
C ILE D 128 -17.11 -21.76 -0.61
N THR D 129 -17.71 -20.91 -1.43
CA THR D 129 -17.60 -19.47 -1.20
C THR D 129 -18.69 -18.99 -0.24
N SER D 130 -19.96 -19.23 -0.58
CA SER D 130 -21.04 -18.74 0.25
C SER D 130 -22.32 -19.48 -0.09
N VAL D 131 -23.21 -19.55 0.89
CA VAL D 131 -24.55 -20.08 0.72
C VAL D 131 -25.54 -18.93 0.82
N SER D 132 -26.35 -18.75 -0.21
CA SER D 132 -27.31 -17.66 -0.27
C SER D 132 -28.71 -18.23 -0.46
N THR D 133 -29.66 -17.68 0.27
CA THR D 133 -31.06 -18.07 0.18
C THR D 133 -31.82 -16.99 -0.56
N ASP D 134 -32.60 -17.39 -1.56
CA ASP D 134 -33.41 -16.46 -2.34
C ASP D 134 -34.82 -16.46 -1.75
N GLU D 135 -34.98 -15.77 -0.62
CA GLU D 135 -36.28 -15.65 0.00
C GLU D 135 -37.18 -14.75 -0.84
N GLY D 136 -38.46 -14.72 -0.48
CA GLY D 136 -39.44 -13.99 -1.24
C GLY D 136 -40.01 -14.73 -2.42
N LEU D 137 -39.55 -15.95 -2.68
CA LEU D 137 -40.08 -16.75 -3.77
C LEU D 137 -41.40 -17.37 -3.31
N LEU D 138 -42.01 -18.19 -4.17
CA LEU D 138 -43.31 -18.77 -3.84
C LEU D 138 -43.20 -19.56 -2.54
N ALA D 139 -44.16 -19.34 -1.65
CA ALA D 139 -44.08 -19.90 -0.32
C ALA D 139 -43.82 -21.41 -0.32
N PRO D 140 -44.53 -22.21 -1.10
CA PRO D 140 -44.28 -23.66 -1.09
C PRO D 140 -43.06 -24.08 -1.89
N TYR D 141 -42.29 -23.14 -2.45
CA TYR D 141 -41.13 -23.46 -3.27
C TYR D 141 -39.96 -22.64 -2.75
N GLY D 142 -38.98 -23.32 -2.15
CA GLY D 142 -37.80 -22.68 -1.60
C GLY D 142 -36.60 -22.78 -2.53
N LEU D 143 -35.54 -22.08 -2.15
CA LEU D 143 -34.34 -22.01 -2.97
C LEU D 143 -33.17 -21.60 -2.09
N ALA D 144 -32.04 -22.27 -2.29
CA ALA D 144 -30.80 -21.91 -1.58
C ALA D 144 -29.65 -22.04 -2.55
N GLU D 145 -29.04 -20.92 -2.90
CA GLU D 145 -27.88 -20.90 -3.79
C GLU D 145 -26.63 -21.10 -2.97
N ILE D 146 -25.95 -22.23 -3.19
CA ILE D 146 -24.68 -22.54 -2.52
C ILE D 146 -23.62 -22.55 -3.60
N ASN D 147 -22.72 -21.56 -3.56
CA ASN D 147 -21.72 -21.35 -4.59
C ASN D 147 -20.43 -22.04 -4.17
N VAL D 148 -19.82 -22.76 -5.10
CA VAL D 148 -18.60 -23.52 -4.84
C VAL D 148 -17.65 -23.31 -6.00
N THR D 149 -16.36 -23.26 -5.70
CA THR D 149 -15.31 -23.07 -6.71
C THR D 149 -14.38 -24.27 -6.64
N VAL D 150 -14.58 -25.21 -7.56
CA VAL D 150 -13.74 -26.41 -7.61
C VAL D 150 -12.40 -26.05 -8.24
N ARG D 151 -11.32 -26.52 -7.64
CA ARG D 151 -9.97 -26.24 -8.10
C ARG D 151 -9.38 -27.52 -8.69
N TYR D 152 -9.20 -27.55 -10.00
CA TYR D 152 -8.73 -28.74 -10.68
C TYR D 152 -7.59 -28.37 -11.63
N GLN D 153 -6.64 -29.30 -11.76
CA GLN D 153 -5.45 -29.11 -12.56
C GLN D 153 -5.49 -30.09 -13.73
N PRO D 154 -5.43 -29.64 -14.98
CA PRO D 154 -5.61 -30.55 -16.10
C PRO D 154 -4.35 -31.33 -16.38
N PRO D 155 -4.40 -32.28 -17.32
CA PRO D 155 -3.17 -33.00 -17.68
C PRO D 155 -2.09 -32.05 -18.17
N ARG D 156 -0.86 -32.30 -17.75
CA ARG D 156 0.24 -31.40 -18.07
C ARG D 156 0.39 -31.26 -19.56
N ARG D 157 0.46 -30.02 -20.02
CA ARG D 157 0.67 -29.72 -21.43
C ARG D 157 1.17 -28.28 -21.52
N SER D 158 1.14 -27.71 -22.72
CA SER D 158 1.58 -26.34 -22.95
C SER D 158 3.04 -26.18 -22.57
N LEU D 159 3.84 -27.21 -22.85
CA LEU D 159 5.26 -27.14 -22.53
C LEU D 159 5.92 -25.97 -23.27
N ARG D 160 5.60 -25.81 -24.54
CA ARG D 160 6.21 -24.77 -25.36
C ARG D 160 5.32 -23.53 -25.41
N MET E 1 -23.83 -28.71 8.42
CA MET E 1 -23.57 -28.27 9.82
C MET E 1 -23.70 -26.75 9.90
N ASP E 2 -24.45 -26.17 8.98
CA ASP E 2 -24.57 -24.71 8.93
C ASP E 2 -25.21 -24.17 10.20
N HIS E 3 -26.35 -24.71 10.59
CA HIS E 3 -27.13 -24.18 11.71
C HIS E 3 -27.65 -22.78 11.42
N ARG E 4 -27.67 -22.38 10.15
CA ARG E 4 -28.15 -21.05 9.81
C ARG E 4 -29.57 -20.84 10.33
N THR E 5 -30.49 -21.75 9.99
CA THR E 5 -31.84 -21.61 10.51
C THR E 5 -31.91 -21.90 11.99
N SER E 6 -30.99 -22.71 12.52
CA SER E 6 -30.90 -22.83 13.97
C SER E 6 -30.54 -21.48 14.58
N ILE E 7 -29.65 -20.74 13.93
CA ILE E 7 -29.34 -19.38 14.39
C ILE E 7 -30.58 -18.50 14.31
N ALA E 8 -31.36 -18.65 13.24
CA ALA E 8 -32.58 -17.85 13.12
C ALA E 8 -33.54 -18.15 14.27
N GLN E 9 -33.71 -19.43 14.59
CA GLN E 9 -34.57 -19.80 15.71
C GLN E 9 -34.01 -19.27 17.02
N ALA E 10 -32.69 -19.28 17.17
CA ALA E 10 -32.08 -18.70 18.36
C ALA E 10 -32.44 -17.23 18.46
N MET E 11 -32.38 -16.51 17.35
CA MET E 11 -32.77 -15.11 17.36
C MET E 11 -34.24 -14.95 17.76
N VAL E 12 -35.13 -15.71 17.13
CA VAL E 12 -36.55 -15.49 17.35
C VAL E 12 -36.89 -15.76 18.82
N ASP E 13 -36.39 -16.88 19.37
CA ASP E 13 -36.73 -17.19 20.75
C ASP E 13 -35.99 -16.31 21.75
N ARG E 14 -34.76 -15.86 21.44
CA ARG E 14 -34.12 -14.90 22.34
C ARG E 14 -34.95 -13.62 22.41
N ILE E 15 -35.36 -13.09 21.25
CA ILE E 15 -36.14 -11.87 21.25
C ILE E 15 -37.45 -12.08 22.00
N SER E 16 -38.13 -13.21 21.75
CA SER E 16 -39.41 -13.45 22.38
C SER E 16 -39.28 -13.59 23.89
N LYS E 17 -38.36 -14.45 24.36
CA LYS E 17 -38.16 -14.62 25.78
C LYS E 17 -37.84 -13.28 26.43
N GLN E 18 -36.87 -12.57 25.87
CA GLN E 18 -36.56 -11.24 26.36
C GLN E 18 -37.65 -10.27 25.93
N MET E 19 -37.56 -9.03 26.40
CA MET E 19 -38.55 -8.01 26.05
C MET E 19 -39.95 -8.46 26.45
N ASP E 20 -40.09 -8.87 27.71
CA ASP E 20 -41.36 -9.28 28.27
C ASP E 20 -41.69 -8.43 29.48
N GLY E 21 -42.91 -8.63 30.00
CA GLY E 21 -43.34 -7.89 31.17
C GLY E 21 -42.49 -8.13 32.40
N SER E 22 -41.64 -9.16 32.37
CA SER E 22 -40.77 -9.44 33.51
C SER E 22 -39.81 -8.29 33.76
N GLN E 23 -39.27 -7.69 32.71
CA GLN E 23 -38.21 -6.68 32.82
C GLN E 23 -38.62 -5.43 32.07
N PRO E 24 -39.59 -4.67 32.61
CA PRO E 24 -39.99 -3.42 31.95
C PRO E 24 -39.08 -2.26 32.25
N ASP E 25 -38.45 -2.24 33.42
CA ASP E 25 -37.53 -1.15 33.74
C ASP E 25 -36.29 -1.16 32.86
N GLU E 26 -36.02 -2.28 32.17
CA GLU E 26 -34.85 -2.41 31.32
C GLU E 26 -35.19 -2.32 29.83
N TYR E 27 -36.26 -2.98 29.39
CA TYR E 27 -36.70 -2.94 28.01
C TYR E 27 -38.04 -2.21 27.93
N PHE E 28 -38.25 -1.51 26.81
CA PHE E 28 -39.39 -0.64 26.66
C PHE E 28 -40.69 -1.38 26.38
N ASN E 29 -40.76 -2.10 25.26
CA ASN E 29 -42.01 -2.64 24.78
C ASN E 29 -42.14 -4.13 25.10
N ASN E 30 -43.35 -4.62 24.95
CA ASN E 30 -43.69 -6.03 25.14
C ASN E 30 -44.26 -6.56 23.84
N LEU E 31 -43.93 -7.81 23.51
CA LEU E 31 -44.41 -8.42 22.27
C LEU E 31 -45.40 -9.54 22.50
N TYR E 32 -45.54 -10.05 23.72
CA TYR E 32 -46.45 -11.15 24.02
C TYR E 32 -46.16 -12.35 23.12
N GLY E 33 -44.89 -12.57 22.81
CA GLY E 33 -44.51 -13.63 21.90
C GLY E 33 -44.92 -13.39 20.46
N ASN E 34 -44.87 -12.14 20.00
CA ASN E 34 -45.18 -11.82 18.60
C ASN E 34 -43.88 -11.64 17.82
N VAL E 35 -43.25 -12.77 17.51
CA VAL E 35 -41.95 -12.80 16.84
C VAL E 35 -41.91 -14.05 15.96
N SER E 36 -41.28 -13.93 14.80
CA SER E 36 -41.18 -15.07 13.90
C SER E 36 -40.15 -14.78 12.82
N ARG E 37 -39.36 -15.80 12.48
CA ARG E 37 -38.43 -15.67 11.36
C ARG E 37 -39.14 -15.80 10.02
N GLN E 38 -40.33 -16.36 9.99
CA GLN E 38 -41.07 -16.47 8.74
C GLN E 38 -41.51 -15.09 8.30
N THR E 39 -41.07 -14.67 7.11
CA THR E 39 -41.50 -13.40 6.56
C THR E 39 -42.87 -13.56 5.90
N TYR E 40 -43.73 -12.57 6.08
CA TYR E 40 -45.04 -12.54 5.46
C TYR E 40 -45.21 -11.24 4.68
N LYS E 41 -46.22 -11.24 3.81
CA LYS E 41 -46.63 -10.03 3.14
C LYS E 41 -46.96 -8.95 4.18
N PHE E 42 -46.57 -7.72 3.88
CA PHE E 42 -46.79 -6.64 4.84
C PHE E 42 -48.27 -6.46 5.15
N GLU E 43 -49.12 -6.53 4.13
CA GLU E 43 -50.56 -6.42 4.36
C GLU E 43 -51.11 -7.56 5.21
N GLU E 44 -50.36 -8.65 5.36
CA GLU E 44 -50.88 -9.83 6.01
C GLU E 44 -50.73 -9.82 7.53
N ILE E 45 -49.90 -8.93 8.07
CA ILE E 45 -49.63 -8.96 9.51
C ILE E 45 -50.94 -8.84 10.28
N ARG E 46 -51.08 -9.64 11.32
CA ARG E 46 -52.32 -9.66 12.09
C ARG E 46 -52.39 -8.45 13.04
N GLU E 47 -51.26 -8.07 13.63
CA GLU E 47 -51.29 -7.02 14.65
C GLU E 47 -49.89 -6.44 14.78
N PHE E 48 -49.81 -5.29 15.43
CA PHE E 48 -48.55 -4.58 15.60
C PHE E 48 -48.35 -4.18 17.06
N PRO E 49 -47.09 -3.99 17.50
CA PRO E 49 -45.84 -4.11 16.74
C PRO E 49 -45.45 -5.56 16.48
N TYR E 50 -44.75 -5.82 15.37
CA TYR E 50 -44.33 -7.16 15.01
C TYR E 50 -42.94 -7.08 14.41
N VAL E 51 -42.16 -8.14 14.60
CA VAL E 51 -40.77 -8.18 14.17
C VAL E 51 -40.57 -9.41 13.29
N ALA E 52 -39.71 -9.27 12.28
CA ALA E 52 -39.43 -10.34 11.35
C ALA E 52 -37.92 -10.50 11.21
N VAL E 53 -37.47 -11.74 11.09
CA VAL E 53 -36.05 -12.06 10.97
C VAL E 53 -35.82 -12.72 9.62
N HIS E 54 -34.93 -12.13 8.83
CA HIS E 54 -34.49 -12.74 7.58
C HIS E 54 -33.19 -13.48 7.80
N ILE E 55 -32.89 -14.39 6.88
CA ILE E 55 -31.62 -15.11 6.87
C ILE E 55 -30.92 -14.73 5.58
N GLY E 56 -29.87 -13.92 5.69
CA GLY E 56 -29.16 -13.40 4.55
C GLY E 56 -28.07 -14.35 4.07
N THR E 57 -27.15 -13.79 3.29
CA THR E 57 -26.02 -14.56 2.82
C THR E 57 -25.11 -14.93 3.98
N GLU E 58 -24.41 -16.05 3.83
CA GLU E 58 -23.54 -16.60 4.87
C GLU E 58 -22.17 -16.90 4.24
N THR E 59 -21.30 -15.91 4.22
CA THR E 59 -19.94 -16.12 3.73
C THR E 59 -19.16 -16.96 4.72
N GLY E 60 -18.11 -17.62 4.23
CA GLY E 60 -17.28 -18.44 5.09
C GLY E 60 -15.84 -18.53 4.64
N GLN E 61 -14.92 -18.39 5.59
CA GLN E 61 -13.50 -18.59 5.36
C GLN E 61 -13.04 -19.80 6.17
N TYR E 62 -12.09 -20.52 5.62
CA TYR E 62 -11.54 -21.71 6.26
C TYR E 62 -10.29 -21.35 7.05
N LEU E 63 -9.90 -22.25 7.95
CA LEU E 63 -8.68 -22.10 8.71
C LEU E 63 -7.90 -23.40 8.68
N PRO E 64 -6.59 -23.34 8.94
CA PRO E 64 -5.75 -24.52 8.68
C PRO E 64 -6.21 -25.79 9.35
N SER E 65 -6.67 -25.73 10.61
CA SER E 65 -7.00 -26.93 11.36
C SER E 65 -8.44 -27.38 11.15
N GLY E 66 -9.05 -27.01 10.04
CA GLY E 66 -10.44 -27.33 9.79
C GLY E 66 -11.43 -26.35 10.38
N GLN E 67 -10.96 -25.38 11.17
CA GLN E 67 -11.86 -24.39 11.73
C GLN E 67 -12.44 -23.53 10.61
N GLN E 68 -13.71 -23.21 10.73
CA GLN E 68 -14.41 -22.41 9.74
C GLN E 68 -14.84 -21.10 10.39
N TRP E 69 -14.64 -20.00 9.67
CA TRP E 69 -15.09 -18.69 10.11
C TRP E 69 -16.21 -18.25 9.18
N MET E 70 -17.44 -18.56 9.57
CA MET E 70 -18.61 -18.25 8.76
C MET E 70 -19.27 -17.01 9.34
N PHE E 71 -19.45 -15.99 8.51
CA PHE E 71 -20.11 -14.75 8.91
C PHE E 71 -21.52 -14.75 8.36
N LEU E 72 -22.48 -15.17 9.19
CA LEU E 72 -23.88 -15.21 8.81
C LEU E 72 -24.49 -13.84 9.05
N GLU E 73 -25.29 -13.38 8.09
CA GLU E 73 -25.91 -12.07 8.14
C GLU E 73 -27.38 -12.20 8.47
N LEU E 74 -27.83 -11.44 9.46
CA LEU E 74 -29.23 -11.41 9.88
C LEU E 74 -29.79 -10.01 9.69
N PRO E 75 -30.61 -9.77 8.67
CA PRO E 75 -31.35 -8.51 8.61
C PRO E 75 -32.64 -8.61 9.39
N ILE E 76 -32.83 -7.70 10.35
CA ILE E 76 -34.00 -7.67 11.21
C ILE E 76 -34.88 -6.51 10.77
N LEU E 77 -36.15 -6.79 10.54
CA LEU E 77 -37.13 -5.77 10.18
C LEU E 77 -38.20 -5.72 11.26
N VAL E 78 -38.77 -4.54 11.46
CA VAL E 78 -39.81 -4.33 12.45
C VAL E 78 -40.89 -3.44 11.84
N TYR E 79 -42.15 -3.78 12.11
CA TYR E 79 -43.29 -3.03 11.59
C TYR E 79 -44.17 -2.59 12.74
N ASP E 80 -44.76 -1.40 12.61
CA ASP E 80 -45.67 -0.87 13.60
C ASP E 80 -46.55 0.18 12.95
N LYS E 81 -47.70 0.43 13.59
CA LYS E 81 -48.66 1.41 13.11
C LYS E 81 -48.47 2.74 13.85
N GLU E 82 -48.88 3.82 13.19
CA GLU E 82 -48.76 5.15 13.77
C GLU E 82 -49.89 5.37 14.76
N LYS E 83 -49.64 4.97 16.01
CA LYS E 83 -50.62 5.17 17.07
C LYS E 83 -50.37 6.48 17.82
N THR E 84 -49.13 6.73 18.23
CA THR E 84 -48.75 7.97 18.90
C THR E 84 -47.80 8.80 18.06
N ASP E 85 -46.67 8.21 17.65
CA ASP E 85 -45.74 8.88 16.76
C ASP E 85 -44.86 7.81 16.13
N ILE E 86 -44.89 7.72 14.80
CA ILE E 86 -44.19 6.63 14.13
C ILE E 86 -42.72 6.59 14.54
N GLN E 87 -42.05 7.74 14.54
CA GLN E 87 -40.62 7.75 14.78
C GLN E 87 -40.29 7.25 16.18
N GLU E 88 -41.02 7.74 17.19
CA GLU E 88 -40.67 7.40 18.56
C GLU E 88 -40.81 5.90 18.80
N GLN E 89 -41.97 5.33 18.48
CA GLN E 89 -42.18 3.91 18.74
C GLN E 89 -41.23 3.07 17.91
N LEU E 90 -40.93 3.49 16.68
CA LEU E 90 -39.92 2.80 15.90
C LEU E 90 -38.58 2.87 16.61
N GLU E 91 -38.21 4.04 17.11
CA GLU E 91 -36.97 4.17 17.88
C GLU E 91 -37.04 3.36 19.16
N LYS E 92 -38.19 3.34 19.81
CA LYS E 92 -38.34 2.50 21.00
C LYS E 92 -38.02 1.05 20.68
N LEU E 93 -38.63 0.53 19.61
CA LEU E 93 -38.42 -0.86 19.24
C LEU E 93 -36.96 -1.11 18.87
N VAL E 94 -36.36 -0.20 18.12
CA VAL E 94 -34.99 -0.41 17.68
C VAL E 94 -34.05 -0.38 18.87
N ALA E 95 -34.30 0.50 19.84
CA ALA E 95 -33.47 0.54 21.04
C ALA E 95 -33.63 -0.75 21.84
N ASP E 96 -34.85 -1.25 21.97
CA ASP E 96 -35.05 -2.52 22.66
C ASP E 96 -34.32 -3.65 21.95
N ILE E 97 -34.41 -3.69 20.63
CA ILE E 97 -33.72 -4.72 19.86
C ILE E 97 -32.22 -4.63 20.09
N LYS E 98 -31.67 -3.41 20.06
CA LYS E 98 -30.24 -3.25 20.27
C LYS E 98 -29.85 -3.70 21.67
N THR E 99 -30.67 -3.38 22.67
CA THR E 99 -30.36 -3.79 24.03
C THR E 99 -30.34 -5.31 24.15
N VAL E 100 -31.34 -5.98 23.58
CA VAL E 100 -31.36 -7.44 23.66
C VAL E 100 -30.22 -8.05 22.85
N ILE E 101 -29.79 -7.39 21.79
CA ILE E 101 -28.68 -7.91 21.00
C ILE E 101 -27.38 -7.79 21.77
N ASP E 102 -27.18 -6.68 22.48
CA ASP E 102 -25.90 -6.43 23.13
C ASP E 102 -25.84 -7.06 24.52
N THR E 103 -26.73 -6.66 25.41
CA THR E 103 -26.68 -7.14 26.78
C THR E 103 -26.97 -8.63 26.84
N GLY E 104 -26.49 -9.25 27.92
CA GLY E 104 -26.74 -10.67 28.13
C GLY E 104 -25.68 -11.54 27.48
N GLY E 105 -25.84 -12.84 27.69
CA GLY E 105 -24.92 -13.80 27.12
C GLY E 105 -25.06 -13.90 25.62
N ASN E 106 -24.07 -14.54 25.00
CA ASN E 106 -24.06 -14.70 23.56
C ASN E 106 -25.21 -15.62 23.14
N LEU E 107 -25.34 -15.83 21.83
CA LEU E 107 -26.39 -16.70 21.32
C LEU E 107 -26.20 -18.12 21.84
N GLU E 108 -27.32 -18.78 22.14
CA GLU E 108 -27.34 -20.19 22.51
C GLU E 108 -28.24 -20.89 21.50
N TYR E 109 -27.65 -21.30 20.39
CA TYR E 109 -28.40 -21.90 19.29
C TYR E 109 -28.24 -23.41 19.31
N THR E 110 -29.36 -24.10 19.15
CA THR E 110 -29.39 -25.55 19.25
C THR E 110 -28.88 -26.17 17.95
N VAL E 111 -27.98 -27.13 18.09
CA VAL E 111 -27.45 -27.88 16.95
C VAL E 111 -28.17 -29.21 16.88
N SER E 112 -28.79 -29.50 15.74
CA SER E 112 -29.51 -30.74 15.51
C SER E 112 -28.69 -31.65 14.61
N LYS E 113 -28.64 -32.92 14.98
CA LYS E 113 -27.83 -33.93 14.31
C LYS E 113 -28.73 -35.06 13.83
N PRO E 114 -28.30 -35.82 12.81
CA PRO E 114 -29.21 -36.82 12.25
C PRO E 114 -29.67 -37.85 13.27
N ASN E 115 -28.80 -38.24 14.19
CA ASN E 115 -29.17 -39.20 15.24
C ASN E 115 -29.65 -38.50 16.49
N GLY E 116 -30.60 -37.59 16.32
CA GLY E 116 -31.19 -36.86 17.43
C GLY E 116 -30.20 -36.38 18.47
N SER E 117 -28.94 -36.18 18.06
CA SER E 117 -27.87 -35.79 18.99
C SER E 117 -27.85 -34.27 19.13
N THR E 118 -28.91 -33.75 19.74
CA THR E 118 -29.09 -32.32 19.89
C THR E 118 -28.34 -31.84 21.13
N PHE E 119 -27.30 -31.04 20.93
CA PHE E 119 -26.61 -30.38 22.02
C PHE E 119 -26.35 -28.93 21.66
N PRO E 120 -26.20 -28.05 22.66
CA PRO E 120 -26.16 -26.62 22.38
C PRO E 120 -24.76 -26.11 22.06
N CYS E 121 -24.71 -25.16 21.13
CA CYS E 121 -23.48 -24.45 20.79
C CYS E 121 -23.74 -22.96 20.81
N GLU E 122 -22.68 -22.19 21.00
CA GLU E 122 -22.78 -20.76 21.24
C GLU E 122 -21.87 -20.01 20.26
N ALA E 123 -22.38 -18.90 19.74
CA ALA E 123 -21.62 -18.06 18.82
C ALA E 123 -20.56 -17.28 19.58
N THR E 124 -19.89 -16.37 18.89
CA THR E 124 -18.86 -15.55 19.52
C THR E 124 -19.13 -14.06 19.41
N ASP E 125 -19.62 -13.59 18.27
CA ASP E 125 -19.64 -12.17 17.95
C ASP E 125 -21.05 -11.70 17.63
N MET E 126 -21.29 -10.42 17.87
CA MET E 126 -22.55 -9.77 17.51
C MET E 126 -22.28 -8.28 17.30
N ILE E 127 -22.38 -7.80 16.08
CA ILE E 127 -22.19 -6.39 15.78
C ILE E 127 -23.33 -5.92 14.89
N ILE E 128 -24.04 -4.90 15.34
CA ILE E 128 -25.10 -4.28 14.55
C ILE E 128 -24.44 -3.22 13.69
N THR E 129 -24.04 -3.60 12.49
CA THR E 129 -23.20 -2.72 11.69
C THR E 129 -23.91 -1.41 11.35
N SER E 130 -25.20 -1.48 11.01
CA SER E 130 -25.90 -0.29 10.59
C SER E 130 -27.39 -0.45 10.85
N VAL E 131 -28.04 0.65 11.21
CA VAL E 131 -29.47 0.68 11.44
C VAL E 131 -30.07 1.74 10.53
N SER E 132 -31.15 1.38 9.85
CA SER E 132 -31.83 2.29 8.94
C SER E 132 -33.32 2.02 8.97
N THR E 133 -34.08 3.00 8.49
CA THR E 133 -35.53 2.89 8.43
C THR E 133 -36.03 3.48 7.13
N ASP E 134 -37.23 3.04 6.74
CA ASP E 134 -37.86 3.52 5.52
C ASP E 134 -38.58 4.83 5.80
N GLU E 135 -38.41 5.80 4.91
CA GLU E 135 -39.09 7.07 4.99
C GLU E 135 -40.00 7.25 3.79
N GLY E 136 -41.18 7.82 4.05
CA GLY E 136 -42.14 8.07 3.00
C GLY E 136 -43.13 6.96 2.73
N LEU E 137 -43.09 5.86 3.49
CA LEU E 137 -44.06 4.80 3.31
C LEU E 137 -45.42 5.27 3.80
N LEU E 138 -46.42 4.38 3.74
CA LEU E 138 -47.74 4.71 4.24
C LEU E 138 -47.62 5.31 5.63
N ALA E 139 -48.21 6.48 5.81
CA ALA E 139 -48.09 7.20 7.08
C ALA E 139 -48.38 6.32 8.28
N PRO E 140 -49.47 5.55 8.33
CA PRO E 140 -49.68 4.68 9.48
C PRO E 140 -48.55 3.68 9.69
N TYR E 141 -47.96 3.18 8.61
CA TYR E 141 -47.00 2.09 8.69
C TYR E 141 -45.59 2.61 8.86
N GLY E 142 -44.72 1.74 9.40
CA GLY E 142 -43.33 2.09 9.60
C GLY E 142 -42.45 0.86 9.48
N LEU E 143 -41.18 1.11 9.19
CA LEU E 143 -40.23 0.02 8.94
C LEU E 143 -38.83 0.46 9.32
N ALA E 144 -38.17 -0.34 10.17
CA ALA E 144 -36.78 -0.10 10.54
C ALA E 144 -36.00 -1.38 10.35
N GLU E 145 -34.87 -1.28 9.67
CA GLU E 145 -34.03 -2.42 9.34
C GLU E 145 -32.76 -2.38 10.17
N ILE E 146 -32.37 -3.54 10.70
CA ILE E 146 -31.17 -3.68 11.51
C ILE E 146 -30.33 -4.79 10.90
N ASN E 147 -29.06 -4.51 10.66
CA ASN E 147 -28.16 -5.44 9.99
C ASN E 147 -27.25 -6.08 11.03
N VAL E 148 -27.63 -7.26 11.51
CA VAL E 148 -26.84 -8.01 12.47
C VAL E 148 -25.98 -9.00 11.69
N THR E 149 -24.68 -8.97 11.94
CA THR E 149 -23.73 -9.85 11.29
C THR E 149 -23.18 -10.78 12.37
N VAL E 150 -23.88 -11.89 12.59
CA VAL E 150 -23.46 -12.85 13.59
C VAL E 150 -22.31 -13.67 13.02
N ARG E 151 -21.20 -13.69 13.74
CA ARG E 151 -20.02 -14.48 13.37
C ARG E 151 -19.93 -15.65 14.32
N TYR E 152 -19.95 -16.86 13.76
CA TYR E 152 -20.06 -18.07 14.55
C TYR E 152 -19.09 -19.11 14.02
N GLN E 153 -18.47 -19.85 14.94
CA GLN E 153 -17.54 -20.91 14.58
C GLN E 153 -18.27 -22.23 14.71
N PRO E 154 -18.58 -22.93 13.62
CA PRO E 154 -19.33 -24.16 13.74
C PRO E 154 -18.54 -25.21 14.51
N PRO E 155 -19.21 -26.12 15.21
CA PRO E 155 -18.47 -27.15 15.93
C PRO E 155 -17.80 -28.12 14.99
N ARG E 156 -16.90 -27.61 14.15
CA ARG E 156 -16.30 -28.42 13.10
C ARG E 156 -15.63 -29.67 13.64
N ARG E 157 -15.15 -29.65 14.88
CA ARG E 157 -14.44 -30.79 15.42
C ARG E 157 -15.30 -32.05 15.46
N SER E 158 -16.62 -31.90 15.37
CA SER E 158 -17.49 -33.06 15.32
C SER E 158 -17.38 -33.76 13.96
N LEU E 159 -17.68 -33.04 12.88
CA LEU E 159 -17.64 -33.59 11.54
C LEU E 159 -18.46 -34.88 11.44
N MET F 1 15.27 -14.67 -33.31
CA MET F 1 14.93 -13.63 -32.29
C MET F 1 13.65 -14.00 -31.54
N SER F 2 13.70 -13.91 -30.22
CA SER F 2 12.52 -14.19 -29.39
C SER F 2 12.81 -13.64 -27.99
N LEU F 3 11.76 -13.64 -27.18
CA LEU F 3 11.85 -13.24 -25.77
C LEU F 3 11.58 -14.43 -24.88
N GLN F 4 12.40 -14.61 -23.87
CA GLN F 4 12.21 -15.70 -22.93
C GLN F 4 11.16 -15.31 -21.90
N LEU F 5 10.23 -16.22 -21.65
CA LEU F 5 9.13 -15.99 -20.71
C LEU F 5 9.30 -16.91 -19.51
N LEU F 6 9.24 -16.33 -18.31
CA LEU F 6 9.35 -17.16 -17.12
C LEU F 6 8.33 -18.28 -17.10
N ARG F 7 7.18 -18.07 -17.75
CA ARG F 7 6.16 -19.11 -17.82
C ARG F 7 6.67 -20.36 -18.52
N ASN F 8 7.75 -20.26 -19.28
CA ASN F 8 8.28 -21.37 -20.06
C ASN F 8 9.63 -21.83 -19.55
N THR F 9 9.78 -21.93 -18.23
CA THR F 9 11.04 -22.38 -17.62
C THR F 9 10.81 -23.69 -16.89
N ARG F 10 11.76 -24.60 -17.04
CA ARG F 10 11.74 -25.89 -16.35
C ARG F 10 13.03 -26.03 -15.57
N ILE F 11 12.92 -26.52 -14.34
CA ILE F 11 14.06 -26.64 -13.43
C ILE F 11 14.38 -28.11 -13.25
N PHE F 12 15.65 -28.46 -13.41
CA PHE F 12 16.13 -29.82 -13.26
C PHE F 12 17.15 -29.88 -12.15
N VAL F 13 17.29 -31.05 -11.55
CA VAL F 13 18.28 -31.31 -10.51
C VAL F 13 19.00 -32.59 -10.88
N SER F 14 20.33 -32.55 -10.87
CA SER F 14 21.13 -33.71 -11.24
C SER F 14 22.26 -33.87 -10.23
N THR F 15 22.62 -35.12 -9.98
CA THR F 15 23.71 -35.42 -9.07
C THR F 15 25.08 -35.36 -9.73
N VAL F 16 25.12 -35.39 -11.05
CA VAL F 16 26.38 -35.32 -11.79
C VAL F 16 26.19 -34.37 -12.97
N LYS F 17 27.22 -34.27 -13.80
CA LYS F 17 27.21 -33.38 -14.95
C LYS F 17 27.16 -34.11 -16.28
N THR F 18 27.23 -35.44 -16.28
CA THR F 18 27.30 -36.19 -17.52
C THR F 18 26.63 -37.55 -17.33
N GLY F 19 26.32 -38.20 -18.44
CA GLY F 19 25.64 -39.47 -18.39
C GLY F 19 24.27 -39.38 -17.75
N HIS F 20 23.50 -38.36 -18.10
CA HIS F 20 22.22 -38.12 -17.44
C HIS F 20 21.23 -39.22 -17.77
N ASN F 21 20.44 -39.61 -16.77
CA ASN F 21 19.44 -40.64 -16.92
C ASN F 21 18.28 -40.32 -15.99
N LYS F 22 17.16 -41.01 -16.19
CA LYS F 22 15.98 -40.75 -15.38
C LYS F 22 16.23 -40.99 -13.90
N THR F 23 17.25 -41.77 -13.55
CA THR F 23 17.55 -42.08 -12.16
C THR F 23 18.48 -41.05 -11.52
N ASN F 24 19.43 -40.52 -12.28
CA ASN F 24 20.40 -39.57 -11.75
C ASN F 24 20.01 -38.12 -12.01
N THR F 25 18.82 -37.85 -12.54
CA THR F 25 18.37 -36.50 -12.81
C THR F 25 16.86 -36.50 -12.89
N GLN F 26 16.25 -35.33 -12.73
CA GLN F 26 14.80 -35.25 -12.76
C GLN F 26 14.36 -33.80 -12.79
N GLU F 27 13.16 -33.59 -13.34
CA GLU F 27 12.54 -32.28 -13.36
C GLU F 27 11.70 -32.09 -12.10
N ILE F 28 11.73 -30.89 -11.55
CA ILE F 28 10.94 -30.54 -10.38
C ILE F 28 10.03 -29.38 -10.74
N LEU F 29 8.73 -29.57 -10.53
CA LEU F 29 7.75 -28.55 -10.87
C LEU F 29 7.84 -27.44 -9.84
N VAL F 30 8.09 -26.21 -10.30
CA VAL F 30 8.30 -25.08 -9.41
C VAL F 30 7.03 -24.23 -9.41
N GLN F 31 7.00 -23.25 -8.53
CA GLN F 31 5.97 -22.23 -8.49
C GLN F 31 6.55 -20.91 -9.00
N ASP F 32 5.68 -19.93 -9.21
CA ASP F 32 6.13 -18.68 -9.80
C ASP F 32 7.17 -17.97 -8.93
N ASP F 33 7.27 -18.32 -7.65
CA ASP F 33 8.24 -17.68 -6.76
C ASP F 33 9.61 -18.31 -6.98
N ILE F 34 10.13 -18.12 -8.18
CA ILE F 34 11.43 -18.66 -8.59
C ILE F 34 12.35 -17.48 -8.88
N SER F 35 13.61 -17.60 -8.45
CA SER F 35 14.58 -16.54 -8.68
C SER F 35 15.97 -17.11 -8.52
N TRP F 36 16.89 -16.60 -9.33
CA TRP F 36 18.29 -17.02 -9.25
C TRP F 36 19.15 -15.92 -9.85
N GLY F 37 20.45 -16.01 -9.59
CA GLY F 37 21.38 -15.03 -10.10
C GLY F 37 22.74 -15.21 -9.47
N GLN F 38 23.64 -14.29 -9.81
CA GLN F 38 25.00 -14.34 -9.30
C GLN F 38 25.57 -12.92 -9.31
N ASP F 39 25.60 -12.28 -8.16
CA ASP F 39 26.13 -10.94 -8.05
C ASP F 39 27.64 -10.99 -7.76
N SER F 40 28.27 -9.84 -7.91
CA SER F 40 29.73 -9.73 -7.83
C SER F 40 30.13 -8.59 -6.90
N ASN F 41 31.25 -8.78 -6.21
CA ASN F 41 31.81 -7.73 -5.39
C ASN F 41 32.56 -6.72 -6.26
N SER F 42 32.96 -5.61 -5.65
CA SER F 42 33.65 -4.56 -6.39
C SER F 42 34.33 -3.61 -5.41
N THR F 43 35.50 -3.13 -5.80
CA THR F 43 36.28 -2.20 -4.98
C THR F 43 36.60 -0.97 -5.81
N ASP F 44 36.50 0.20 -5.19
CA ASP F 44 36.80 1.47 -5.83
C ASP F 44 37.97 2.10 -5.09
N ILE F 45 39.02 2.46 -5.83
CA ILE F 45 40.19 3.11 -5.26
C ILE F 45 40.18 4.56 -5.71
N THR F 46 40.35 5.47 -4.76
CA THR F 46 40.37 6.90 -5.02
C THR F 46 41.42 7.56 -4.14
N VAL F 47 41.81 8.77 -4.52
CA VAL F 47 42.93 9.45 -3.91
C VAL F 47 42.46 10.74 -3.24
N ASN F 48 43.29 11.24 -2.32
CA ASN F 48 42.98 12.46 -1.60
C ASN F 48 44.30 13.10 -1.16
N GLU F 49 44.66 14.21 -1.80
CA GLU F 49 45.82 14.99 -1.39
C GLU F 49 45.44 16.46 -1.39
N ALA F 50 46.11 17.22 -0.52
CA ALA F 50 45.72 18.60 -0.25
C ALA F 50 46.07 19.57 -1.38
N GLY F 51 46.79 19.14 -2.40
CA GLY F 51 47.28 20.04 -3.41
C GLY F 51 46.15 20.76 -4.12
N PRO F 52 46.35 22.03 -4.46
CA PRO F 52 45.32 22.75 -5.23
C PRO F 52 45.07 22.05 -6.56
N ARG F 53 43.85 22.16 -7.04
CA ARG F 53 43.47 21.41 -8.22
C ARG F 53 43.65 19.92 -7.94
N PRO F 54 42.82 19.34 -7.08
CA PRO F 54 43.03 17.95 -6.68
C PRO F 54 42.82 16.97 -7.82
N THR F 55 42.91 15.68 -7.50
CA THR F 55 42.73 14.60 -8.47
C THR F 55 41.38 13.94 -8.19
N ARG F 56 40.35 14.44 -8.86
CA ARG F 56 39.01 13.87 -8.73
C ARG F 56 38.86 12.75 -9.75
N GLY F 57 38.82 11.51 -9.27
CA GLY F 57 38.65 10.38 -10.17
C GLY F 57 38.71 9.10 -9.38
N SER F 58 38.34 8.01 -10.04
CA SER F 58 38.31 6.71 -9.40
C SER F 58 38.38 5.63 -10.48
N LYS F 59 38.60 4.41 -10.03
CA LYS F 59 38.64 3.25 -10.92
C LYS F 59 38.05 2.06 -10.20
N ARG F 60 37.67 1.04 -10.96
CA ARG F 60 37.03 -0.13 -10.41
C ARG F 60 37.79 -1.39 -10.77
N PHE F 61 37.72 -2.39 -9.89
CA PHE F 61 38.27 -3.70 -10.13
C PHE F 61 37.27 -4.76 -9.69
N ASN F 62 37.04 -5.75 -10.53
CA ASN F 62 36.18 -6.87 -10.19
C ASN F 62 37.00 -7.87 -9.40
N ASP F 63 36.91 -7.80 -8.07
CA ASP F 63 37.79 -8.59 -7.21
C ASP F 63 37.44 -10.07 -7.25
N SER F 64 36.16 -10.40 -7.07
CA SER F 64 35.75 -11.78 -6.91
C SER F 64 34.32 -11.92 -7.42
N LEU F 65 33.64 -12.98 -7.02
CA LEU F 65 32.28 -13.24 -7.46
C LEU F 65 31.55 -13.99 -6.37
N ASN F 66 30.50 -13.39 -5.82
CA ASN F 66 29.75 -14.03 -4.75
C ASN F 66 29.12 -15.32 -5.25
N ALA F 67 29.03 -16.30 -4.36
CA ALA F 67 28.40 -17.56 -4.71
C ALA F 67 26.97 -17.32 -5.17
N ALA F 68 26.59 -17.99 -6.25
CA ALA F 68 25.24 -17.82 -6.79
C ALA F 68 24.21 -18.16 -5.73
N GLU F 69 23.01 -17.62 -5.92
CA GLU F 69 21.88 -17.87 -5.03
C GLU F 69 20.70 -18.34 -5.87
N TRP F 70 19.70 -18.88 -5.19
CA TRP F 70 18.56 -19.42 -5.91
C TRP F 70 17.50 -19.85 -4.92
N SER F 71 16.26 -19.94 -5.39
CA SER F 71 15.16 -20.39 -4.55
C SER F 71 13.92 -20.63 -5.39
N PHE F 72 13.21 -21.73 -5.13
CA PHE F 72 11.96 -22.02 -5.80
C PHE F 72 11.08 -22.81 -4.86
N SER F 73 9.79 -22.82 -5.16
CA SER F 73 8.81 -23.50 -4.33
C SER F 73 8.14 -24.62 -5.12
N THR F 74 8.11 -25.81 -4.54
CA THR F 74 7.51 -26.97 -5.17
C THR F 74 6.47 -27.56 -4.23
N TYR F 75 5.28 -27.83 -4.75
CA TYR F 75 4.25 -28.47 -3.94
C TYR F 75 4.70 -29.87 -3.55
N ILE F 76 4.38 -30.26 -2.32
CA ILE F 76 4.71 -31.60 -1.84
C ILE F 76 3.73 -32.57 -2.46
N LEU F 77 4.25 -33.64 -3.06
CA LEU F 77 3.43 -34.56 -3.87
C LEU F 77 3.89 -35.99 -3.64
N PRO F 78 3.44 -36.63 -2.56
CA PRO F 78 3.71 -38.06 -2.38
C PRO F 78 2.83 -38.89 -3.30
N TYR F 79 3.43 -39.91 -3.91
CA TYR F 79 2.68 -40.83 -4.76
C TYR F 79 3.42 -42.15 -4.86
N LYS F 80 2.70 -43.18 -5.26
CA LYS F 80 3.28 -44.51 -5.44
C LYS F 80 3.82 -44.63 -6.86
N ASP F 81 5.03 -45.15 -6.98
CA ASP F 81 5.67 -45.31 -8.27
C ASP F 81 5.44 -46.73 -8.77
N LYS F 82 4.90 -46.86 -9.97
CA LYS F 82 4.59 -48.17 -10.51
C LYS F 82 5.83 -49.04 -10.64
N ASN F 83 7.00 -48.44 -10.91
CA ASN F 83 8.20 -49.24 -11.07
C ASN F 83 8.58 -49.95 -9.79
N THR F 84 8.51 -49.26 -8.66
CA THR F 84 8.93 -49.81 -7.38
C THR F 84 7.79 -50.09 -6.42
N SER F 85 6.58 -49.62 -6.72
CA SER F 85 5.43 -49.82 -5.85
C SER F 85 5.73 -49.31 -4.44
N LYS F 86 6.40 -48.16 -4.37
CA LYS F 86 6.72 -47.54 -3.09
C LYS F 86 6.43 -46.05 -3.18
N GLN F 87 6.05 -45.47 -2.05
CA GLN F 87 5.75 -44.05 -1.99
C GLN F 87 7.02 -43.25 -2.22
N ILE F 88 6.90 -42.17 -3.00
CA ILE F 88 8.01 -41.28 -3.31
C ILE F 88 7.43 -39.90 -3.55
N VAL F 89 8.31 -38.91 -3.65
CA VAL F 89 7.91 -37.55 -4.01
C VAL F 89 8.75 -37.15 -5.22
N PRO F 90 8.28 -36.23 -6.06
CA PRO F 90 9.05 -35.91 -7.27
C PRO F 90 10.44 -35.41 -6.95
N ASP F 91 10.57 -34.43 -6.07
CA ASP F 91 11.86 -33.78 -5.83
C ASP F 91 12.63 -34.49 -4.73
N TYR F 92 12.80 -35.80 -4.87
CA TYR F 92 13.40 -36.57 -3.79
C TYR F 92 14.91 -36.38 -3.70
N MET F 93 15.62 -36.18 -4.81
CA MET F 93 17.02 -35.84 -4.68
C MET F 93 17.20 -34.53 -3.91
N LEU F 94 16.22 -33.62 -3.99
CA LEU F 94 16.32 -32.38 -3.23
C LEU F 94 16.28 -32.65 -1.73
N TRP F 95 15.32 -33.46 -1.28
CA TRP F 95 15.30 -33.84 0.12
C TRP F 95 16.60 -34.53 0.50
N HIS F 96 17.11 -35.39 -0.38
CA HIS F 96 18.36 -36.06 -0.06
C HIS F 96 19.49 -35.06 0.12
N ALA F 97 19.58 -34.07 -0.77
CA ALA F 97 20.64 -33.08 -0.67
C ALA F 97 20.52 -32.28 0.62
N LEU F 98 19.28 -31.93 0.99
CA LEU F 98 19.09 -31.23 2.24
C LEU F 98 19.49 -32.10 3.44
N SER F 99 19.32 -33.41 3.32
CA SER F 99 19.52 -34.30 4.46
C SER F 99 20.95 -34.76 4.64
N SER F 100 21.50 -35.47 3.66
CA SER F 100 22.77 -36.16 3.86
C SER F 100 23.72 -35.86 2.72
N GLY F 101 25.00 -36.11 2.97
CA GLY F 101 26.02 -35.97 1.95
C GLY F 101 26.42 -37.29 1.34
N ARG F 102 25.91 -38.39 1.90
CA ARG F 102 26.20 -39.70 1.35
C ARG F 102 25.48 -39.88 0.02
N ALA F 103 26.03 -40.74 -0.83
CA ALA F 103 25.40 -41.00 -2.12
C ALA F 103 23.98 -41.52 -1.92
N ILE F 104 23.06 -41.00 -2.72
CA ILE F 104 21.64 -41.32 -2.54
C ILE F 104 21.43 -42.82 -2.60
N ASN F 105 20.57 -43.33 -1.73
CA ASN F 105 20.24 -44.75 -1.70
C ASN F 105 18.82 -44.87 -1.13
N LEU F 106 17.84 -45.05 -2.01
CA LEU F 106 16.45 -45.04 -1.57
C LEU F 106 16.15 -46.16 -0.60
N GLU F 107 16.65 -47.36 -0.86
CA GLU F 107 16.33 -48.52 -0.03
C GLU F 107 16.91 -48.43 1.37
N GLY F 108 17.82 -47.50 1.62
CA GLY F 108 18.54 -47.47 2.89
C GLY F 108 17.65 -47.22 4.08
N THR F 109 18.26 -46.81 5.20
CA THR F 109 17.52 -46.54 6.43
C THR F 109 17.80 -45.16 6.99
N THR F 110 18.61 -44.34 6.33
CA THR F 110 18.90 -42.99 6.78
C THR F 110 18.76 -42.03 5.62
N GLY F 111 18.41 -40.78 5.94
CA GLY F 111 18.23 -39.79 4.90
C GLY F 111 17.05 -40.12 4.02
N ALA F 112 17.15 -39.77 2.75
CA ALA F 112 16.05 -39.90 1.80
C ALA F 112 15.88 -41.38 1.45
N HIS F 113 15.37 -42.14 2.41
CA HIS F 113 15.04 -43.53 2.20
C HIS F 113 13.53 -43.69 2.27
N ASN F 114 12.95 -44.26 1.21
CA ASN F 114 11.52 -44.46 1.13
C ASN F 114 11.14 -45.83 1.65
N ASN F 115 9.85 -46.02 1.88
CA ASN F 115 9.32 -47.30 2.32
C ASN F 115 8.00 -47.55 1.60
N ALA F 116 7.66 -48.83 1.46
CA ALA F 116 6.41 -49.17 0.79
C ALA F 116 5.24 -48.41 1.39
N THR F 117 5.20 -48.29 2.72
CA THR F 117 4.12 -47.56 3.36
C THR F 117 4.22 -46.08 3.08
N ASN F 118 5.41 -45.51 3.12
CA ASN F 118 5.57 -44.07 3.00
C ASN F 118 7.02 -43.74 2.68
N PHE F 119 7.24 -42.51 2.26
CA PHE F 119 8.57 -41.98 2.00
C PHE F 119 8.99 -41.07 3.15
N MET F 120 10.17 -41.34 3.70
CA MET F 120 10.66 -40.61 4.87
C MET F 120 12.03 -40.04 4.57
N VAL F 121 12.33 -38.91 5.20
CA VAL F 121 13.67 -38.32 5.18
C VAL F 121 14.15 -38.22 6.61
N ASN F 122 15.34 -38.76 6.86
CA ASN F 122 15.88 -38.89 8.20
C ASN F 122 17.18 -38.11 8.30
N PHE F 123 17.21 -37.10 9.17
CA PHE F 123 18.36 -36.22 9.26
C PHE F 123 19.56 -36.88 9.92
N LYS F 124 19.38 -38.07 10.49
CA LYS F 124 20.52 -38.83 10.97
C LYS F 124 21.46 -39.10 9.80
N ASP F 125 22.75 -39.12 10.08
CA ASP F 125 23.76 -39.26 9.03
C ASP F 125 23.73 -38.07 8.09
N ASN F 126 23.76 -36.87 8.67
CA ASN F 126 23.96 -35.64 7.93
C ASN F 126 25.26 -34.95 8.33
N SER F 127 26.06 -35.58 9.18
CA SER F 127 27.34 -35.00 9.61
C SER F 127 28.30 -35.07 8.44
N TYR F 128 28.45 -33.92 7.77
CA TYR F 128 29.33 -33.82 6.61
C TYR F 128 29.73 -32.38 6.43
N HIS F 129 31.03 -32.16 6.17
CA HIS F 129 31.49 -30.81 5.88
C HIS F 129 30.91 -30.30 4.58
N GLU F 130 30.56 -31.20 3.66
CA GLU F 130 29.97 -30.84 2.39
C GLU F 130 28.82 -31.79 2.10
N LEU F 131 27.60 -31.26 2.08
CA LEU F 131 26.43 -32.07 1.81
C LEU F 131 26.47 -32.53 0.35
N ALA F 132 25.45 -33.24 -0.08
CA ALA F 132 25.44 -33.76 -1.45
C ALA F 132 25.52 -32.61 -2.44
N MET F 133 26.43 -32.74 -3.40
CA MET F 133 26.64 -31.70 -4.40
C MET F 133 25.61 -31.85 -5.50
N LEU F 134 24.84 -30.79 -5.74
CA LEU F 134 23.83 -30.77 -6.77
C LEU F 134 24.17 -29.73 -7.83
N HIS F 135 23.77 -30.01 -9.06
CA HIS F 135 23.94 -29.10 -10.18
C HIS F 135 22.58 -28.89 -10.82
N ILE F 136 22.00 -27.71 -10.61
CA ILE F 136 20.64 -27.42 -11.07
C ILE F 136 20.73 -26.91 -12.50
N TYR F 137 20.16 -27.67 -13.44
CA TYR F 137 20.12 -27.29 -14.84
C TYR F 137 18.81 -26.57 -15.10
N ILE F 138 18.88 -25.29 -15.46
CA ILE F 138 17.70 -24.45 -15.65
C ILE F 138 17.51 -24.23 -17.14
N LEU F 139 16.32 -24.56 -17.64
CA LEU F 139 15.93 -24.35 -19.02
C LEU F 139 14.84 -23.30 -19.05
N THR F 140 15.02 -22.28 -19.89
CA THR F 140 14.02 -21.23 -20.09
C THR F 140 13.80 -21.08 -21.59
N ASP F 141 12.56 -21.28 -22.03
CA ASP F 141 12.25 -21.19 -23.45
C ASP F 141 13.15 -22.16 -24.19
N LYS F 142 14.33 -21.71 -24.59
CA LYS F 142 15.29 -22.55 -25.29
C LYS F 142 16.72 -22.40 -24.78
N THR F 143 17.02 -21.36 -24.01
CA THR F 143 18.37 -21.18 -23.50
C THR F 143 18.65 -22.19 -22.39
N TRP F 144 19.93 -22.45 -22.16
CA TRP F 144 20.37 -23.42 -21.17
C TRP F 144 21.33 -22.74 -20.20
N SER F 145 21.09 -22.94 -18.90
CA SER F 145 21.93 -22.38 -17.87
C SER F 145 21.88 -23.30 -16.65
N TYR F 146 23.03 -23.49 -16.02
CA TYR F 146 23.12 -24.42 -14.91
C TYR F 146 24.07 -23.85 -13.87
N ILE F 147 23.91 -24.33 -12.64
CA ILE F 147 24.73 -23.92 -11.50
C ILE F 147 25.67 -25.07 -11.18
N ASP F 148 26.96 -24.77 -11.08
CA ASP F 148 27.97 -25.83 -11.00
C ASP F 148 27.69 -26.76 -9.82
N SER F 149 27.83 -26.25 -8.60
CA SER F 149 27.70 -27.07 -7.41
C SER F 149 27.00 -26.26 -6.34
N CYS F 150 25.85 -26.72 -5.90
CA CYS F 150 25.05 -26.03 -4.91
C CYS F 150 24.63 -27.01 -3.82
N GLN F 151 24.45 -26.48 -2.62
CA GLN F 151 24.00 -27.26 -1.48
C GLN F 151 22.78 -26.59 -0.88
N ILE F 152 21.73 -27.36 -0.66
CA ILE F 152 20.50 -26.76 -0.15
C ILE F 152 20.76 -26.17 1.22
N ASN F 153 20.29 -24.94 1.43
CA ASN F 153 20.52 -24.20 2.65
C ASN F 153 19.27 -24.06 3.52
N GLN F 154 18.10 -23.94 2.91
CA GLN F 154 16.89 -23.73 3.67
C GLN F 154 15.71 -24.37 2.97
N ALA F 155 14.79 -24.92 3.74
CA ALA F 155 13.54 -25.45 3.23
C ALA F 155 12.43 -24.96 4.15
N GLU F 156 11.70 -23.93 3.72
CA GLU F 156 10.69 -23.30 4.54
C GLU F 156 9.33 -23.89 4.20
N VAL F 157 8.58 -24.28 5.23
CA VAL F 157 7.23 -24.81 5.06
C VAL F 157 6.29 -23.89 5.82
N ASN F 158 5.37 -23.28 5.09
CA ASN F 158 4.42 -22.32 5.66
C ASN F 158 3.01 -22.85 5.45
N VAL F 159 2.24 -22.94 6.54
CA VAL F 159 0.89 -23.47 6.47
C VAL F 159 -0.17 -22.39 6.56
N ASP F 160 0.12 -21.26 7.21
CA ASP F 160 -0.91 -20.24 7.40
C ASP F 160 -1.56 -19.85 6.07
N ILE F 161 -0.78 -19.83 4.99
CA ILE F 161 -1.35 -19.55 3.68
C ILE F 161 -2.36 -20.64 3.35
N GLU F 162 -3.57 -20.22 2.97
CA GLU F 162 -4.67 -21.16 2.80
C GLU F 162 -4.46 -22.10 1.62
N ASP F 163 -3.61 -21.73 0.68
CA ASP F 163 -3.40 -22.55 -0.50
C ASP F 163 -2.78 -23.90 -0.10
N ILE F 164 -2.62 -24.76 -1.10
CA ILE F 164 -2.01 -26.06 -0.85
C ILE F 164 -0.64 -25.88 -0.21
N GLY F 165 -0.20 -26.91 0.52
CA GLY F 165 1.08 -26.81 1.20
C GLY F 165 2.22 -26.67 0.21
N ARG F 166 3.22 -25.87 0.60
CA ARG F 166 4.35 -25.57 -0.25
C ARG F 166 5.64 -25.64 0.54
N VAL F 167 6.74 -25.86 -0.16
CA VAL F 167 8.07 -25.85 0.42
C VAL F 167 8.91 -24.89 -0.40
N THR F 168 9.69 -24.04 0.28
CA THR F 168 10.51 -23.04 -0.40
C THR F 168 11.97 -23.43 -0.23
N TRP F 169 12.46 -24.25 -1.15
CA TRP F 169 13.87 -24.59 -1.14
C TRP F 169 14.70 -23.33 -1.35
N SER F 170 15.99 -23.44 -1.01
CA SER F 170 16.91 -22.34 -1.24
C SER F 170 18.32 -22.84 -0.96
N GLY F 171 19.28 -22.29 -1.69
CA GLY F 171 20.65 -22.71 -1.55
C GLY F 171 21.61 -21.65 -2.05
N ASN F 172 22.79 -22.11 -2.44
CA ASN F 172 23.80 -21.23 -3.01
C ASN F 172 24.60 -22.03 -4.03
N GLY F 173 25.25 -21.31 -4.93
CA GLY F 173 25.95 -21.95 -6.05
C GLY F 173 27.30 -21.35 -6.29
N ASN F 174 28.22 -22.20 -6.75
CA ASN F 174 29.58 -21.76 -7.04
C ASN F 174 29.60 -20.71 -8.14
N GLN F 175 28.99 -21.02 -9.27
CA GLN F 175 29.06 -20.14 -10.42
C GLN F 175 27.96 -20.51 -11.40
N LEU F 176 27.27 -19.50 -11.91
CA LEU F 176 26.21 -19.69 -12.90
C LEU F 176 26.85 -19.61 -14.27
N ILE F 177 27.05 -20.76 -14.90
CA ILE F 177 27.66 -20.84 -16.23
C ILE F 177 26.54 -21.03 -17.25
N PRO F 178 26.34 -20.09 -18.17
CA PRO F 178 25.38 -20.35 -19.25
C PRO F 178 25.87 -21.45 -20.17
N LEU F 179 24.91 -22.18 -20.74
CA LEU F 179 25.19 -23.31 -21.63
C LEU F 179 24.69 -23.01 -23.03
N ASP F 180 25.48 -23.42 -24.03
CA ASP F 180 25.14 -23.16 -25.42
C ASP F 180 24.49 -24.34 -26.11
N GLU F 181 24.80 -25.57 -25.71
CA GLU F 181 24.23 -26.76 -26.31
C GLU F 181 23.42 -27.52 -25.26
N GLN F 182 22.38 -28.19 -25.71
CA GLN F 182 21.50 -28.89 -24.79
C GLN F 182 22.27 -30.00 -24.09
N PRO F 183 22.03 -30.25 -22.80
CA PRO F 183 22.75 -31.34 -22.13
C PRO F 183 22.12 -32.70 -22.39
N PHE F 184 20.79 -32.77 -22.50
CA PHE F 184 20.12 -34.05 -22.70
C PHE F 184 18.73 -33.79 -23.25
N ASP F 185 18.10 -34.84 -23.76
CA ASP F 185 16.76 -34.71 -24.28
C ASP F 185 15.81 -34.37 -23.14
N PRO F 186 15.18 -33.19 -23.14
CA PRO F 186 14.34 -32.84 -21.99
C PRO F 186 13.10 -33.70 -21.87
N ASP F 187 12.44 -34.01 -22.98
CA ASP F 187 11.19 -34.74 -22.90
C ASP F 187 11.39 -36.11 -22.25
N GLN F 188 12.45 -36.82 -22.64
CA GLN F 188 12.71 -38.12 -22.04
C GLN F 188 12.97 -37.99 -20.55
N ILE F 189 13.86 -37.07 -20.16
CA ILE F 189 14.23 -36.95 -18.75
C ILE F 189 13.09 -36.35 -17.94
N GLY F 190 12.43 -35.32 -18.47
CA GLY F 190 11.37 -34.69 -17.72
C GLY F 190 10.23 -35.65 -17.41
N ILE F 191 9.48 -35.32 -16.37
CA ILE F 191 8.41 -36.22 -15.95
C ILE F 191 7.39 -36.33 -17.07
N ASP F 192 7.01 -37.56 -17.39
CA ASP F 192 6.11 -37.84 -18.49
C ASP F 192 4.67 -37.55 -18.07
N ASP F 193 3.76 -37.61 -19.04
CA ASP F 193 2.38 -37.25 -18.77
C ASP F 193 1.76 -38.14 -17.69
N GLU F 194 2.02 -39.45 -17.76
CA GLU F 194 1.35 -40.37 -16.86
C GLU F 194 1.71 -40.10 -15.41
N THR F 195 2.98 -39.81 -15.13
CA THR F 195 3.37 -39.49 -13.76
C THR F 195 2.65 -38.24 -13.28
N TYR F 196 2.54 -37.23 -14.14
CA TYR F 196 1.77 -36.05 -13.77
C TYR F 196 0.33 -36.41 -13.47
N MET F 197 -0.26 -37.28 -14.30
CA MET F 197 -1.64 -37.67 -14.10
C MET F 197 -1.81 -38.36 -12.76
N THR F 198 -0.86 -39.19 -12.37
CA THR F 198 -0.90 -39.84 -11.07
C THR F 198 -0.74 -38.82 -9.95
N ILE F 199 0.14 -37.83 -10.15
CA ILE F 199 0.49 -36.91 -9.09
C ILE F 199 -0.66 -35.97 -8.76
N GLN F 200 -1.36 -35.47 -9.78
CA GLN F 200 -2.34 -34.42 -9.53
C GLN F 200 -3.35 -34.82 -8.47
N GLY F 201 -3.65 -36.10 -8.34
CA GLY F 201 -4.58 -36.55 -7.32
C GLY F 201 -3.90 -36.87 -6.01
N SER F 202 -2.85 -36.10 -5.67
CA SER F 202 -2.11 -36.32 -4.44
C SER F 202 -1.78 -35.04 -3.70
N TYR F 203 -2.31 -33.90 -4.14
CA TYR F 203 -2.02 -32.64 -3.47
C TYR F 203 -2.48 -32.72 -2.02
N ILE F 204 -1.86 -31.89 -1.17
CA ILE F 204 -2.18 -31.84 0.25
C ILE F 204 -2.76 -30.48 0.56
N LYS F 205 -3.87 -30.46 1.29
CA LYS F 205 -4.55 -29.22 1.63
C LYS F 205 -4.21 -28.82 3.06
N ASN F 206 -3.74 -27.59 3.23
CA ASN F 206 -3.53 -27.08 4.58
C ASN F 206 -4.84 -26.82 5.29
N LYS F 207 -5.97 -26.91 4.59
CA LYS F 207 -7.26 -26.76 5.24
C LYS F 207 -7.43 -27.78 6.35
N LEU F 208 -6.72 -28.90 6.28
CA LEU F 208 -6.73 -29.94 7.31
C LEU F 208 -5.30 -30.09 7.80
N THR F 209 -4.97 -29.45 8.91
CA THR F 209 -3.63 -29.53 9.49
C THR F 209 -3.76 -29.65 11.00
N ILE F 210 -3.87 -30.89 11.48
CA ILE F 210 -3.99 -31.17 12.91
C ILE F 210 -2.59 -31.20 13.49
N LEU F 211 -2.47 -30.80 14.75
CA LEU F 211 -1.20 -30.77 15.46
C LEU F 211 -1.29 -31.65 16.70
N LYS F 212 -0.21 -32.37 16.98
CA LYS F 212 -0.08 -33.17 18.19
C LYS F 212 1.14 -32.67 18.94
N ILE F 213 0.95 -32.28 20.19
CA ILE F 213 2.02 -31.76 21.02
C ILE F 213 1.83 -32.28 22.43
N LYS F 214 2.89 -32.86 22.99
CA LYS F 214 2.82 -33.46 24.32
C LYS F 214 4.08 -33.12 25.09
N ASP F 215 3.91 -32.76 26.35
CA ASP F 215 5.03 -32.40 27.21
C ASP F 215 5.65 -33.66 27.79
N MET F 216 6.92 -33.91 27.47
CA MET F 216 7.56 -35.12 27.96
C MET F 216 7.69 -35.11 29.47
N ASP F 217 7.88 -33.94 30.08
CA ASP F 217 8.06 -33.89 31.52
C ASP F 217 6.81 -34.39 32.25
N THR F 218 5.65 -33.82 31.92
CA THR F 218 4.42 -34.14 32.62
C THR F 218 3.52 -35.11 31.87
N ASN F 219 3.93 -35.59 30.69
CA ASN F 219 3.17 -36.57 29.94
C ASN F 219 1.71 -36.13 29.78
N LYS F 220 1.53 -34.91 29.32
CA LYS F 220 0.22 -34.33 29.09
C LYS F 220 0.08 -34.00 27.61
N SER F 221 -1.01 -34.42 27.00
CA SER F 221 -1.24 -34.21 25.57
C SER F 221 -2.20 -33.05 25.38
N TYR F 222 -1.74 -32.01 24.72
CA TYR F 222 -2.53 -30.80 24.50
C TYR F 222 -3.26 -30.90 23.17
N ASP F 223 -4.56 -30.65 23.20
CA ASP F 223 -5.39 -30.65 21.99
C ASP F 223 -5.51 -29.21 21.52
N ILE F 224 -4.80 -28.88 20.45
CA ILE F 224 -4.66 -27.49 20.01
C ILE F 224 -4.96 -27.37 18.52
N PRO F 225 -5.91 -26.54 18.11
CA PRO F 225 -6.06 -26.26 16.67
C PRO F 225 -5.22 -25.09 16.22
N ILE F 226 -4.56 -25.23 15.09
CA ILE F 226 -3.64 -24.21 14.61
C ILE F 226 -4.40 -23.18 13.79
N THR F 227 -3.90 -21.94 13.79
CA THR F 227 -4.33 -20.94 12.84
C THR F 227 -3.24 -20.57 11.83
N GLY F 228 -1.99 -20.85 12.16
CA GLY F 228 -0.89 -20.62 11.23
C GLY F 228 0.36 -21.20 11.85
N GLY F 229 1.42 -21.19 11.07
CA GLY F 229 2.67 -21.71 11.55
C GLY F 229 3.58 -22.13 10.43
N THR F 230 4.86 -22.24 10.76
CA THR F 230 5.88 -22.60 9.79
C THR F 230 6.95 -23.40 10.50
N PHE F 231 7.68 -24.18 9.72
CA PHE F 231 8.89 -24.84 10.21
C PHE F 231 9.91 -24.86 9.09
N THR F 232 11.17 -24.59 9.45
CA THR F 232 12.24 -24.45 8.46
C THR F 232 13.39 -25.35 8.86
N ILE F 233 14.14 -25.80 7.86
CA ILE F 233 15.35 -26.58 8.07
C ILE F 233 16.50 -25.79 7.48
N ASN F 234 17.39 -25.30 8.34
CA ASN F 234 18.48 -24.44 7.93
C ASN F 234 19.80 -25.16 8.18
N ASN F 235 20.65 -25.20 7.17
CA ASN F 235 21.99 -25.75 7.31
C ASN F 235 23.06 -24.68 7.51
N ASN F 236 22.72 -23.40 7.33
CA ASN F 236 23.67 -22.31 7.51
C ASN F 236 24.93 -22.55 6.68
N ILE F 237 24.75 -23.11 5.49
CA ILE F 237 25.89 -23.41 4.64
C ILE F 237 26.61 -22.11 4.30
N THR F 238 27.91 -22.09 4.51
CA THR F 238 28.76 -20.94 4.20
C THR F 238 29.74 -21.32 3.11
N TYR F 239 30.06 -20.36 2.26
CA TYR F 239 30.94 -20.59 1.11
C TYR F 239 32.24 -19.83 1.29
N LEU F 240 33.35 -20.57 1.23
CA LEU F 240 34.68 -20.00 1.30
C LEU F 240 35.09 -19.53 -0.09
N THR F 241 35.80 -18.41 -0.14
CA THR F 241 36.33 -17.91 -1.41
C THR F 241 37.75 -17.41 -1.22
N PRO F 242 38.65 -17.68 -2.16
CA PRO F 242 40.02 -17.14 -2.05
C PRO F 242 39.97 -15.62 -2.04
N ASN F 243 41.14 -15.03 -1.81
CA ASN F 243 41.27 -13.57 -1.72
C ASN F 243 42.44 -13.09 -2.57
N VAL F 244 42.58 -13.66 -3.76
CA VAL F 244 43.57 -13.17 -4.71
C VAL F 244 43.13 -11.81 -5.21
N MET F 245 44.07 -10.88 -5.30
CA MET F 245 43.74 -9.53 -5.76
C MET F 245 43.91 -9.38 -7.26
N SER F 246 45.00 -9.91 -7.82
CA SER F 246 45.30 -9.62 -9.22
C SER F 246 44.26 -10.22 -10.16
N ARG F 247 43.82 -11.44 -9.92
CA ARG F 247 42.90 -12.15 -10.79
C ARG F 247 41.57 -12.35 -10.07
N VAL F 248 40.48 -12.22 -10.82
CA VAL F 248 39.16 -12.41 -10.23
C VAL F 248 38.93 -13.90 -9.99
N THR F 249 38.42 -14.23 -8.81
CA THR F 249 38.31 -15.62 -8.37
C THR F 249 36.86 -16.03 -8.25
N ILE F 250 36.65 -17.25 -7.77
CA ILE F 250 35.32 -17.85 -7.63
C ILE F 250 35.33 -18.65 -6.32
N PRO F 251 34.23 -18.69 -5.56
CA PRO F 251 34.22 -19.55 -4.38
C PRO F 251 34.44 -21.01 -4.77
N ILE F 252 35.27 -21.70 -3.99
CA ILE F 252 35.67 -23.05 -4.33
C ILE F 252 35.04 -24.10 -3.42
N GLY F 253 35.00 -23.87 -2.11
CA GLY F 253 34.52 -24.87 -1.18
C GLY F 253 33.30 -24.38 -0.41
N SER F 254 32.90 -25.19 0.56
CA SER F 254 31.79 -24.83 1.43
C SER F 254 31.93 -25.58 2.75
N PHE F 255 31.49 -24.93 3.83
CA PHE F 255 31.49 -25.51 5.16
C PHE F 255 30.07 -25.46 5.69
N THR F 256 29.50 -26.63 5.97
CA THR F 256 28.16 -26.68 6.53
C THR F 256 28.12 -25.98 7.89
N GLY F 257 27.04 -25.25 8.14
CA GLY F 257 26.89 -24.54 9.38
C GLY F 257 26.36 -25.43 10.48
N ALA F 258 25.36 -24.94 11.21
CA ALA F 258 24.74 -25.67 12.31
C ALA F 258 23.31 -26.02 11.95
N PHE F 259 22.96 -27.30 12.09
CA PHE F 259 21.61 -27.74 11.81
C PHE F 259 20.63 -26.99 12.69
N GLU F 260 19.50 -26.56 12.10
CA GLU F 260 18.51 -25.76 12.82
C GLU F 260 17.13 -26.10 12.26
N LEU F 261 16.40 -26.96 12.96
CA LEU F 261 15.03 -27.33 12.58
C LEU F 261 14.05 -26.41 13.31
N THR F 262 14.29 -25.11 13.16
CA THR F 262 13.47 -24.11 13.82
C THR F 262 12.06 -24.11 13.24
N GLY F 263 11.07 -23.80 14.08
CA GLY F 263 9.70 -23.74 13.65
C GLY F 263 8.87 -22.93 14.61
N SER F 264 7.66 -22.58 14.16
CA SER F 264 6.77 -21.74 14.93
C SER F 264 5.34 -22.23 14.79
N LEU F 265 4.51 -21.86 15.76
CA LEU F 265 3.10 -22.21 15.78
C LEU F 265 2.31 -21.01 16.27
N THR F 266 1.02 -21.02 15.98
CA THR F 266 0.13 -19.98 16.51
C THR F 266 -1.28 -20.53 16.56
N ALA F 267 -2.03 -20.08 17.55
CA ALA F 267 -3.37 -20.60 17.77
C ALA F 267 -4.19 -19.59 18.55
N TYR F 268 -5.50 -19.82 18.60
CA TYR F 268 -6.39 -18.99 19.38
C TYR F 268 -6.41 -19.44 20.83
N LEU F 269 -6.99 -18.59 21.68
CA LEU F 269 -7.09 -18.88 23.11
C LEU F 269 -8.35 -19.72 23.34
N ASN F 270 -8.16 -20.96 23.77
CA ASN F 270 -9.27 -21.87 24.04
C ASN F 270 -9.21 -22.28 25.50
N ASP F 271 -10.32 -22.08 26.21
CA ASP F 271 -10.36 -22.36 27.64
C ASP F 271 -10.60 -23.82 27.97
N LYS F 272 -10.99 -24.63 27.00
CA LYS F 272 -11.26 -26.03 27.27
C LYS F 272 -10.00 -26.72 27.75
N SER F 273 -10.20 -27.80 28.51
CA SER F 273 -9.08 -28.49 29.13
C SER F 273 -8.09 -28.95 28.07
N LEU F 274 -6.80 -28.87 28.40
CA LEU F 274 -5.73 -29.28 27.50
C LEU F 274 -5.80 -28.51 26.18
N GLY F 275 -6.19 -27.25 26.26
CA GLY F 275 -6.18 -26.35 25.13
C GLY F 275 -5.08 -25.32 25.22
N SER F 276 -5.22 -24.27 24.42
CA SER F 276 -4.20 -23.23 24.41
C SER F 276 -4.02 -22.61 25.79
N MET F 277 -5.12 -22.42 26.52
CA MET F 277 -5.02 -21.82 27.85
C MET F 277 -4.15 -22.66 28.76
N GLU F 278 -4.34 -23.98 28.75
CA GLU F 278 -3.55 -24.84 29.62
C GLU F 278 -2.07 -24.73 29.28
N LEU F 279 -1.73 -24.75 28.00
CA LEU F 279 -0.33 -24.64 27.60
C LEU F 279 0.24 -23.30 28.02
N TYR F 280 -0.49 -22.23 27.78
CA TYR F 280 -0.03 -20.90 28.18
C TYR F 280 0.25 -20.86 29.68
N LYS F 281 -0.72 -21.28 30.48
CA LYS F 281 -0.59 -21.21 31.92
C LYS F 281 0.58 -22.06 32.39
N ASP F 282 0.68 -23.28 31.87
CA ASP F 282 1.76 -24.17 32.31
C ASP F 282 3.12 -23.61 31.96
N LEU F 283 3.30 -23.19 30.71
CA LEU F 283 4.60 -22.70 30.28
C LEU F 283 5.00 -21.46 31.08
N ILE F 284 4.08 -20.52 31.26
CA ILE F 284 4.44 -19.27 31.92
C ILE F 284 4.70 -19.50 33.40
N LYS F 285 3.84 -20.27 34.07
CA LYS F 285 4.02 -20.50 35.50
C LYS F 285 5.29 -21.31 35.77
N THR F 286 5.46 -22.43 35.08
CA THR F 286 6.58 -23.32 35.40
C THR F 286 7.90 -22.58 35.29
N LEU F 287 8.13 -21.91 34.16
CA LEU F 287 9.33 -21.10 33.95
C LEU F 287 10.60 -21.94 34.09
N LYS F 288 10.61 -23.08 33.41
CA LYS F 288 11.76 -23.96 33.43
C LYS F 288 12.84 -23.46 32.48
N VAL F 289 14.08 -23.88 32.74
CA VAL F 289 15.19 -23.47 31.88
C VAL F 289 15.11 -24.15 30.53
N VAL F 290 14.84 -25.46 30.53
CA VAL F 290 14.77 -26.24 29.31
C VAL F 290 13.50 -27.07 29.33
N ASN F 291 13.05 -27.46 28.14
CA ASN F 291 11.82 -28.22 27.98
C ASN F 291 12.07 -29.41 27.06
N ARG F 292 11.16 -30.38 27.10
CA ARG F 292 11.20 -31.50 26.18
C ARG F 292 9.77 -31.75 25.71
N PHE F 293 9.40 -31.11 24.61
CA PHE F 293 8.08 -31.27 24.01
C PHE F 293 8.21 -32.08 22.74
N GLU F 294 7.40 -33.12 22.61
CA GLU F 294 7.34 -33.90 21.38
C GLU F 294 6.31 -33.25 20.47
N ILE F 295 6.78 -32.64 19.39
CA ILE F 295 5.94 -31.85 18.50
C ILE F 295 5.76 -32.62 17.21
N ALA F 296 4.52 -32.73 16.77
CA ALA F 296 4.19 -33.37 15.50
C ALA F 296 3.26 -32.43 14.73
N LEU F 297 3.70 -32.01 13.55
CA LEU F 297 2.87 -31.22 12.65
C LEU F 297 2.38 -32.14 11.55
N VAL F 298 1.06 -32.30 11.44
CA VAL F 298 0.49 -33.24 10.49
C VAL F 298 -0.29 -32.49 9.43
N LEU F 299 0.38 -32.16 8.33
CA LEU F 299 -0.29 -31.49 7.22
C LEU F 299 -1.26 -32.44 6.56
N GLY F 300 -2.40 -31.91 6.12
CA GLY F 300 -3.41 -32.73 5.50
C GLY F 300 -4.24 -33.54 6.47
N GLY F 301 -4.02 -33.37 7.77
CA GLY F 301 -4.80 -34.09 8.75
C GLY F 301 -4.68 -35.60 8.60
N GLU F 302 -5.37 -36.30 9.47
CA GLU F 302 -5.41 -37.76 9.46
C GLU F 302 -6.86 -38.20 9.50
N TYR F 303 -7.10 -39.42 8.99
CA TYR F 303 -8.45 -39.94 8.92
C TYR F 303 -8.40 -41.46 8.88
N ASP F 304 -9.54 -42.07 9.21
CA ASP F 304 -9.65 -43.51 9.10
C ASP F 304 -9.44 -43.96 7.65
N ASP F 305 -10.00 -43.23 6.70
CA ASP F 305 -9.75 -43.51 5.30
C ASP F 305 -8.26 -43.30 5.00
N GLU F 306 -7.87 -43.62 3.77
CA GLU F 306 -6.51 -43.36 3.32
C GLU F 306 -6.48 -42.08 2.50
N ARG F 307 -5.61 -41.14 2.91
CA ARG F 307 -5.57 -39.82 2.28
C ARG F 307 -4.13 -39.33 2.31
N PRO F 308 -3.78 -38.34 1.48
CA PRO F 308 -2.44 -37.78 1.53
C PRO F 308 -2.19 -37.03 2.82
N ALA F 309 -0.93 -37.00 3.23
CA ALA F 309 -0.53 -36.25 4.41
C ALA F 309 0.99 -36.22 4.50
N ALA F 310 1.51 -35.08 4.92
CA ALA F 310 2.93 -34.90 5.18
C ALA F 310 3.12 -34.64 6.67
N ILE F 311 4.05 -35.36 7.28
CA ILE F 311 4.19 -35.40 8.73
C ILE F 311 5.57 -34.90 9.11
N LEU F 312 5.63 -33.99 10.07
CA LEU F 312 6.88 -33.54 10.66
C LEU F 312 6.93 -34.01 12.11
N VAL F 313 8.02 -34.68 12.46
CA VAL F 313 8.23 -35.21 13.80
C VAL F 313 9.53 -34.66 14.34
N ALA F 314 9.47 -34.08 15.54
CA ALA F 314 10.63 -33.51 16.22
C ALA F 314 10.59 -33.97 17.67
N LYS F 315 11.19 -35.12 17.94
CA LYS F 315 11.22 -35.63 19.30
C LYS F 315 12.02 -34.69 20.20
N GLN F 316 11.61 -34.63 21.46
CA GLN F 316 12.21 -33.73 22.46
C GLN F 316 12.51 -32.37 21.86
N ALA F 317 11.45 -31.69 21.40
CA ALA F 317 11.62 -30.38 20.81
C ALA F 317 11.58 -29.30 21.89
N HIS F 318 12.61 -28.46 21.89
CA HIS F 318 12.64 -27.31 22.78
C HIS F 318 11.56 -26.30 22.37
N VAL F 319 10.91 -25.72 23.37
CA VAL F 319 9.85 -24.75 23.15
C VAL F 319 10.20 -23.47 23.87
N ASN F 320 10.06 -22.33 23.19
CA ASN F 320 10.26 -21.05 23.84
C ASN F 320 8.99 -20.62 24.56
N ILE F 321 9.11 -19.55 25.33
CA ILE F 321 7.98 -19.07 26.14
C ILE F 321 6.90 -18.52 25.23
N PRO F 322 5.65 -18.96 25.35
CA PRO F 322 4.60 -18.43 24.47
C PRO F 322 4.43 -16.94 24.65
N THR F 323 4.06 -16.27 23.55
CA THR F 323 3.82 -14.84 23.56
C THR F 323 2.41 -14.57 23.06
N ILE F 324 1.61 -13.91 23.87
CA ILE F 324 0.22 -13.63 23.53
C ILE F 324 0.17 -12.57 22.44
N GLU F 325 -0.76 -12.73 21.51
CA GLU F 325 -0.99 -11.78 20.42
C GLU F 325 -2.41 -11.26 20.50
N THR F 326 -2.58 -9.96 20.26
CA THR F 326 -3.86 -9.27 20.43
C THR F 326 -4.35 -8.80 19.08
N ASP F 327 -5.55 -9.23 18.71
CA ASP F 327 -6.23 -8.74 17.50
C ASP F 327 -7.71 -9.05 17.68
N ASP F 328 -8.48 -8.95 16.59
CA ASP F 328 -9.92 -9.18 16.69
C ASP F 328 -10.23 -10.44 17.49
N VAL F 329 -9.38 -11.46 17.35
CA VAL F 329 -9.45 -12.66 18.17
C VAL F 329 -8.08 -12.87 18.78
N LEU F 330 -8.04 -13.12 20.08
CA LEU F 330 -6.78 -13.33 20.76
C LEU F 330 -6.10 -14.59 20.22
N GLY F 331 -4.77 -14.56 20.16
CA GLY F 331 -4.01 -15.71 19.72
C GLY F 331 -2.64 -15.70 20.35
N THR F 332 -2.09 -16.88 20.55
CA THR F 332 -0.75 -17.04 21.11
C THR F 332 0.13 -17.77 20.11
N SER F 333 1.36 -17.31 19.97
CA SER F 333 2.34 -17.95 19.09
C SER F 333 3.38 -18.62 19.95
N VAL F 334 3.65 -19.89 19.66
CA VAL F 334 4.70 -20.65 20.33
C VAL F 334 5.76 -20.97 19.28
N GLU F 335 6.99 -20.55 19.55
CA GLU F 335 8.12 -20.80 18.66
C GLU F 335 8.99 -21.86 19.30
N PHE F 336 9.35 -22.87 18.52
CA PHE F 336 10.06 -24.03 19.03
C PHE F 336 11.29 -24.28 18.18
N LYS F 337 12.24 -25.01 18.77
CA LYS F 337 13.45 -25.44 18.07
C LYS F 337 13.72 -26.89 18.45
N ALA F 338 13.90 -27.73 17.44
CA ALA F 338 14.11 -29.15 17.67
C ALA F 338 15.57 -29.38 18.08
N ILE F 339 15.77 -29.85 19.31
CA ILE F 339 17.11 -30.14 19.81
C ILE F 339 17.27 -31.66 19.88
N PRO F 340 18.48 -32.16 19.74
CA PRO F 340 18.69 -33.61 19.70
C PRO F 340 18.90 -34.18 21.10
N SER F 341 18.90 -35.52 21.16
CA SER F 341 19.29 -36.18 22.40
C SER F 341 20.74 -35.87 22.73
N ASP F 342 21.60 -35.86 21.72
CA ASP F 342 23.01 -35.50 21.88
C ASP F 342 23.41 -34.64 20.69
N LEU F 343 24.48 -33.87 20.88
CA LEU F 343 24.88 -32.91 19.86
C LEU F 343 25.20 -33.62 18.55
N ASP F 344 25.96 -34.71 18.60
CA ASP F 344 26.31 -35.45 17.40
C ASP F 344 25.30 -36.52 17.03
N ALA F 345 24.28 -36.74 17.87
CA ALA F 345 23.32 -37.81 17.60
C ALA F 345 22.60 -37.58 16.28
N GLY F 346 22.19 -36.34 16.01
CA GLY F 346 21.50 -36.04 14.77
C GLY F 346 20.08 -36.52 14.70
N ASP F 347 19.43 -36.70 15.85
CA ASP F 347 18.04 -37.16 15.91
C ASP F 347 17.08 -36.00 16.09
N GLU F 348 17.39 -34.86 15.48
CA GLU F 348 16.53 -33.69 15.62
C GLU F 348 15.09 -34.03 15.26
N GLY F 349 14.90 -34.70 14.13
CA GLY F 349 13.57 -35.08 13.71
C GLY F 349 13.62 -35.76 12.37
N TYR F 350 12.44 -36.18 11.92
CA TYR F 350 12.30 -36.84 10.63
C TYR F 350 10.91 -36.54 10.10
N LEU F 351 10.75 -36.74 8.80
CA LEU F 351 9.50 -36.43 8.12
C LEU F 351 8.92 -37.67 7.46
N GLY F 352 7.61 -37.64 7.26
CA GLY F 352 6.91 -38.71 6.58
C GLY F 352 5.98 -38.19 5.51
N PHE F 353 6.08 -38.73 4.30
CA PHE F 353 5.23 -38.36 3.19
C PHE F 353 4.61 -39.62 2.60
N SER F 354 3.34 -39.53 2.20
CA SER F 354 2.69 -40.62 1.50
C SER F 354 1.31 -40.16 1.09
N SER F 355 0.68 -40.93 0.21
CA SER F 355 -0.65 -40.63 -0.26
C SER F 355 -1.74 -41.39 0.49
N LYS F 356 -1.38 -42.42 1.24
CA LYS F 356 -2.33 -43.30 1.90
C LYS F 356 -2.11 -43.31 3.40
N TYR F 357 -1.88 -42.13 3.99
CA TYR F 357 -1.63 -42.05 5.42
C TYR F 357 -2.92 -42.27 6.21
N THR F 358 -2.83 -43.12 7.23
CA THR F 358 -3.95 -43.47 8.07
C THR F 358 -3.61 -43.15 9.52
N ARG F 359 -4.66 -42.92 10.32
CA ARG F 359 -4.46 -42.53 11.70
C ARG F 359 -3.50 -43.50 12.40
N THR F 360 -3.74 -44.80 12.25
CA THR F 360 -2.83 -45.78 12.84
C THR F 360 -1.44 -45.66 12.22
N THR F 361 -1.37 -45.50 10.90
CA THR F 361 -0.07 -45.35 10.24
C THR F 361 0.66 -44.13 10.79
N ILE F 362 -0.05 -43.01 10.93
CA ILE F 362 0.58 -41.79 11.41
C ILE F 362 1.09 -41.97 12.83
N ASN F 363 0.27 -42.56 13.70
CA ASN F 363 0.69 -42.72 15.09
C ASN F 363 1.90 -43.63 15.19
N ASN F 364 1.91 -44.73 14.44
CA ASN F 364 3.06 -45.62 14.51
C ASN F 364 4.30 -44.95 13.94
N LEU F 365 4.14 -44.13 12.89
CA LEU F 365 5.27 -43.36 12.40
C LEU F 365 5.81 -42.45 13.48
N ILE F 366 4.92 -41.76 14.20
CA ILE F 366 5.37 -40.82 15.22
C ILE F 366 6.14 -41.54 16.30
N VAL F 367 5.64 -42.70 16.76
CA VAL F 367 6.24 -43.37 17.91
C VAL F 367 7.33 -44.36 17.52
N ASN F 368 7.56 -44.57 16.24
CA ASN F 368 8.60 -45.50 15.81
C ASN F 368 9.51 -44.84 14.77
N GLY F 369 9.01 -43.84 14.07
CA GLY F 369 9.74 -43.18 13.01
C GLY F 369 9.54 -43.79 11.64
N ASP F 370 8.77 -44.87 11.53
CA ASP F 370 8.47 -45.47 10.25
C ASP F 370 7.00 -45.87 10.20
N GLY F 371 6.38 -45.67 9.03
CA GLY F 371 5.02 -46.11 8.86
C GLY F 371 4.88 -47.62 8.91
N ALA F 372 5.77 -48.33 8.21
CA ALA F 372 5.62 -49.77 8.06
C ALA F 372 5.65 -50.47 9.41
N THR F 373 6.59 -50.12 10.27
CA THR F 373 6.68 -50.76 11.57
C THR F 373 5.57 -50.26 12.47
N ASP F 374 4.82 -51.18 13.06
CA ASP F 374 3.66 -50.84 13.87
C ASP F 374 4.10 -50.47 15.29
N ALA F 375 3.13 -50.06 16.09
CA ALA F 375 3.36 -49.68 17.48
C ALA F 375 2.25 -50.24 18.34
N VAL F 376 2.59 -50.47 19.62
CA VAL F 376 1.62 -51.03 20.55
C VAL F 376 0.54 -50.02 20.87
N THR F 377 -0.71 -50.46 20.83
CA THR F 377 -1.87 -49.60 21.04
C THR F 377 -2.52 -49.82 22.39
N ALA F 378 -2.80 -51.06 22.77
CA ALA F 378 -3.46 -51.35 24.03
C ALA F 378 -2.88 -52.62 24.62
N ILE F 379 -2.77 -52.65 25.94
CA ILE F 379 -2.24 -53.79 26.68
C ILE F 379 -3.10 -54.02 27.91
N THR F 380 -3.36 -55.28 28.22
CA THR F 380 -3.97 -55.67 29.48
C THR F 380 -3.20 -56.84 30.05
N VAL F 381 -2.81 -56.73 31.31
CA VAL F 381 -1.99 -57.75 31.94
C VAL F 381 -2.83 -59.01 32.16
N LYS F 382 -2.24 -60.16 31.89
CA LYS F 382 -2.89 -61.45 32.09
C LYS F 382 -2.08 -62.26 33.09
N SER F 383 -2.73 -62.69 34.17
CA SER F 383 -2.04 -63.41 35.22
C SER F 383 -1.90 -64.88 34.88
N ALA F 384 -0.78 -65.46 35.31
CA ALA F 384 -0.51 -66.88 35.07
C ALA F 384 -1.61 -67.71 35.73
N GLY F 385 -2.40 -68.39 34.91
CA GLY F 385 -3.54 -69.12 35.42
C GLY F 385 -4.77 -68.29 35.64
N ASN F 386 -4.75 -67.01 35.25
CA ASN F 386 -5.91 -66.12 35.37
C ASN F 386 -6.43 -66.10 36.81
N VAL F 387 -5.56 -65.65 37.71
CA VAL F 387 -5.84 -65.62 39.14
C VAL F 387 -5.88 -64.16 39.58
N THR F 388 -6.94 -63.79 40.30
CA THR F 388 -7.13 -62.43 40.77
C THR F 388 -6.73 -62.25 42.23
N THR F 389 -6.08 -63.24 42.82
CA THR F 389 -5.63 -63.14 44.21
C THR F 389 -4.45 -64.07 44.43
N LEU F 390 -3.72 -63.81 45.50
CA LEU F 390 -2.55 -64.61 45.85
C LEU F 390 -2.39 -64.59 47.36
N ASN F 391 -1.75 -65.64 47.87
CA ASN F 391 -1.44 -65.73 49.30
C ASN F 391 0.03 -65.42 49.51
N ARG F 392 0.39 -65.20 50.77
CA ARG F 392 1.75 -64.84 51.11
C ARG F 392 2.71 -65.98 50.77
N SER F 393 3.95 -65.61 50.46
CA SER F 393 5.00 -66.58 50.13
C SER F 393 4.59 -67.44 48.93
N ALA F 394 4.00 -66.81 47.93
CA ALA F 394 3.64 -67.47 46.67
C ALA F 394 4.11 -66.62 45.51
N THR F 395 4.42 -67.26 44.39
CA THR F 395 4.92 -66.60 43.20
C THR F 395 3.91 -66.74 42.07
N LEU F 396 3.67 -65.64 41.36
CA LEU F 396 2.72 -65.60 40.25
C LEU F 396 3.42 -64.95 39.05
N GLN F 397 3.94 -65.78 38.15
CA GLN F 397 4.67 -65.28 36.99
C GLN F 397 3.67 -64.74 35.97
N MET F 398 3.01 -63.66 36.36
CA MET F 398 1.98 -63.05 35.54
C MET F 398 2.57 -62.50 34.25
N SER F 399 1.84 -62.68 33.16
CA SER F 399 2.28 -62.32 31.82
C SER F 399 1.46 -61.15 31.30
N VAL F 400 1.74 -60.75 30.06
CA VAL F 400 1.06 -59.63 29.42
C VAL F 400 0.73 -59.98 27.98
N GLU F 401 -0.26 -59.28 27.44
CA GLU F 401 -0.62 -59.35 26.03
C GLU F 401 -0.76 -57.93 25.50
N VAL F 402 -0.48 -57.77 24.21
CA VAL F 402 -0.41 -56.46 23.58
C VAL F 402 -1.31 -56.43 22.36
N THR F 403 -1.67 -55.22 21.95
CA THR F 403 -2.43 -55.01 20.73
C THR F 403 -1.83 -53.85 19.94
N PRO F 404 -1.72 -53.97 18.62
CA PRO F 404 -2.13 -55.10 17.77
C PRO F 404 -1.16 -56.28 17.84
N SER F 405 -1.54 -57.41 17.26
CA SER F 405 -0.67 -58.58 17.26
C SER F 405 0.59 -58.38 16.42
N SER F 406 0.64 -57.35 15.58
CA SER F 406 1.78 -57.09 14.73
C SER F 406 2.69 -55.99 15.27
N ALA F 407 2.47 -55.54 16.50
CA ALA F 407 3.34 -54.54 17.09
C ALA F 407 4.77 -55.09 17.17
N ARG F 408 5.73 -54.26 16.75
CA ARG F 408 7.10 -54.73 16.66
C ARG F 408 7.76 -54.82 18.03
N ASN F 409 7.36 -53.97 18.97
CA ASN F 409 7.92 -53.99 20.33
C ASN F 409 6.94 -54.78 21.21
N LYS F 410 7.00 -56.11 21.10
CA LYS F 410 6.20 -56.97 21.95
C LYS F 410 6.70 -56.99 23.39
N GLU F 411 7.87 -56.40 23.65
CA GLU F 411 8.47 -56.40 24.97
C GLU F 411 8.10 -55.13 25.72
N VAL F 412 7.81 -55.29 27.01
CA VAL F 412 7.41 -54.18 27.86
C VAL F 412 8.14 -54.30 29.19
N THR F 413 8.13 -53.21 29.96
CA THR F 413 8.76 -53.18 31.26
C THR F 413 7.74 -53.53 32.35
N TRP F 414 8.26 -53.78 33.55
CA TRP F 414 7.44 -54.17 34.70
C TRP F 414 7.73 -53.25 35.87
N ALA F 415 6.72 -52.96 36.66
CA ALA F 415 6.89 -52.09 37.82
C ALA F 415 5.76 -52.34 38.81
N ILE F 416 6.07 -52.17 40.10
CA ILE F 416 5.10 -52.23 41.18
C ILE F 416 4.95 -50.81 41.71
N THR F 417 3.75 -50.25 41.63
CA THR F 417 3.52 -48.84 41.93
C THR F 417 2.77 -48.64 43.24
N ALA F 418 1.58 -49.22 43.38
CA ALA F 418 0.71 -48.96 44.52
C ALA F 418 0.78 -50.13 45.49
N GLY F 419 1.15 -49.83 46.74
CA GLY F 419 1.22 -50.83 47.78
C GLY F 419 2.55 -51.56 47.83
N ASP F 420 2.77 -52.26 48.93
CA ASP F 420 3.99 -53.04 49.16
C ASP F 420 3.59 -54.44 49.61
N ALA F 421 3.34 -55.33 48.65
CA ALA F 421 3.01 -56.71 48.96
C ALA F 421 3.70 -57.72 48.07
N ALA F 422 4.27 -57.31 46.94
CA ALA F 422 4.94 -58.24 46.03
C ALA F 422 6.02 -57.49 45.27
N THR F 423 6.96 -58.26 44.72
CA THR F 423 8.06 -57.72 43.94
C THR F 423 8.13 -58.46 42.61
N ILE F 424 8.49 -57.72 41.56
CA ILE F 424 8.62 -58.27 40.23
C ILE F 424 10.03 -58.02 39.72
N ASN F 425 10.43 -58.83 38.76
CA ASN F 425 11.72 -58.72 38.09
C ASN F 425 11.47 -58.49 36.60
N ALA F 426 12.56 -58.53 35.82
CA ALA F 426 12.43 -58.35 34.38
C ALA F 426 11.57 -59.44 33.75
N THR F 427 11.76 -60.68 34.18
CA THR F 427 11.00 -61.79 33.60
C THR F 427 9.51 -61.64 33.84
N GLY F 428 9.13 -60.92 34.89
CA GLY F 428 7.73 -60.76 35.24
C GLY F 428 7.26 -61.63 36.39
N LEU F 429 8.17 -62.18 37.18
CA LEU F 429 7.83 -63.11 38.26
C LEU F 429 7.45 -62.31 39.50
N LEU F 430 6.16 -62.29 39.83
CA LEU F 430 5.69 -61.65 41.05
C LEU F 430 5.99 -62.56 42.23
N ARG F 431 6.58 -61.99 43.28
CA ARG F 431 6.91 -62.71 44.49
C ARG F 431 6.43 -61.95 45.71
N ALA F 432 5.80 -62.66 46.63
CA ALA F 432 5.31 -62.11 47.89
C ALA F 432 6.13 -62.66 49.04
N ASP F 433 5.81 -62.22 50.25
CA ASP F 433 6.49 -62.66 51.46
C ASP F 433 5.52 -62.56 52.63
N ALA F 434 6.05 -62.71 53.84
CA ALA F 434 5.24 -62.64 55.03
C ALA F 434 4.92 -61.19 55.38
N SER F 435 3.93 -61.01 56.26
CA SER F 435 3.53 -59.69 56.74
C SER F 435 3.16 -58.76 55.59
N LYS F 436 2.41 -59.29 54.62
CA LYS F 436 1.94 -58.54 53.46
C LYS F 436 0.42 -58.55 53.50
N THR F 437 -0.17 -57.59 54.22
CA THR F 437 -1.61 -57.51 54.41
C THR F 437 -2.24 -56.38 53.60
N GLY F 438 -1.59 -55.92 52.55
CA GLY F 438 -2.13 -54.87 51.71
C GLY F 438 -2.11 -55.28 50.25
N ALA F 439 -3.14 -54.83 49.54
CA ALA F 439 -3.24 -55.12 48.11
C ALA F 439 -2.21 -54.29 47.33
N VAL F 440 -1.72 -54.87 46.24
CA VAL F 440 -0.71 -54.23 45.42
C VAL F 440 -1.16 -54.25 43.97
N THR F 441 -0.63 -53.31 43.20
CA THR F 441 -0.91 -53.20 41.77
C THR F 441 0.40 -53.27 41.00
N VAL F 442 0.41 -54.07 39.94
CA VAL F 442 1.59 -54.28 39.12
C VAL F 442 1.39 -53.51 37.81
N GLU F 443 2.38 -52.70 37.45
CA GLU F 443 2.31 -51.83 36.29
C GLU F 443 3.37 -52.24 35.27
N ALA F 444 3.11 -51.85 34.01
CA ALA F 444 4.02 -52.10 32.91
C ALA F 444 4.13 -50.85 32.07
N THR F 445 5.25 -50.70 31.37
CA THR F 445 5.49 -49.59 30.48
C THR F 445 6.14 -50.10 29.21
N ALA F 446 5.61 -49.68 28.06
CA ALA F 446 6.12 -50.17 26.79
C ALA F 446 7.56 -49.73 26.58
N LYS F 447 8.38 -50.63 26.05
CA LYS F 447 9.76 -50.30 25.73
C LYS F 447 9.88 -49.35 24.56
N ASP F 448 8.94 -49.40 23.62
CA ASP F 448 8.99 -48.55 22.44
C ASP F 448 8.55 -47.13 22.72
N GLY F 449 8.09 -46.83 23.94
CA GLY F 449 7.65 -45.49 24.24
C GLY F 449 6.34 -45.11 23.59
N SER F 450 5.53 -46.10 23.20
CA SER F 450 4.26 -45.78 22.58
C SER F 450 3.35 -45.02 23.53
N GLY F 451 3.29 -45.42 24.79
CA GLY F 451 2.42 -44.79 25.75
C GLY F 451 1.18 -45.61 26.02
N VAL F 452 1.35 -46.92 26.11
CA VAL F 452 0.26 -47.83 26.42
C VAL F 452 0.42 -48.28 27.88
N LYS F 453 -0.71 -48.57 28.52
CA LYS F 453 -0.74 -48.92 29.92
C LYS F 453 -1.59 -50.17 30.14
N GLY F 454 -1.28 -50.90 31.21
CA GLY F 454 -2.06 -52.05 31.63
C GLY F 454 -2.10 -52.15 33.14
N THR F 455 -3.30 -52.28 33.70
CA THR F 455 -3.50 -52.22 35.13
C THR F 455 -4.22 -53.46 35.64
N LYS F 456 -3.93 -53.81 36.89
CA LYS F 456 -4.58 -54.93 37.54
C LYS F 456 -4.30 -54.84 39.03
N VAL F 457 -5.35 -54.95 39.84
CA VAL F 457 -5.24 -54.92 41.29
C VAL F 457 -5.40 -56.35 41.80
N ILE F 458 -4.38 -56.85 42.49
CA ILE F 458 -4.37 -58.21 43.03
C ILE F 458 -4.56 -58.13 44.54
N THR F 459 -5.51 -58.87 45.06
CA THR F 459 -5.79 -58.90 46.50
C THR F 459 -4.87 -59.91 47.16
N VAL F 460 -3.67 -59.45 47.50
CA VAL F 460 -2.71 -60.26 48.22
C VAL F 460 -2.85 -59.94 49.70
N THR F 461 -3.22 -60.95 50.48
CA THR F 461 -3.51 -60.76 51.90
C THR F 461 -2.84 -61.83 52.74
N ALA F 462 -3.21 -61.93 54.02
CA ALA F 462 -2.60 -62.90 54.92
C ALA F 462 -2.91 -64.33 54.54
N GLY F 463 -3.87 -64.56 53.65
CA GLY F 463 -4.19 -65.91 53.21
C GLY F 463 -5.18 -66.59 54.13
N GLY F 464 -5.41 -67.87 53.83
CA GLY F 464 -6.32 -68.68 54.62
C GLY F 464 -5.70 -69.20 55.89
N MET G 1 -6.15 30.22 -21.98
CA MET G 1 -5.37 29.79 -23.18
C MET G 1 -5.63 28.31 -23.48
N ASP G 2 -6.30 28.08 -24.61
CA ASP G 2 -6.58 26.72 -25.06
C ASP G 2 -6.42 26.65 -26.55
N HIS G 3 -6.19 25.44 -27.06
CA HIS G 3 -5.99 25.22 -28.48
C HIS G 3 -6.64 23.91 -28.92
N ARG G 4 -7.74 23.54 -28.27
CA ARG G 4 -8.34 22.23 -28.50
C ARG G 4 -8.66 22.03 -29.97
N THR G 5 -9.60 22.81 -30.49
CA THR G 5 -9.92 22.71 -31.91
C THR G 5 -8.68 22.96 -32.77
N SER G 6 -7.76 23.80 -32.30
CA SER G 6 -6.51 23.97 -33.03
C SER G 6 -5.74 22.66 -33.12
N ILE G 7 -5.69 21.91 -32.01
CA ILE G 7 -5.04 20.61 -32.02
C ILE G 7 -5.74 19.67 -32.99
N ALA G 8 -7.07 19.65 -32.94
CA ALA G 8 -7.80 18.76 -33.84
C ALA G 8 -7.54 19.11 -35.29
N GLN G 9 -7.55 20.41 -35.62
CA GLN G 9 -7.28 20.84 -36.98
C GLN G 9 -5.87 20.44 -37.39
N ALA G 10 -4.90 20.57 -36.48
CA ALA G 10 -3.55 20.16 -36.82
C ALA G 10 -3.50 18.66 -37.13
N MET G 11 -4.15 17.85 -36.30
CA MET G 11 -4.11 16.42 -36.53
C MET G 11 -4.81 16.06 -37.84
N VAL G 12 -5.95 16.70 -38.12
CA VAL G 12 -6.69 16.37 -39.33
C VAL G 12 -5.91 16.79 -40.56
N ASP G 13 -5.30 17.97 -40.53
CA ASP G 13 -4.51 18.38 -41.69
C ASP G 13 -3.27 17.51 -41.85
N ARG G 14 -2.68 17.06 -40.75
CA ARG G 14 -1.58 16.10 -40.86
C ARG G 14 -2.03 14.84 -41.57
N ILE G 15 -3.18 14.30 -41.15
CA ILE G 15 -3.73 13.14 -41.83
C ILE G 15 -3.89 13.44 -43.31
N SER G 16 -4.41 14.63 -43.64
CA SER G 16 -4.67 14.96 -45.04
C SER G 16 -3.38 14.96 -45.85
N LYS G 17 -2.37 15.71 -45.40
CA LYS G 17 -1.20 15.89 -46.25
C LYS G 17 -0.22 14.73 -46.17
N GLN G 18 -0.37 13.85 -45.19
CA GLN G 18 0.49 12.68 -45.08
C GLN G 18 -0.23 11.40 -45.47
N MET G 19 -1.26 11.51 -46.32
CA MET G 19 -1.97 10.33 -46.80
C MET G 19 -2.11 10.31 -48.31
N ASP G 20 -1.68 11.35 -49.02
CA ASP G 20 -1.68 11.29 -50.47
C ASP G 20 -0.74 10.19 -50.94
N GLY G 21 -0.68 9.99 -52.25
CA GLY G 21 0.15 8.95 -52.82
C GLY G 21 1.62 9.26 -52.86
N SER G 22 2.06 10.33 -52.21
CA SER G 22 3.47 10.69 -52.21
C SER G 22 4.33 9.71 -51.43
N GLN G 23 3.73 8.85 -50.62
CA GLN G 23 4.46 7.84 -49.85
C GLN G 23 3.75 6.50 -50.00
N PRO G 24 3.75 5.94 -51.21
CA PRO G 24 3.08 4.65 -51.42
C PRO G 24 3.86 3.50 -50.78
N ASP G 25 5.17 3.69 -50.65
CA ASP G 25 6.02 2.67 -50.07
C ASP G 25 5.99 2.66 -48.55
N GLU G 26 5.37 3.65 -47.93
CA GLU G 26 5.24 3.71 -46.48
C GLU G 26 3.81 3.53 -46.00
N TYR G 27 2.84 4.07 -46.73
CA TYR G 27 1.43 4.00 -46.36
C TYR G 27 0.65 3.19 -47.38
N PHE G 28 -0.49 2.67 -46.94
CA PHE G 28 -1.27 1.73 -47.74
C PHE G 28 -2.27 2.46 -48.63
N ASN G 29 -3.19 3.20 -48.02
CA ASN G 29 -4.34 3.74 -48.72
C ASN G 29 -4.08 5.17 -49.16
N ASN G 30 -5.13 5.84 -49.63
CA ASN G 30 -5.05 7.24 -50.04
C ASN G 30 -6.43 7.84 -49.81
N LEU G 31 -6.59 8.56 -48.70
CA LEU G 31 -7.89 9.12 -48.37
C LEU G 31 -8.32 10.22 -49.32
N TYR G 32 -7.43 10.72 -50.18
CA TYR G 32 -7.75 11.80 -51.11
C TYR G 32 -8.38 12.98 -50.36
N GLY G 33 -7.82 13.29 -49.20
CA GLY G 33 -8.28 14.44 -48.44
C GLY G 33 -9.68 14.30 -47.89
N ASN G 34 -10.18 13.07 -47.74
CA ASN G 34 -11.51 12.86 -47.18
C ASN G 34 -11.44 12.77 -45.65
N VAL G 35 -10.89 13.82 -45.06
CA VAL G 35 -10.70 13.90 -43.62
C VAL G 35 -11.30 15.21 -43.12
N SER G 36 -12.01 15.14 -42.00
CA SER G 36 -12.71 16.31 -41.48
C SER G 36 -12.68 16.28 -39.96
N ARG G 37 -12.87 17.46 -39.37
CA ARG G 37 -12.85 17.62 -37.93
C ARG G 37 -14.21 17.43 -37.29
N GLN G 38 -15.27 17.29 -38.08
CA GLN G 38 -16.62 17.15 -37.53
C GLN G 38 -17.50 16.43 -38.53
N THR G 39 -18.34 15.54 -38.02
CA THR G 39 -19.28 14.77 -38.84
C THR G 39 -20.68 14.96 -38.30
N TYR G 40 -21.64 15.16 -39.20
CA TYR G 40 -23.03 15.37 -38.79
C TYR G 40 -23.68 14.06 -38.34
N LYS G 41 -23.42 12.97 -39.06
CA LYS G 41 -24.04 11.69 -38.76
C LYS G 41 -23.35 10.62 -39.58
N PHE G 42 -23.21 9.43 -38.99
CA PHE G 42 -22.67 8.30 -39.74
C PHE G 42 -23.47 8.09 -41.03
N GLU G 43 -24.80 8.08 -40.91
CA GLU G 43 -25.65 7.99 -42.09
C GLU G 43 -25.39 9.14 -43.05
N GLU G 44 -25.14 10.34 -42.52
CA GLU G 44 -24.96 11.50 -43.38
C GLU G 44 -23.76 11.34 -44.30
N ILE G 45 -22.72 10.61 -43.86
CA ILE G 45 -21.54 10.43 -44.68
C ILE G 45 -21.93 9.79 -46.00
N ARG G 46 -21.23 10.15 -47.07
CA ARG G 46 -21.48 9.61 -48.40
C ARG G 46 -20.28 8.87 -48.99
N GLU G 47 -19.10 9.46 -48.97
CA GLU G 47 -17.92 8.87 -49.58
C GLU G 47 -17.12 8.08 -48.55
N PHE G 48 -16.67 6.89 -48.93
CA PHE G 48 -15.85 6.05 -48.08
C PHE G 48 -14.55 5.72 -48.79
N PRO G 49 -13.48 5.40 -48.05
CA PRO G 49 -13.39 5.36 -46.58
C PRO G 49 -13.30 6.76 -46.02
N TYR G 50 -13.87 7.01 -44.85
CA TYR G 50 -13.90 8.34 -44.27
C TYR G 50 -13.51 8.24 -42.80
N VAL G 51 -12.61 9.13 -42.38
CA VAL G 51 -12.06 9.13 -41.04
C VAL G 51 -12.50 10.40 -40.34
N ALA G 52 -13.02 10.27 -39.13
CA ALA G 52 -13.53 11.39 -38.35
C ALA G 52 -12.66 11.62 -37.12
N VAL G 53 -12.25 12.86 -36.93
CA VAL G 53 -11.47 13.27 -35.76
C VAL G 53 -12.42 14.00 -34.83
N HIS G 54 -12.58 13.45 -33.62
CA HIS G 54 -13.51 14.00 -32.64
C HIS G 54 -12.76 14.82 -31.60
N ILE G 55 -13.52 15.43 -30.69
CA ILE G 55 -12.97 16.19 -29.59
C ILE G 55 -13.55 15.63 -28.30
N GLY G 56 -12.67 15.28 -27.36
CA GLY G 56 -13.07 14.79 -26.08
C GLY G 56 -12.92 15.83 -24.99
N THR G 57 -12.79 15.35 -23.77
CA THR G 57 -12.51 16.21 -22.64
C THR G 57 -11.05 16.64 -22.68
N GLU G 58 -10.61 17.32 -21.62
CA GLU G 58 -9.21 17.74 -21.51
C GLU G 58 -8.88 17.84 -20.03
N THR G 59 -8.22 16.82 -19.50
CA THR G 59 -7.78 16.88 -18.12
C THR G 59 -6.64 17.88 -17.97
N GLY G 60 -6.52 18.46 -16.79
CA GLY G 60 -5.54 19.51 -16.54
C GLY G 60 -4.69 19.21 -15.32
N GLN G 61 -3.43 19.61 -15.38
CA GLN G 61 -2.49 19.46 -14.28
C GLN G 61 -1.75 20.78 -14.12
N TYR G 62 -1.37 21.08 -12.88
CA TYR G 62 -0.64 22.32 -12.57
C TYR G 62 0.68 22.00 -11.91
N LEU G 63 1.75 22.59 -12.44
CA LEU G 63 3.11 22.37 -12.00
C LEU G 63 3.66 23.62 -11.33
N PRO G 64 4.64 23.48 -10.44
CA PRO G 64 5.01 24.61 -9.57
C PRO G 64 5.43 25.87 -10.30
N SER G 65 6.21 25.75 -11.37
CA SER G 65 6.84 26.92 -11.96
C SER G 65 5.90 27.73 -12.82
N GLY G 66 4.59 27.55 -12.68
CA GLY G 66 3.65 28.15 -13.58
C GLY G 66 3.41 27.34 -14.85
N GLN G 67 4.09 26.22 -15.01
CA GLN G 67 3.82 25.37 -16.16
C GLN G 67 2.40 24.81 -16.06
N GLN G 68 2.00 24.09 -17.10
CA GLN G 68 0.64 23.60 -17.18
C GLN G 68 0.59 22.43 -18.15
N TRP G 69 0.35 21.23 -17.64
CA TRP G 69 0.15 20.05 -18.47
C TRP G 69 -1.34 19.93 -18.78
N MET G 70 -1.66 19.72 -20.05
CA MET G 70 -3.03 19.50 -20.48
C MET G 70 -3.06 18.22 -21.32
N PHE G 71 -3.87 17.27 -20.89
CA PHE G 71 -4.04 16.01 -21.61
C PHE G 71 -5.38 16.02 -22.33
N LEU G 72 -5.34 15.97 -23.65
CA LEU G 72 -6.50 16.09 -24.50
C LEU G 72 -6.79 14.75 -25.16
N GLU G 73 -8.03 14.29 -25.03
CA GLU G 73 -8.44 13.02 -25.62
C GLU G 73 -8.96 13.26 -27.04
N LEU G 74 -8.43 12.50 -27.99
CA LEU G 74 -8.75 12.67 -29.40
C LEU G 74 -9.23 11.34 -29.95
N PRO G 75 -10.44 10.90 -29.59
CA PRO G 75 -11.01 9.73 -30.24
C PRO G 75 -11.06 9.96 -31.75
N ILE G 76 -10.61 8.98 -32.50
CA ILE G 76 -10.65 9.03 -33.96
C ILE G 76 -11.44 7.82 -34.45
N LEU G 77 -12.46 8.08 -35.24
CA LEU G 77 -13.27 7.04 -35.85
C LEU G 77 -12.93 6.94 -37.32
N VAL G 78 -13.00 5.73 -37.86
CA VAL G 78 -12.81 5.50 -39.29
C VAL G 78 -13.97 4.66 -39.78
N TYR G 79 -14.25 4.77 -41.08
CA TYR G 79 -15.30 4.01 -41.73
C TYR G 79 -14.80 3.54 -43.08
N ASP G 80 -15.34 2.42 -43.55
CA ASP G 80 -14.97 1.88 -44.84
C ASP G 80 -16.12 1.05 -45.38
N LYS G 81 -16.34 1.14 -46.69
CA LYS G 81 -17.34 0.31 -47.36
C LYS G 81 -16.68 -0.99 -47.80
N GLU G 82 -17.42 -2.09 -47.63
CA GLU G 82 -16.85 -3.42 -47.84
C GLU G 82 -16.66 -3.65 -49.33
N LYS G 83 -15.53 -3.15 -49.84
CA LYS G 83 -15.18 -3.43 -51.23
C LYS G 83 -14.69 -4.87 -51.40
N THR G 84 -13.87 -5.35 -50.46
CA THR G 84 -13.49 -6.75 -50.39
C THR G 84 -13.86 -7.40 -49.07
N ASP G 85 -13.51 -6.77 -47.95
CA ASP G 85 -13.85 -7.29 -46.63
C ASP G 85 -13.54 -6.21 -45.60
N ILE G 86 -14.47 -6.01 -44.67
CA ILE G 86 -14.33 -4.90 -43.72
C ILE G 86 -13.10 -5.08 -42.85
N GLN G 87 -12.89 -6.30 -42.33
CA GLN G 87 -11.84 -6.50 -41.35
C GLN G 87 -10.47 -6.08 -41.90
N GLU G 88 -10.10 -6.62 -43.06
CA GLU G 88 -8.80 -6.31 -43.62
C GLU G 88 -8.67 -4.82 -43.94
N GLN G 89 -9.71 -4.23 -44.54
CA GLN G 89 -9.64 -2.82 -44.88
C GLN G 89 -9.45 -1.97 -43.64
N LEU G 90 -10.21 -2.25 -42.58
CA LEU G 90 -10.05 -1.48 -41.36
C LEU G 90 -8.67 -1.70 -40.77
N GLU G 91 -8.12 -2.91 -40.89
CA GLU G 91 -6.75 -3.14 -40.44
C GLU G 91 -5.77 -2.27 -41.22
N LYS G 92 -5.91 -2.24 -42.54
CA LYS G 92 -5.00 -1.41 -43.34
C LYS G 92 -5.11 0.05 -42.93
N LEU G 93 -6.33 0.54 -42.76
CA LEU G 93 -6.52 1.95 -42.44
C LEU G 93 -6.00 2.27 -41.04
N VAL G 94 -6.24 1.40 -40.08
CA VAL G 94 -5.76 1.64 -38.72
C VAL G 94 -4.24 1.60 -38.71
N ALA G 95 -3.64 0.70 -39.50
CA ALA G 95 -2.19 0.70 -39.61
C ALA G 95 -1.69 2.02 -40.19
N ASP G 96 -2.37 2.53 -41.21
CA ASP G 96 -1.98 3.80 -41.78
C ASP G 96 -2.05 4.91 -40.74
N ILE G 97 -3.14 4.92 -39.96
CA ILE G 97 -3.31 5.98 -38.96
C ILE G 97 -2.27 5.85 -37.85
N LYS G 98 -1.97 4.62 -37.44
CA LYS G 98 -0.94 4.42 -36.43
C LYS G 98 0.42 4.89 -36.94
N THR G 99 0.72 4.62 -38.21
CA THR G 99 1.97 5.14 -38.77
C THR G 99 1.97 6.66 -38.78
N VAL G 100 0.83 7.26 -39.17
CA VAL G 100 0.74 8.72 -39.19
C VAL G 100 0.94 9.28 -37.80
N ILE G 101 0.51 8.55 -36.78
CA ILE G 101 0.51 9.08 -35.42
C ILE G 101 1.79 8.75 -34.66
N ASP G 102 2.58 7.78 -35.13
CA ASP G 102 3.80 7.40 -34.44
C ASP G 102 5.08 7.77 -35.19
N THR G 103 4.99 8.06 -36.48
CA THR G 103 6.15 8.53 -37.24
C THR G 103 6.04 10.02 -37.49
N GLY G 104 7.16 10.60 -37.90
CA GLY G 104 7.24 12.04 -38.04
C GLY G 104 7.51 12.72 -36.71
N GLY G 105 7.37 14.04 -36.72
CA GLY G 105 7.71 14.84 -35.57
C GLY G 105 6.59 14.98 -34.57
N ASN G 106 6.24 16.22 -34.25
CA ASN G 106 5.25 16.54 -33.25
C ASN G 106 4.08 17.28 -33.88
N LEU G 107 2.95 17.27 -33.19
CA LEU G 107 1.73 17.87 -33.71
C LEU G 107 1.96 19.37 -33.86
N GLU G 108 2.06 19.84 -35.09
CA GLU G 108 2.24 21.26 -35.38
C GLU G 108 0.87 21.90 -35.56
N TYR G 109 0.40 22.61 -34.55
CA TYR G 109 -0.84 23.36 -34.65
C TYR G 109 -0.53 24.84 -34.60
N THR G 110 -1.38 25.62 -35.26
CA THR G 110 -1.25 27.07 -35.32
C THR G 110 -2.19 27.68 -34.31
N VAL G 111 -1.66 28.45 -33.37
CA VAL G 111 -2.45 29.10 -32.34
C VAL G 111 -2.69 30.54 -32.77
N SER G 112 -3.95 30.88 -33.01
CA SER G 112 -4.32 32.23 -33.40
C SER G 112 -4.45 33.06 -32.13
N LYS G 113 -3.58 34.06 -31.98
CA LYS G 113 -3.63 34.89 -30.79
C LYS G 113 -4.67 35.99 -30.93
N PRO G 114 -5.15 36.52 -29.81
CA PRO G 114 -6.20 37.57 -29.88
C PRO G 114 -5.79 38.80 -30.67
N ASN G 115 -4.52 39.18 -30.61
CA ASN G 115 -4.07 40.35 -31.36
C ASN G 115 -4.32 40.18 -32.85
N GLY G 116 -4.43 38.93 -33.31
CA GLY G 116 -4.68 38.64 -34.70
C GLY G 116 -3.51 37.96 -35.38
N SER G 117 -2.49 37.63 -34.62
CA SER G 117 -1.28 37.01 -35.13
C SER G 117 -1.28 35.52 -34.80
N THR G 118 -0.89 34.70 -35.77
CA THR G 118 -0.83 33.25 -35.60
C THR G 118 0.62 32.82 -35.53
N PHE G 119 0.94 31.98 -34.55
CA PHE G 119 2.29 31.49 -34.35
C PHE G 119 2.32 29.99 -34.50
N PRO G 120 3.32 29.42 -35.18
CA PRO G 120 3.47 27.96 -35.16
C PRO G 120 3.73 27.46 -33.75
N CYS G 121 3.17 26.30 -33.43
CA CYS G 121 3.33 25.68 -32.13
C CYS G 121 3.45 24.19 -32.32
N GLU G 122 3.96 23.51 -31.29
CA GLU G 122 4.21 22.08 -31.36
C GLU G 122 3.77 21.41 -30.07
N ALA G 123 3.03 20.31 -30.21
CA ALA G 123 2.66 19.50 -29.07
C ALA G 123 3.87 18.75 -28.54
N THR G 124 3.73 18.17 -27.35
CA THR G 124 4.85 17.45 -26.75
C THR G 124 4.96 16.04 -27.30
N ASP G 125 3.92 15.23 -27.09
CA ASP G 125 3.92 13.88 -27.60
C ASP G 125 2.49 13.44 -27.85
N MET G 126 2.35 12.35 -28.59
CA MET G 126 1.04 11.84 -28.98
C MET G 126 1.02 10.35 -28.73
N ILE G 127 0.44 9.94 -27.61
CA ILE G 127 0.39 8.54 -27.22
C ILE G 127 -1.04 8.04 -27.41
N ILE G 128 -1.16 6.86 -28.01
CA ILE G 128 -2.46 6.21 -28.17
C ILE G 128 -2.71 5.34 -26.96
N THR G 129 -3.98 5.23 -26.58
CA THR G 129 -4.36 4.39 -25.44
C THR G 129 -4.81 3.01 -25.90
N SER G 130 -5.80 2.95 -26.77
CA SER G 130 -6.30 1.66 -27.23
C SER G 130 -7.06 1.84 -28.53
N VAL G 131 -7.12 0.77 -29.31
CA VAL G 131 -7.90 0.73 -30.53
C VAL G 131 -9.05 -0.25 -30.32
N SER G 132 -10.24 0.16 -30.73
CA SER G 132 -11.43 -0.65 -30.51
C SER G 132 -12.23 -0.70 -31.79
N THR G 133 -12.83 -1.86 -32.06
CA THR G 133 -13.67 -2.07 -33.22
C THR G 133 -15.09 -2.31 -32.75
N ASP G 134 -16.03 -1.52 -33.27
CA ASP G 134 -17.44 -1.68 -32.93
C ASP G 134 -18.05 -2.69 -33.89
N GLU G 135 -17.70 -3.95 -33.67
CA GLU G 135 -18.23 -5.01 -34.51
C GLU G 135 -19.73 -5.15 -34.31
N GLY G 136 -20.35 -5.93 -35.19
CA GLY G 136 -21.79 -6.10 -35.18
C GLY G 136 -22.56 -5.02 -35.91
N LEU G 137 -21.87 -4.08 -36.54
CA LEU G 137 -22.55 -3.01 -37.28
C LEU G 137 -22.97 -3.54 -38.65
N LEU G 138 -23.59 -2.68 -39.45
CA LEU G 138 -24.04 -3.10 -40.78
C LEU G 138 -22.85 -3.61 -41.59
N ALA G 139 -23.04 -4.79 -42.18
CA ALA G 139 -21.89 -5.49 -42.78
C ALA G 139 -21.13 -4.63 -43.77
N PRO G 140 -21.77 -4.00 -44.77
CA PRO G 140 -21.03 -3.16 -45.69
C PRO G 140 -20.43 -1.91 -45.08
N TYR G 141 -20.74 -1.59 -43.82
CA TYR G 141 -20.27 -0.37 -43.16
C TYR G 141 -19.49 -0.77 -41.91
N GLY G 142 -18.19 -0.51 -41.91
CA GLY G 142 -17.33 -0.86 -40.79
C GLY G 142 -17.00 0.35 -39.92
N LEU G 143 -16.33 0.07 -38.81
CA LEU G 143 -15.99 1.10 -37.85
C LEU G 143 -14.82 0.61 -36.99
N ALA G 144 -13.84 1.48 -36.80
CA ALA G 144 -12.72 1.18 -35.91
C ALA G 144 -12.40 2.41 -35.09
N GLU G 145 -12.55 2.31 -33.77
CA GLU G 145 -12.32 3.41 -32.86
C GLU G 145 -10.88 3.34 -32.36
N ILE G 146 -10.08 4.35 -32.71
CA ILE G 146 -8.71 4.48 -32.25
C ILE G 146 -8.63 5.70 -31.36
N ASN G 147 -8.22 5.50 -30.10
CA ASN G 147 -8.26 6.53 -29.08
C ASN G 147 -6.86 7.04 -28.82
N VAL G 148 -6.71 8.37 -28.77
CA VAL G 148 -5.43 9.01 -28.55
C VAL G 148 -5.61 10.09 -27.50
N THR G 149 -4.56 10.35 -26.74
CA THR G 149 -4.55 11.41 -25.73
C THR G 149 -3.35 12.31 -26.00
N VAL G 150 -3.55 13.35 -26.80
CA VAL G 150 -2.48 14.28 -27.14
C VAL G 150 -2.11 15.09 -25.91
N ARG G 151 -0.82 15.16 -25.61
CA ARG G 151 -0.31 15.85 -24.43
C ARG G 151 0.34 17.15 -24.89
N TYR G 152 -0.29 18.28 -24.58
CA TYR G 152 0.19 19.57 -25.03
C TYR G 152 0.25 20.55 -23.86
N GLN G 153 1.18 21.49 -23.98
CA GLN G 153 1.46 22.47 -22.94
C GLN G 153 1.19 23.87 -23.49
N PRO G 154 0.35 24.67 -22.86
CA PRO G 154 -0.03 25.95 -23.46
C PRO G 154 1.00 27.02 -23.20
N PRO G 155 0.80 28.23 -23.73
CA PRO G 155 1.71 29.33 -23.40
C PRO G 155 1.73 29.61 -21.90
N ARG G 156 2.91 29.89 -21.39
CA ARG G 156 3.08 30.06 -19.95
C ARG G 156 2.23 31.21 -19.45
N ARG G 157 1.50 30.95 -18.38
CA ARG G 157 0.68 31.98 -17.73
C ARG G 157 0.39 31.49 -16.31
N SER G 158 -0.57 32.13 -15.65
CA SER G 158 -0.96 31.75 -14.30
C SER G 158 0.20 31.95 -13.33
N LEU G 159 1.03 32.96 -13.61
CA LEU G 159 2.16 33.24 -12.73
C LEU G 159 1.69 33.51 -11.31
N ARG G 160 0.63 34.30 -11.17
CA ARG G 160 0.12 34.69 -9.86
C ARG G 160 -1.07 33.84 -9.48
N MET H 1 0.58 -0.55 -38.43
CA MET H 1 1.47 -1.74 -38.22
C MET H 1 0.88 -2.63 -37.13
N ASP H 2 -0.44 -2.56 -36.96
CA ASP H 2 -1.09 -3.26 -35.85
C ASP H 2 -1.04 -4.78 -36.04
N HIS H 3 -1.42 -5.25 -37.21
CA HIS H 3 -1.49 -6.68 -37.50
C HIS H 3 -2.59 -7.38 -36.69
N ARG H 4 -3.63 -6.65 -36.30
CA ARG H 4 -4.70 -7.29 -35.55
C ARG H 4 -5.41 -8.34 -36.38
N THR H 5 -5.87 -7.96 -37.57
CA THR H 5 -6.56 -8.93 -38.42
C THR H 5 -5.61 -10.00 -38.93
N SER H 6 -4.32 -9.70 -39.05
CA SER H 6 -3.37 -10.77 -39.31
C SER H 6 -3.39 -11.79 -38.19
N ILE H 7 -3.47 -11.31 -36.94
CA ILE H 7 -3.57 -12.23 -35.80
C ILE H 7 -4.86 -13.04 -35.88
N ALA H 8 -5.96 -12.39 -36.24
CA ALA H 8 -7.22 -13.12 -36.36
C ALA H 8 -7.12 -14.21 -37.42
N GLN H 9 -6.55 -13.88 -38.58
CA GLN H 9 -6.37 -14.88 -39.63
C GLN H 9 -5.44 -15.99 -39.16
N ALA H 10 -4.44 -15.64 -38.35
CA ALA H 10 -3.56 -16.66 -37.78
C ALA H 10 -4.33 -17.62 -36.89
N MET H 11 -5.23 -17.08 -36.07
CA MET H 11 -6.11 -17.92 -35.28
C MET H 11 -6.90 -18.85 -36.20
N VAL H 12 -7.48 -18.30 -37.26
CA VAL H 12 -8.33 -19.08 -38.14
C VAL H 12 -7.55 -20.26 -38.71
N ASP H 13 -6.37 -19.99 -39.29
CA ASP H 13 -5.67 -21.09 -39.94
C ASP H 13 -5.03 -22.04 -38.94
N ARG H 14 -4.63 -21.58 -37.76
CA ARG H 14 -4.14 -22.51 -36.75
C ARG H 14 -5.24 -23.49 -36.38
N ILE H 15 -6.44 -22.98 -36.08
CA ILE H 15 -7.54 -23.86 -35.75
C ILE H 15 -7.82 -24.81 -36.91
N SER H 16 -7.87 -24.28 -38.14
CA SER H 16 -8.22 -25.12 -39.28
C SER H 16 -7.20 -26.21 -39.52
N LYS H 17 -5.92 -25.85 -39.64
CA LYS H 17 -4.88 -26.84 -39.88
C LYS H 17 -4.87 -27.87 -38.77
N GLN H 18 -4.80 -27.43 -37.53
CA GLN H 18 -4.96 -28.34 -36.41
C GLN H 18 -6.40 -28.81 -36.36
N MET H 19 -6.69 -29.70 -35.43
CA MET H 19 -8.05 -30.21 -35.25
C MET H 19 -8.56 -30.81 -36.56
N ASP H 20 -7.72 -31.59 -37.22
CA ASP H 20 -8.05 -32.25 -38.47
C ASP H 20 -7.87 -33.76 -38.30
N GLY H 21 -8.32 -34.50 -39.30
CA GLY H 21 -8.26 -35.95 -39.24
C GLY H 21 -6.86 -36.50 -39.11
N SER H 22 -5.84 -35.66 -39.30
CA SER H 22 -4.46 -36.13 -39.17
C SER H 22 -4.18 -36.64 -37.76
N GLN H 23 -4.68 -35.93 -36.75
CA GLN H 23 -4.34 -36.22 -35.35
C GLN H 23 -5.63 -36.40 -34.55
N PRO H 24 -6.30 -37.55 -34.68
CA PRO H 24 -7.50 -37.79 -33.89
C PRO H 24 -7.22 -38.27 -32.48
N ASP H 25 -6.10 -38.97 -32.26
CA ASP H 25 -5.76 -39.42 -30.92
C ASP H 25 -5.48 -38.25 -29.98
N GLU H 26 -5.21 -37.06 -30.51
CA GLU H 26 -4.90 -35.89 -29.71
C GLU H 26 -6.07 -34.93 -29.61
N TYR H 27 -6.81 -34.73 -30.70
CA TYR H 27 -7.95 -33.83 -30.73
C TYR H 27 -9.22 -34.62 -31.03
N PHE H 28 -10.34 -34.16 -30.47
CA PHE H 28 -11.58 -34.91 -30.56
C PHE H 28 -12.24 -34.74 -31.93
N ASN H 29 -12.64 -33.53 -32.27
CA ASN H 29 -13.52 -33.29 -33.40
C ASN H 29 -12.77 -32.84 -34.63
N ASN H 30 -13.48 -32.84 -35.75
CA ASN H 30 -12.96 -32.40 -37.04
C ASN H 30 -13.84 -31.26 -37.52
N LEU H 31 -13.22 -30.25 -38.13
CA LEU H 31 -13.97 -29.12 -38.65
C LEU H 31 -14.08 -29.10 -40.17
N TYR H 32 -13.34 -29.96 -40.87
CA TYR H 32 -13.34 -29.97 -42.33
C TYR H 32 -13.08 -28.58 -42.89
N GLY H 33 -12.20 -27.84 -42.22
CA GLY H 33 -11.95 -26.46 -42.60
C GLY H 33 -13.12 -25.53 -42.35
N ASN H 34 -13.84 -25.73 -41.25
CA ASN H 34 -14.97 -24.86 -40.90
C ASN H 34 -14.54 -23.86 -39.83
N VAL H 35 -13.79 -22.85 -40.28
CA VAL H 35 -13.26 -21.80 -39.41
C VAL H 35 -13.37 -20.48 -40.13
N SER H 36 -13.71 -19.43 -39.39
CA SER H 36 -13.79 -18.09 -39.99
C SER H 36 -13.87 -17.06 -38.89
N ARG H 37 -13.10 -15.98 -39.04
CA ARG H 37 -13.19 -14.85 -38.13
C ARG H 37 -14.42 -14.00 -38.40
N GLN H 38 -14.92 -14.01 -39.63
CA GLN H 38 -16.10 -13.21 -39.97
C GLN H 38 -17.31 -13.77 -39.24
N THR H 39 -17.77 -13.05 -38.22
CA THR H 39 -18.95 -13.48 -37.49
C THR H 39 -20.21 -13.32 -38.35
N TYR H 40 -21.12 -14.26 -38.22
CA TYR H 40 -22.39 -14.22 -38.91
C TYR H 40 -23.53 -14.25 -37.90
N LYS H 41 -24.72 -13.85 -38.37
CA LYS H 41 -25.92 -13.99 -37.57
C LYS H 41 -26.10 -15.44 -37.16
N PHE H 42 -26.50 -15.66 -35.91
CA PHE H 42 -26.52 -17.02 -35.39
C PHE H 42 -27.38 -17.94 -36.23
N GLU H 43 -28.58 -17.50 -36.61
CA GLU H 43 -29.46 -18.34 -37.40
C GLU H 43 -28.91 -18.61 -38.79
N GLU H 44 -27.89 -17.86 -39.23
CA GLU H 44 -27.41 -17.99 -40.61
C GLU H 44 -26.45 -19.15 -40.79
N ILE H 45 -25.88 -19.69 -39.70
CA ILE H 45 -24.87 -20.74 -39.83
C ILE H 45 -25.43 -21.88 -40.66
N ARG H 46 -24.58 -22.44 -41.52
CA ARG H 46 -25.02 -23.50 -42.41
C ARG H 46 -25.00 -24.86 -41.73
N GLU H 47 -23.85 -25.22 -41.16
CA GLU H 47 -23.68 -26.53 -40.54
C GLU H 47 -22.95 -26.38 -39.22
N PHE H 48 -23.07 -27.38 -38.36
CA PHE H 48 -22.43 -27.38 -37.05
C PHE H 48 -21.59 -28.63 -36.84
N PRO H 49 -20.57 -28.57 -35.98
CA PRO H 49 -20.15 -27.42 -35.16
C PRO H 49 -19.41 -26.37 -35.97
N TYR H 50 -19.40 -25.13 -35.49
CA TYR H 50 -18.75 -24.03 -36.18
C TYR H 50 -18.08 -23.13 -35.15
N VAL H 51 -17.00 -22.49 -35.56
CA VAL H 51 -16.20 -21.66 -34.68
C VAL H 51 -16.14 -20.24 -35.25
N ALA H 52 -16.26 -19.26 -34.37
CA ALA H 52 -16.22 -17.86 -34.76
C ALA H 52 -15.24 -17.12 -33.86
N VAL H 53 -14.50 -16.19 -34.44
CA VAL H 53 -13.46 -15.44 -33.73
C VAL H 53 -13.76 -13.96 -33.86
N HIS H 54 -13.81 -13.28 -32.72
CA HIS H 54 -13.97 -11.83 -32.69
C HIS H 54 -12.64 -11.17 -32.39
N ILE H 55 -12.46 -9.97 -32.92
CA ILE H 55 -11.31 -9.13 -32.59
C ILE H 55 -11.78 -8.09 -31.58
N GLY H 56 -11.29 -8.20 -30.36
CA GLY H 56 -11.68 -7.30 -29.30
C GLY H 56 -10.82 -6.06 -29.25
N THR H 57 -10.87 -5.38 -28.12
CA THR H 57 -10.03 -4.21 -27.93
C THR H 57 -8.58 -4.63 -27.79
N GLU H 58 -7.67 -3.70 -28.09
CA GLU H 58 -6.24 -3.96 -28.11
C GLU H 58 -5.53 -2.83 -27.36
N THR H 59 -5.35 -3.01 -26.06
CA THR H 59 -4.64 -2.02 -25.25
C THR H 59 -3.17 -2.00 -25.64
N GLY H 60 -2.51 -0.88 -25.33
CA GLY H 60 -1.10 -0.74 -25.65
C GLY H 60 -0.31 -0.02 -24.58
N GLN H 61 0.89 -0.52 -24.30
CA GLN H 61 1.85 0.14 -23.42
C GLN H 61 3.15 0.35 -24.18
N TYR H 62 3.73 1.54 -24.03
CA TYR H 62 4.97 1.87 -24.70
C TYR H 62 6.16 1.55 -23.80
N LEU H 63 7.33 1.40 -24.41
CA LEU H 63 8.55 1.15 -23.68
C LEU H 63 9.65 2.07 -24.19
N PRO H 64 10.70 2.28 -23.39
CA PRO H 64 11.65 3.35 -23.71
C PRO H 64 12.28 3.25 -25.10
N SER H 65 12.65 2.05 -25.54
CA SER H 65 13.41 1.91 -26.78
C SER H 65 12.51 1.79 -28.00
N GLY H 66 11.27 2.29 -27.93
CA GLY H 66 10.32 2.16 -29.00
C GLY H 66 9.54 0.87 -28.98
N GLN H 67 9.88 -0.06 -28.11
CA GLN H 67 9.14 -1.30 -28.03
C GLN H 67 7.73 -1.02 -27.56
N GLN H 68 6.77 -1.75 -28.12
CA GLN H 68 5.37 -1.61 -27.78
C GLN H 68 4.86 -2.91 -27.21
N TRP H 69 4.02 -2.83 -26.19
CA TRP H 69 3.39 -4.01 -25.60
C TRP H 69 1.89 -3.92 -25.88
N MET H 70 1.47 -4.56 -26.96
CA MET H 70 0.07 -4.60 -27.34
C MET H 70 -0.55 -5.88 -26.77
N PHE H 71 -1.63 -5.73 -26.02
CA PHE H 71 -2.37 -6.87 -25.46
C PHE H 71 -3.67 -7.00 -26.23
N LEU H 72 -3.63 -7.70 -27.36
CA LEU H 72 -4.80 -7.91 -28.19
C LEU H 72 -5.64 -9.03 -27.61
N GLU H 73 -6.95 -8.82 -27.57
CA GLU H 73 -7.88 -9.78 -27.00
C GLU H 73 -8.70 -10.42 -28.12
N LEU H 74 -8.78 -11.75 -28.11
CA LEU H 74 -9.49 -12.52 -29.12
C LEU H 74 -10.60 -13.34 -28.46
N PRO H 75 -11.81 -12.82 -28.36
CA PRO H 75 -12.94 -13.68 -28.01
C PRO H 75 -13.11 -14.78 -29.04
N ILE H 76 -13.46 -15.97 -28.56
CA ILE H 76 -13.69 -17.11 -29.43
C ILE H 76 -15.02 -17.73 -29.03
N LEU H 77 -15.90 -17.90 -30.00
CA LEU H 77 -17.21 -18.48 -29.79
C LEU H 77 -17.34 -19.75 -30.62
N VAL H 78 -18.17 -20.67 -30.13
CA VAL H 78 -18.41 -21.94 -30.82
C VAL H 78 -19.90 -22.24 -30.73
N TYR H 79 -20.45 -22.78 -31.82
CA TYR H 79 -21.85 -23.12 -31.89
C TYR H 79 -22.02 -24.56 -32.34
N ASP H 80 -23.03 -25.23 -31.79
CA ASP H 80 -23.28 -26.64 -32.12
C ASP H 80 -24.70 -26.98 -31.74
N LYS H 81 -25.20 -28.05 -32.35
CA LYS H 81 -26.56 -28.53 -32.13
C LYS H 81 -26.52 -29.78 -31.25
N GLU H 82 -27.54 -29.94 -30.42
CA GLU H 82 -27.56 -31.04 -29.46
C GLU H 82 -27.83 -32.35 -30.21
N LYS H 83 -26.82 -32.83 -30.91
CA LYS H 83 -26.94 -34.10 -31.62
C LYS H 83 -27.01 -35.26 -30.64
N THR H 84 -26.10 -35.29 -29.66
CA THR H 84 -26.12 -36.29 -28.60
C THR H 84 -26.29 -35.66 -27.23
N ASP H 85 -25.44 -34.68 -26.89
CA ASP H 85 -25.57 -33.94 -25.64
C ASP H 85 -24.88 -32.61 -25.83
N ILE H 86 -25.60 -31.52 -25.59
CA ILE H 86 -25.05 -30.20 -25.86
C ILE H 86 -23.79 -29.96 -25.04
N GLN H 87 -23.83 -30.31 -23.75
CA GLN H 87 -22.70 -30.01 -22.88
C GLN H 87 -21.45 -30.75 -23.33
N GLU H 88 -21.56 -32.06 -23.50
CA GLU H 88 -20.38 -32.87 -23.77
C GLU H 88 -19.71 -32.46 -25.07
N GLN H 89 -20.47 -32.41 -26.16
CA GLN H 89 -19.88 -32.02 -27.44
C GLN H 89 -19.32 -30.61 -27.37
N LEU H 90 -20.05 -29.71 -26.72
CA LEU H 90 -19.50 -28.38 -26.44
C LEU H 90 -18.26 -28.48 -25.57
N GLU H 91 -18.30 -29.36 -24.57
CA GLU H 91 -17.12 -29.58 -23.74
C GLU H 91 -15.96 -30.13 -24.57
N LYS H 92 -16.24 -31.07 -25.46
CA LYS H 92 -15.19 -31.61 -26.31
C LYS H 92 -14.58 -30.50 -27.16
N LEU H 93 -15.42 -29.65 -27.73
CA LEU H 93 -14.93 -28.57 -28.57
C LEU H 93 -14.05 -27.61 -27.78
N VAL H 94 -14.50 -27.24 -26.58
CA VAL H 94 -13.69 -26.29 -25.81
C VAL H 94 -12.38 -26.93 -25.38
N ALA H 95 -12.39 -28.22 -25.04
CA ALA H 95 -11.15 -28.88 -24.68
C ALA H 95 -10.18 -28.90 -25.87
N ASP H 96 -10.70 -29.21 -27.06
CA ASP H 96 -9.84 -29.20 -28.24
C ASP H 96 -9.29 -27.81 -28.50
N ILE H 97 -10.12 -26.79 -28.34
CA ILE H 97 -9.68 -25.41 -28.54
C ILE H 97 -8.55 -25.08 -27.57
N LYS H 98 -8.73 -25.45 -26.30
CA LYS H 98 -7.69 -25.21 -25.32
C LYS H 98 -6.40 -25.93 -25.68
N THR H 99 -6.51 -27.17 -26.14
CA THR H 99 -5.32 -27.92 -26.52
C THR H 99 -4.58 -27.23 -27.66
N VAL H 100 -5.30 -26.84 -28.70
CA VAL H 100 -4.65 -26.20 -29.84
C VAL H 100 -4.08 -24.85 -29.44
N ILE H 101 -4.71 -24.16 -28.48
CA ILE H 101 -4.19 -22.87 -28.06
C ILE H 101 -2.91 -23.05 -27.27
N ASP H 102 -2.84 -24.09 -26.43
CA ASP H 102 -1.69 -24.26 -25.55
C ASP H 102 -0.52 -24.93 -26.27
N THR H 103 -0.72 -26.16 -26.75
CA THR H 103 0.40 -26.90 -27.30
C THR H 103 0.84 -26.30 -28.62
N GLY H 104 1.92 -26.86 -29.17
CA GLY H 104 2.44 -26.41 -30.44
C GLY H 104 3.24 -25.12 -30.30
N GLY H 105 3.75 -24.66 -31.44
CA GLY H 105 4.48 -23.42 -31.45
C GLY H 105 3.59 -22.22 -31.21
N ASN H 106 4.21 -21.12 -30.85
CA ASN H 106 3.46 -19.91 -30.54
C ASN H 106 2.73 -19.43 -31.78
N LEU H 107 1.96 -18.35 -31.62
CA LEU H 107 1.23 -17.79 -32.75
C LEU H 107 2.18 -17.33 -33.84
N GLU H 108 1.92 -17.77 -35.06
CA GLU H 108 2.71 -17.43 -36.24
C GLU H 108 1.81 -16.63 -37.16
N TYR H 109 1.86 -15.31 -37.04
CA TYR H 109 1.02 -14.42 -37.82
C TYR H 109 1.84 -13.72 -38.89
N THR H 110 1.26 -13.60 -40.07
CA THR H 110 1.93 -13.01 -41.22
C THR H 110 1.80 -11.51 -41.17
N VAL H 111 2.92 -10.82 -41.41
CA VAL H 111 2.95 -9.36 -41.46
C VAL H 111 3.00 -8.94 -42.92
N SER H 112 2.04 -8.13 -43.34
CA SER H 112 1.99 -7.60 -44.69
C SER H 112 2.51 -6.17 -44.70
N LYS H 113 3.14 -5.79 -45.81
CA LYS H 113 3.80 -4.51 -45.95
C LYS H 113 3.33 -3.82 -47.21
N PRO H 114 3.42 -2.49 -47.26
CA PRO H 114 2.88 -1.78 -48.44
C PRO H 114 3.52 -2.23 -49.74
N ASN H 115 4.82 -2.47 -49.73
CA ASN H 115 5.54 -2.94 -50.92
C ASN H 115 5.66 -4.46 -50.93
N GLY H 116 4.52 -5.14 -50.72
CA GLY H 116 4.50 -6.60 -50.76
C GLY H 116 5.59 -7.25 -49.95
N SER H 117 6.12 -6.57 -48.94
CA SER H 117 7.23 -7.11 -48.14
C SER H 117 6.66 -7.92 -46.97
N THR H 118 6.13 -9.09 -47.32
CA THR H 118 5.46 -9.96 -46.36
C THR H 118 6.48 -10.93 -45.78
N PHE H 119 6.71 -10.84 -44.47
CA PHE H 119 7.53 -11.79 -43.75
C PHE H 119 6.86 -12.15 -42.44
N PRO H 120 7.15 -13.32 -41.88
CA PRO H 120 6.40 -13.80 -40.71
C PRO H 120 6.97 -13.31 -39.39
N CYS H 121 6.07 -13.03 -38.46
CA CYS H 121 6.43 -12.67 -37.10
C CYS H 121 5.59 -13.49 -36.13
N GLU H 122 6.13 -13.65 -34.92
CA GLU H 122 5.57 -14.56 -33.94
C GLU H 122 5.33 -13.83 -32.62
N ALA H 123 4.19 -14.09 -32.00
CA ALA H 123 3.85 -13.49 -30.72
C ALA H 123 4.70 -14.09 -29.62
N THR H 124 4.40 -13.73 -28.37
CA THR H 124 5.09 -14.28 -27.22
C THR H 124 4.16 -14.99 -26.26
N ASP H 125 3.08 -14.35 -25.84
CA ASP H 125 2.22 -14.85 -24.79
C ASP H 125 0.89 -15.33 -25.37
N MET H 126 0.30 -16.31 -24.71
CA MET H 126 -0.96 -16.89 -25.16
C MET H 126 -1.62 -17.55 -23.94
N ILE H 127 -2.61 -16.89 -23.37
CA ILE H 127 -3.29 -17.38 -22.16
C ILE H 127 -4.80 -17.30 -22.37
N ILE H 128 -5.49 -18.38 -22.03
CA ILE H 128 -6.94 -18.42 -22.04
C ILE H 128 -7.39 -18.00 -20.65
N THR H 129 -7.60 -16.70 -20.45
CA THR H 129 -7.82 -16.18 -19.10
C THR H 129 -9.07 -16.78 -18.47
N SER H 130 -10.16 -16.86 -19.23
CA SER H 130 -11.42 -17.34 -18.68
C SER H 130 -12.28 -17.89 -19.79
N VAL H 131 -12.90 -19.03 -19.53
CA VAL H 131 -13.77 -19.70 -20.49
C VAL H 131 -15.12 -19.94 -19.84
N SER H 132 -16.19 -19.63 -20.56
CA SER H 132 -17.53 -19.79 -20.05
C SER H 132 -18.48 -20.07 -21.21
N THR H 133 -19.69 -20.50 -20.87
CA THR H 133 -20.71 -20.84 -21.84
C THR H 133 -22.01 -20.15 -21.50
N ASP H 134 -22.94 -20.19 -22.45
CA ASP H 134 -24.26 -19.61 -22.28
C ASP H 134 -25.27 -20.71 -22.01
N GLU H 135 -26.18 -20.45 -21.09
CA GLU H 135 -27.14 -21.43 -20.62
C GLU H 135 -28.56 -20.88 -20.74
N GLY H 136 -29.50 -21.80 -20.93
CA GLY H 136 -30.89 -21.43 -21.09
C GLY H 136 -31.30 -21.06 -22.49
N LEU H 137 -30.38 -21.09 -23.44
CA LEU H 137 -30.70 -20.77 -24.82
C LEU H 137 -31.58 -21.86 -25.39
N LEU H 138 -31.92 -21.76 -26.67
CA LEU H 138 -32.67 -22.81 -27.32
C LEU H 138 -31.95 -24.14 -27.14
N ALA H 139 -32.71 -25.15 -26.73
CA ALA H 139 -32.11 -26.44 -26.38
C ALA H 139 -31.16 -26.95 -27.45
N PRO H 140 -31.52 -27.00 -28.73
CA PRO H 140 -30.54 -27.45 -29.73
C PRO H 140 -29.29 -26.59 -29.76
N TYR H 141 -29.44 -25.28 -29.57
CA TYR H 141 -28.34 -24.34 -29.75
C TYR H 141 -27.51 -24.22 -28.48
N GLY H 142 -26.20 -24.15 -28.66
CA GLY H 142 -25.29 -23.98 -27.55
C GLY H 142 -24.14 -23.06 -27.91
N LEU H 143 -23.64 -22.37 -26.90
CA LEU H 143 -22.62 -21.34 -27.10
C LEU H 143 -21.60 -21.40 -25.98
N ALA H 144 -20.32 -21.32 -26.36
CA ALA H 144 -19.23 -21.29 -25.39
C ALA H 144 -18.22 -20.26 -25.83
N GLU H 145 -17.96 -19.28 -24.96
CA GLU H 145 -17.03 -18.20 -25.25
C GLU H 145 -15.74 -18.42 -24.50
N ILE H 146 -14.62 -18.28 -25.22
CA ILE H 146 -13.29 -18.44 -24.65
C ILE H 146 -12.53 -17.15 -24.89
N ASN H 147 -11.94 -16.60 -23.82
CA ASN H 147 -11.26 -15.32 -23.89
C ASN H 147 -9.76 -15.56 -24.00
N VAL H 148 -9.25 -15.44 -25.22
CA VAL H 148 -7.82 -15.58 -25.49
C VAL H 148 -7.22 -14.18 -25.55
N THR H 149 -6.28 -13.91 -24.65
CA THR H 149 -5.60 -12.62 -24.60
C THR H 149 -4.19 -12.82 -25.16
N VAL H 150 -4.05 -12.64 -26.46
CA VAL H 150 -2.75 -12.76 -27.11
C VAL H 150 -1.98 -11.48 -26.87
N ARG H 151 -0.79 -11.61 -26.31
CA ARG H 151 0.12 -10.50 -26.09
C ARG H 151 1.27 -10.67 -27.07
N TYR H 152 1.48 -9.65 -27.91
CA TYR H 152 2.43 -9.74 -28.99
C TYR H 152 3.22 -8.45 -29.09
N GLN H 153 4.51 -8.58 -29.35
CA GLN H 153 5.39 -7.43 -29.52
C GLN H 153 5.52 -7.14 -31.00
N PRO H 154 4.98 -6.03 -31.50
CA PRO H 154 5.06 -5.77 -32.93
C PRO H 154 6.50 -5.56 -33.36
N PRO H 155 6.83 -5.86 -34.61
CA PRO H 155 8.21 -5.66 -35.07
C PRO H 155 8.53 -4.17 -35.19
N ARG H 156 8.45 -3.46 -34.07
CA ARG H 156 8.59 -2.01 -34.09
C ARG H 156 9.89 -1.57 -34.75
N ARG H 157 10.94 -2.39 -34.64
CA ARG H 157 12.23 -1.99 -35.16
C ARG H 157 12.18 -1.71 -36.66
N SER H 158 11.19 -2.26 -37.36
CA SER H 158 11.06 -1.97 -38.78
C SER H 158 10.64 -0.52 -39.01
N LEU H 159 9.60 -0.07 -38.31
CA LEU H 159 9.08 1.29 -38.48
C LEU H 159 8.92 1.64 -39.96
N MET I 1 -2.72 39.08 5.10
CA MET I 1 -2.77 37.63 5.44
C MET I 1 -3.03 36.80 4.20
N SER I 2 -2.18 35.79 3.97
CA SER I 2 -2.34 34.89 2.84
C SER I 2 -1.55 33.62 3.15
N LEU I 3 -1.80 32.59 2.34
CA LEU I 3 -1.08 31.33 2.43
C LEU I 3 -0.24 31.13 1.19
N GLN I 4 0.96 30.61 1.37
CA GLN I 4 1.85 30.35 0.25
C GLN I 4 1.53 29.00 -0.36
N LEU I 5 1.32 28.98 -1.67
CA LEU I 5 0.96 27.76 -2.38
C LEU I 5 2.14 27.30 -3.21
N LEU I 6 2.47 26.01 -3.08
CA LEU I 6 3.63 25.49 -3.80
C LEU I 6 3.49 25.69 -5.30
N ARG I 7 2.27 25.79 -5.80
CA ARG I 7 2.07 26.05 -7.22
C ARG I 7 2.62 27.40 -7.64
N ASN I 8 2.90 28.28 -6.69
CA ASN I 8 3.35 29.64 -6.97
C ASN I 8 4.80 29.85 -6.58
N THR I 9 5.65 28.87 -6.80
CA THR I 9 7.06 28.96 -6.48
C THR I 9 7.87 29.00 -7.77
N ARG I 10 8.79 29.95 -7.84
CA ARG I 10 9.71 30.08 -8.96
C ARG I 10 11.13 30.07 -8.42
N ILE I 11 12.00 29.34 -9.09
CA ILE I 11 13.38 29.15 -8.64
C ILE I 11 14.30 29.91 -9.57
N PHE I 12 15.21 30.68 -8.99
CA PHE I 12 16.21 31.43 -9.73
C PHE I 12 17.60 30.98 -9.29
N VAL I 13 18.56 31.09 -10.20
CA VAL I 13 19.93 30.70 -9.95
C VAL I 13 20.84 31.81 -10.45
N SER I 14 21.65 32.35 -9.56
CA SER I 14 22.53 33.47 -9.89
C SER I 14 23.94 33.15 -9.42
N THR I 15 24.91 33.52 -10.26
CA THR I 15 26.30 33.30 -9.93
C THR I 15 26.82 34.30 -8.90
N VAL I 16 26.10 35.38 -8.64
CA VAL I 16 26.50 36.40 -7.68
C VAL I 16 25.28 36.76 -6.85
N LYS I 17 25.47 37.74 -5.96
CA LYS I 17 24.41 38.20 -5.08
C LYS I 17 23.91 39.60 -5.43
N THR I 18 24.55 40.28 -6.37
CA THR I 18 24.22 41.66 -6.67
C THR I 18 24.43 41.93 -8.15
N GLY I 19 23.86 43.03 -8.63
CA GLY I 19 23.95 43.36 -10.04
C GLY I 19 23.31 42.30 -10.92
N HIS I 20 22.16 41.78 -10.50
CA HIS I 20 21.53 40.67 -11.22
C HIS I 20 21.11 41.12 -12.61
N ASN I 21 21.38 40.28 -13.59
CA ASN I 21 21.03 40.55 -14.98
C ASN I 21 20.66 39.24 -15.65
N LYS I 22 20.11 39.35 -16.86
CA LYS I 22 19.69 38.17 -17.59
C LYS I 22 20.85 37.20 -17.82
N THR I 23 22.09 37.71 -17.84
CA THR I 23 23.23 36.85 -18.12
C THR I 23 23.74 36.16 -16.87
N ASN I 24 23.86 36.88 -15.77
CA ASN I 24 24.39 36.32 -14.53
C ASN I 24 23.31 35.68 -13.65
N THR I 25 22.05 35.73 -14.07
CA THR I 25 20.97 35.16 -13.27
C THR I 25 19.88 34.68 -14.21
N GLN I 26 19.04 33.76 -13.74
CA GLN I 26 17.98 33.22 -14.58
C GLN I 26 17.08 32.33 -13.75
N GLU I 27 15.90 32.04 -14.30
CA GLU I 27 14.94 31.15 -13.67
C GLU I 27 14.98 29.79 -14.34
N ILE I 28 14.78 28.74 -13.54
CA ILE I 28 14.75 27.37 -14.04
C ILE I 28 13.43 26.75 -13.62
N LEU I 29 12.70 26.22 -14.60
CA LEU I 29 11.39 25.64 -14.34
C LEU I 29 11.55 24.39 -13.49
N VAL I 30 10.74 24.28 -12.45
CA VAL I 30 10.87 23.23 -11.44
C VAL I 30 9.60 22.39 -11.44
N GLN I 31 9.77 21.08 -11.31
CA GLN I 31 8.63 20.17 -11.29
C GLN I 31 8.12 20.01 -9.87
N ASP I 32 7.05 19.23 -9.71
CA ASP I 32 6.36 19.14 -8.43
C ASP I 32 7.25 18.59 -7.32
N ASP I 33 8.32 17.89 -7.67
CA ASP I 33 9.24 17.34 -6.66
C ASP I 33 10.27 18.43 -6.37
N ILE I 34 9.91 19.33 -5.47
CA ILE I 34 10.80 20.39 -5.02
C ILE I 34 10.84 20.34 -3.51
N SER I 35 12.05 20.45 -2.95
CA SER I 35 12.22 20.34 -1.51
C SER I 35 13.48 21.07 -1.10
N TRP I 36 13.41 21.78 0.02
CA TRP I 36 14.57 22.47 0.56
C TRP I 36 14.35 22.66 2.04
N GLY I 37 15.42 23.00 2.75
CA GLY I 37 15.35 23.17 4.18
C GLY I 37 16.74 23.19 4.77
N GLN I 38 16.77 23.30 6.10
CA GLN I 38 18.04 23.37 6.81
C GLN I 38 17.80 22.91 8.25
N ASP I 39 18.15 21.65 8.52
CA ASP I 39 17.99 21.10 9.85
C ASP I 39 19.20 21.46 10.72
N SER I 40 19.08 21.19 12.01
CA SER I 40 20.06 21.61 13.00
C SER I 40 20.42 20.46 13.91
N ASN I 41 21.65 20.48 14.42
CA ASN I 41 22.07 19.52 15.42
C ASN I 41 21.61 19.95 16.80
N SER I 42 21.79 19.07 17.77
CA SER I 42 21.34 19.34 19.13
C SER I 42 21.98 18.33 20.08
N THR I 43 22.53 18.83 21.17
CA THR I 43 23.14 18.00 22.21
C THR I 43 22.38 18.22 23.51
N ASP I 44 22.04 17.13 24.19
CA ASP I 44 21.29 17.17 25.44
C ASP I 44 22.17 16.58 26.54
N ILE I 45 22.38 17.34 27.60
CA ILE I 45 23.22 16.91 28.70
C ILE I 45 22.35 16.55 29.89
N THR I 46 22.61 15.38 30.47
CA THR I 46 21.88 14.90 31.63
C THR I 46 22.88 14.33 32.64
N VAL I 47 22.37 13.99 33.81
CA VAL I 47 23.22 13.59 34.94
C VAL I 47 22.73 12.27 35.51
N ASN I 48 23.66 11.56 36.16
CA ASN I 48 23.34 10.26 36.76
C ASN I 48 24.22 10.10 38.00
N GLU I 49 23.61 10.19 39.18
CA GLU I 49 24.31 9.91 40.43
C GLU I 49 23.41 9.06 41.29
N ALA I 50 24.01 8.17 42.08
CA ALA I 50 23.29 7.12 42.77
C ALA I 50 22.51 7.59 43.99
N GLY I 51 22.58 8.87 44.34
CA GLY I 51 21.94 9.36 45.53
C GLY I 51 20.44 9.17 45.51
N PRO I 52 19.82 8.93 46.67
CA PRO I 52 18.36 8.84 46.70
C PRO I 52 17.73 10.14 46.21
N ARG I 53 16.58 10.01 45.58
CA ARG I 53 15.94 11.17 44.99
C ARG I 53 16.87 11.79 43.97
N PRO I 54 17.08 11.13 42.83
CA PRO I 54 18.06 11.63 41.87
C PRO I 54 17.66 12.94 41.23
N THR I 55 18.45 13.40 40.26
CA THR I 55 18.21 14.65 39.56
C THR I 55 17.72 14.32 38.16
N ARG I 56 16.41 14.15 38.02
CA ARG I 56 15.80 13.84 36.73
C ARG I 56 15.58 15.15 35.98
N GLY I 57 16.38 15.37 34.94
CA GLY I 57 16.23 16.57 34.13
C GLY I 57 17.32 16.62 33.08
N SER I 58 17.13 17.52 32.13
CA SER I 58 18.09 17.70 31.06
C SER I 58 17.94 19.10 30.50
N LYS I 59 18.96 19.53 29.75
CA LYS I 59 18.93 20.82 29.08
C LYS I 59 19.45 20.64 27.67
N ARG I 60 18.84 21.34 26.71
CA ARG I 60 19.22 21.21 25.32
C ARG I 60 20.00 22.42 24.86
N PHE I 61 21.10 22.18 24.15
CA PHE I 61 21.92 23.24 23.57
C PHE I 61 21.97 23.07 22.05
N ASN I 62 21.82 24.18 21.34
CA ASN I 62 21.96 24.19 19.90
C ASN I 62 23.42 24.44 19.55
N ASP I 63 24.06 23.45 18.93
CA ASP I 63 25.50 23.46 18.74
C ASP I 63 25.90 24.13 17.43
N SER I 64 25.32 23.69 16.32
CA SER I 64 25.71 24.15 14.99
C SER I 64 24.48 24.07 14.10
N LEU I 65 24.69 24.08 12.79
CA LEU I 65 23.60 24.05 11.83
C LEU I 65 24.05 23.29 10.60
N ASN I 66 23.39 22.16 10.31
CA ASN I 66 23.77 21.36 9.16
C ASN I 66 23.59 22.16 7.88
N ALA I 67 24.48 21.93 6.92
CA ALA I 67 24.39 22.62 5.65
C ALA I 67 23.03 22.34 5.01
N ALA I 68 22.43 23.39 4.46
CA ALA I 68 21.12 23.24 3.84
C ALA I 68 21.16 22.16 2.77
N GLU I 69 19.98 21.70 2.39
CA GLU I 69 19.82 20.70 1.35
C GLU I 69 18.75 21.18 0.38
N TRP I 70 18.65 20.53 -0.77
CA TRP I 70 17.67 20.94 -1.76
C TRP I 70 17.71 19.97 -2.93
N SER I 71 16.63 19.97 -3.70
CA SER I 71 16.56 19.12 -4.89
C SER I 71 15.33 19.50 -5.69
N PHE I 72 15.48 19.57 -7.01
CA PHE I 72 14.35 19.81 -7.89
C PHE I 72 14.62 19.13 -9.22
N SER I 73 13.57 18.96 -10.01
CA SER I 73 13.65 18.27 -11.28
C SER I 73 13.26 19.21 -12.40
N THR I 74 14.09 19.27 -13.44
CA THR I 74 13.86 20.13 -14.59
C THR I 74 13.97 19.31 -15.85
N TYR I 75 13.05 19.52 -16.79
CA TYR I 75 13.10 18.79 -18.05
C TYR I 75 14.24 19.32 -18.91
N ILE I 76 14.82 18.42 -19.69
CA ILE I 76 15.93 18.79 -20.58
C ILE I 76 15.33 19.40 -21.84
N LEU I 77 15.66 20.64 -22.13
CA LEU I 77 14.99 21.42 -23.16
C LEU I 77 16.01 22.15 -24.02
N PRO I 78 16.71 21.45 -24.90
CA PRO I 78 17.59 22.14 -25.85
C PRO I 78 16.78 23.00 -26.80
N TYR I 79 17.34 24.14 -27.20
CA TYR I 79 16.70 25.00 -28.18
C TYR I 79 17.71 26.01 -28.69
N LYS I 80 17.40 26.59 -29.86
CA LYS I 80 18.24 27.63 -30.43
C LYS I 80 17.85 28.99 -29.86
N ASP I 81 18.85 29.81 -29.59
CA ASP I 81 18.62 31.14 -29.06
C ASP I 81 18.74 32.16 -30.18
N LYS I 82 17.69 32.97 -30.35
CA LYS I 82 17.71 33.97 -31.41
C LYS I 82 18.88 34.94 -31.24
N ASN I 83 19.23 35.28 -30.01
CA ASN I 83 20.31 36.23 -29.79
C ASN I 83 21.64 35.72 -30.32
N THR I 84 21.95 34.44 -30.07
CA THR I 84 23.23 33.88 -30.44
C THR I 84 23.15 32.85 -31.56
N SER I 85 21.95 32.40 -31.92
CA SER I 85 21.78 31.38 -32.95
C SER I 85 22.60 30.13 -32.64
N LYS I 86 22.65 29.77 -31.36
CA LYS I 86 23.34 28.57 -30.91
C LYS I 86 22.47 27.80 -29.94
N GLN I 87 22.59 26.49 -29.97
CA GLN I 87 21.80 25.64 -29.09
C GLN I 87 22.19 25.89 -27.64
N ILE I 88 21.18 25.92 -26.77
CA ILE I 88 21.37 26.10 -25.34
C ILE I 88 20.24 25.38 -24.62
N VAL I 89 20.35 25.29 -23.30
CA VAL I 89 19.30 24.72 -22.48
C VAL I 89 18.92 25.76 -21.44
N PRO I 90 17.70 25.73 -20.89
CA PRO I 90 17.33 26.78 -19.95
C PRO I 90 18.24 26.86 -18.74
N ASP I 91 18.54 25.73 -18.11
CA ASP I 91 19.28 25.71 -16.86
C ASP I 91 20.76 25.47 -17.10
N TYR I 92 21.38 26.31 -17.91
CA TYR I 92 22.76 26.04 -18.30
C TYR I 92 23.77 26.41 -17.21
N MET I 93 23.46 27.37 -16.35
CA MET I 93 24.35 27.60 -15.22
C MET I 93 24.39 26.38 -14.30
N LEU I 94 23.28 25.65 -14.21
CA LEU I 94 23.29 24.43 -13.39
C LEU I 94 24.30 23.43 -13.94
N TRP I 95 24.28 23.20 -15.25
CA TRP I 95 25.24 22.28 -15.83
C TRP I 95 26.65 22.80 -15.65
N HIS I 96 26.85 24.10 -15.82
CA HIS I 96 28.19 24.66 -15.64
C HIS I 96 28.70 24.40 -14.23
N ALA I 97 27.86 24.65 -13.23
CA ALA I 97 28.27 24.44 -11.85
C ALA I 97 28.53 22.97 -11.57
N LEU I 98 27.73 22.08 -12.13
CA LEU I 98 27.99 20.65 -11.96
C LEU I 98 29.28 20.24 -12.65
N SER I 99 29.74 21.01 -13.63
CA SER I 99 30.89 20.60 -14.42
C SER I 99 32.20 21.18 -13.88
N SER I 100 32.34 22.49 -13.89
CA SER I 100 33.63 23.14 -13.67
C SER I 100 33.58 24.04 -12.44
N GLY I 101 34.71 24.67 -12.17
CA GLY I 101 34.81 25.65 -11.11
C GLY I 101 35.26 27.01 -11.63
N ARG I 102 35.66 27.06 -12.89
CA ARG I 102 36.04 28.33 -13.49
C ARG I 102 34.79 29.12 -13.89
N ALA I 103 34.98 30.41 -14.13
CA ALA I 103 33.86 31.26 -14.51
C ALA I 103 33.22 30.75 -15.79
N ILE I 104 31.89 30.78 -15.82
CA ILE I 104 31.15 30.26 -16.98
C ILE I 104 31.63 30.95 -18.24
N ASN I 105 31.77 30.18 -19.32
CA ASN I 105 32.20 30.71 -20.61
C ASN I 105 31.59 29.83 -21.69
N LEU I 106 30.47 30.27 -22.27
CA LEU I 106 29.74 29.45 -23.21
C LEU I 106 30.55 29.15 -24.47
N GLU I 107 31.40 30.07 -24.92
CA GLU I 107 32.13 29.89 -26.16
C GLU I 107 33.38 29.03 -26.00
N GLY I 108 33.75 28.68 -24.77
CA GLY I 108 34.98 27.96 -24.53
C GLY I 108 34.95 26.57 -25.12
N THR I 109 35.87 25.73 -24.64
CA THR I 109 35.98 24.36 -25.09
C THR I 109 35.86 23.34 -23.96
N THR I 110 35.59 23.78 -22.73
CA THR I 110 35.44 22.88 -21.61
C THR I 110 34.21 23.28 -20.81
N GLY I 111 33.61 22.29 -20.14
CA GLY I 111 32.45 22.59 -19.33
C GLY I 111 31.26 23.00 -20.18
N ALA I 112 30.39 23.82 -19.58
CA ALA I 112 29.14 24.20 -20.21
C ALA I 112 29.43 25.23 -21.31
N HIS I 113 29.97 24.73 -22.41
CA HIS I 113 30.23 25.55 -23.59
C HIS I 113 29.38 25.02 -24.72
N ASN I 114 28.60 25.91 -25.35
CA ASN I 114 27.71 25.49 -26.40
C ASN I 114 28.37 25.63 -27.76
N ASN I 115 27.74 25.05 -28.78
CA ASN I 115 28.20 25.14 -30.15
C ASN I 115 26.99 25.38 -31.04
N ALA I 116 27.25 25.97 -32.21
CA ALA I 116 26.15 26.23 -33.14
C ALA I 116 25.32 24.98 -33.38
N THR I 117 25.97 23.84 -33.58
CA THR I 117 25.25 22.60 -33.80
C THR I 117 24.52 22.15 -32.55
N ASN I 118 25.18 22.20 -31.39
CA ASN I 118 24.60 21.65 -30.18
C ASN I 118 25.26 22.27 -28.96
N PHE I 119 24.58 22.16 -27.83
CA PHE I 119 25.14 22.55 -26.53
C PHE I 119 25.63 21.31 -25.83
N MET I 120 26.91 21.30 -25.46
CA MET I 120 27.55 20.14 -24.86
C MET I 120 28.35 20.57 -23.64
N VAL I 121 28.27 19.76 -22.59
CA VAL I 121 28.99 19.99 -21.35
C VAL I 121 30.10 18.98 -21.24
N ASN I 122 31.32 19.45 -20.99
CA ASN I 122 32.51 18.63 -20.95
C ASN I 122 33.04 18.61 -19.52
N PHE I 123 33.25 17.42 -18.99
CA PHE I 123 33.60 17.28 -17.59
C PHE I 123 35.09 17.47 -17.32
N LYS I 124 35.90 17.64 -18.37
CA LYS I 124 37.27 18.06 -18.13
C LYS I 124 37.29 19.41 -17.43
N ASP I 125 38.43 19.75 -16.85
CA ASP I 125 38.56 20.99 -16.11
C ASP I 125 37.52 21.09 -15.00
N ASN I 126 37.25 19.96 -14.35
CA ASN I 126 36.44 19.93 -13.14
C ASN I 126 37.29 19.72 -11.90
N SER I 127 38.61 19.67 -12.04
CA SER I 127 39.52 19.54 -10.90
C SER I 127 39.49 20.85 -10.13
N TYR I 128 38.79 20.84 -9.01
CA TYR I 128 38.63 22.03 -8.19
C TYR I 128 38.16 21.62 -6.80
N HIS I 129 38.75 22.24 -5.78
CA HIS I 129 38.33 21.93 -4.42
C HIS I 129 36.93 22.44 -4.15
N GLU I 130 36.46 23.43 -4.91
CA GLU I 130 35.10 23.91 -4.80
C GLU I 130 34.61 24.29 -6.19
N LEU I 131 33.57 23.61 -6.66
CA LEU I 131 33.00 23.88 -7.97
C LEU I 131 32.42 25.29 -7.98
N ALA I 132 31.93 25.71 -9.14
CA ALA I 132 31.37 27.04 -9.26
C ALA I 132 30.24 27.21 -8.25
N MET I 133 30.27 28.32 -7.51
CA MET I 133 29.31 28.55 -6.44
C MET I 133 28.06 29.16 -7.02
N LEU I 134 26.91 28.56 -6.70
CA LEU I 134 25.61 29.11 -7.07
C LEU I 134 24.82 29.44 -5.82
N HIS I 135 24.07 30.54 -5.90
CA HIS I 135 23.13 30.93 -4.85
C HIS I 135 21.73 30.77 -5.41
N ILE I 136 20.94 29.90 -4.77
CA ILE I 136 19.60 29.59 -5.25
C ILE I 136 18.64 30.59 -4.62
N TYR I 137 18.00 31.41 -5.46
CA TYR I 137 17.00 32.37 -5.00
C TYR I 137 15.63 31.77 -5.23
N ILE I 138 14.88 31.55 -4.15
CA ILE I 138 13.60 30.86 -4.21
C ILE I 138 12.49 31.88 -3.92
N LEU I 139 11.60 32.05 -4.88
CA LEU I 139 10.41 32.88 -4.72
C LEU I 139 9.20 31.97 -4.61
N THR I 140 8.37 32.22 -3.60
CA THR I 140 7.10 31.51 -3.44
C THR I 140 6.03 32.51 -3.09
N ASP I 141 4.94 32.51 -3.86
CA ASP I 141 3.87 33.47 -3.66
C ASP I 141 4.48 34.87 -3.73
N LYS I 142 4.87 35.41 -2.57
CA LYS I 142 5.52 36.70 -2.51
C LYS I 142 6.72 36.73 -1.57
N THR I 143 6.93 35.69 -0.78
CA THR I 143 8.08 35.65 0.13
C THR I 143 9.34 35.33 -0.64
N TRP I 144 10.47 35.79 -0.09
CA TRP I 144 11.76 35.70 -0.75
C TRP I 144 12.75 35.01 0.17
N SER I 145 13.37 33.94 -0.34
CA SER I 145 14.33 33.19 0.44
C SER I 145 15.38 32.64 -0.51
N TYR I 146 16.64 32.62 -0.06
CA TYR I 146 17.74 32.20 -0.91
C TYR I 146 18.76 31.46 -0.08
N ILE I 147 19.57 30.65 -0.77
CA ILE I 147 20.62 29.84 -0.14
C ILE I 147 21.96 30.47 -0.49
N ASP I 148 22.81 30.66 0.52
CA ASP I 148 24.01 31.47 0.34
C ASP I 148 24.89 30.92 -0.78
N SER I 149 25.46 29.74 -0.59
CA SER I 149 26.41 29.17 -1.55
C SER I 149 26.09 27.71 -1.73
N CYS I 150 25.67 27.34 -2.94
CA CYS I 150 25.27 25.99 -3.27
C CYS I 150 26.22 25.42 -4.31
N GLN I 151 26.53 24.14 -4.16
CA GLN I 151 27.29 23.40 -5.16
C GLN I 151 26.54 22.10 -5.45
N ILE I 152 26.28 21.85 -6.73
CA ILE I 152 25.47 20.70 -7.11
C ILE I 152 26.21 19.42 -6.79
N ASN I 153 25.53 18.50 -6.12
CA ASN I 153 26.12 17.25 -5.68
C ASN I 153 25.70 16.06 -6.51
N GLN I 154 24.53 16.12 -7.14
CA GLN I 154 24.02 14.98 -7.88
C GLN I 154 23.09 15.44 -8.98
N ALA I 155 23.18 14.78 -10.13
CA ALA I 155 22.27 15.00 -11.24
C ALA I 155 21.85 13.63 -11.76
N GLU I 156 20.70 13.15 -11.29
CA GLU I 156 20.22 11.82 -11.61
C GLU I 156 19.27 11.89 -12.79
N VAL I 157 19.54 11.10 -13.82
CA VAL I 157 18.71 11.04 -15.02
C VAL I 157 18.10 9.66 -15.08
N ASN I 158 16.78 9.59 -15.08
CA ASN I 158 16.05 8.33 -15.09
C ASN I 158 15.17 8.26 -16.33
N VAL I 159 15.28 7.16 -17.07
CA VAL I 159 14.52 6.99 -18.31
C VAL I 159 13.38 6.00 -18.18
N ASP I 160 13.46 5.05 -17.25
CA ASP I 160 12.44 4.01 -17.16
C ASP I 160 11.05 4.61 -17.03
N ILE I 161 10.92 5.71 -16.27
CA ILE I 161 9.63 6.36 -16.15
C ILE I 161 9.17 6.82 -17.53
N GLU I 162 7.93 6.47 -17.88
CA GLU I 162 7.46 6.68 -19.25
C GLU I 162 7.37 8.16 -19.62
N ASP I 163 7.24 9.04 -18.63
CA ASP I 163 7.06 10.45 -18.93
C ASP I 163 8.32 11.00 -19.61
N ILE I 164 8.22 12.26 -20.04
CA ILE I 164 9.34 12.93 -20.68
C ILE I 164 10.56 12.84 -19.78
N GLY I 165 11.73 12.76 -20.41
CA GLY I 165 12.97 12.65 -19.64
C GLY I 165 13.16 13.86 -18.75
N ARG I 166 13.64 13.61 -17.53
CA ARG I 166 13.84 14.64 -16.54
C ARG I 166 15.18 14.43 -15.85
N VAL I 167 15.68 15.48 -15.23
CA VAL I 167 16.91 15.44 -14.46
C VAL I 167 16.60 15.90 -13.05
N THR I 168 17.11 15.17 -12.06
CA THR I 168 16.89 15.48 -10.65
C THR I 168 18.20 16.04 -10.09
N TRP I 169 18.26 17.35 -9.93
CA TRP I 169 19.42 17.96 -9.32
C TRP I 169 19.37 17.78 -7.80
N SER I 170 20.49 18.06 -7.16
CA SER I 170 20.57 18.02 -5.71
C SER I 170 21.92 18.57 -5.27
N GLY I 171 21.92 19.30 -4.17
CA GLY I 171 23.13 19.90 -3.68
C GLY I 171 23.07 20.13 -2.20
N ASN I 172 23.76 21.19 -1.77
CA ASN I 172 23.79 21.58 -0.37
C ASN I 172 24.08 23.07 -0.28
N GLY I 173 23.80 23.64 0.88
CA GLY I 173 23.99 25.07 1.08
C GLY I 173 24.37 25.40 2.51
N ASN I 174 25.12 26.49 2.65
CA ASN I 174 25.61 26.90 3.95
C ASN I 174 24.48 27.28 4.88
N GLN I 175 23.61 28.17 4.45
CA GLN I 175 22.58 28.71 5.33
C GLN I 175 21.42 29.21 4.50
N LEU I 176 20.21 28.91 4.94
CA LEU I 176 18.99 29.37 4.28
C LEU I 176 18.60 30.71 4.88
N ILE I 177 18.96 31.79 4.21
CA ILE I 177 18.70 33.14 4.69
C ILE I 177 17.39 33.62 4.05
N PRO I 178 16.33 33.84 4.83
CA PRO I 178 15.14 34.47 4.25
C PRO I 178 15.41 35.92 3.91
N LEU I 179 14.69 36.42 2.91
CA LEU I 179 14.85 37.78 2.42
C LEU I 179 13.57 38.56 2.60
N ASP I 180 13.70 39.82 3.02
CA ASP I 180 12.54 40.66 3.28
C ASP I 180 12.18 41.56 2.11
N GLU I 181 13.12 41.89 1.25
CA GLU I 181 12.87 42.75 0.10
C GLU I 181 13.29 42.04 -1.18
N GLN I 182 12.60 42.35 -2.26
CA GLN I 182 12.85 41.67 -3.52
C GLN I 182 14.28 41.96 -3.98
N PRO I 183 14.97 40.98 -4.57
CA PRO I 183 16.34 41.27 -5.05
C PRO I 183 16.38 41.86 -6.43
N PHE I 184 15.40 41.55 -7.28
CA PHE I 184 15.39 42.05 -8.65
C PHE I 184 14.00 41.89 -9.24
N ASP I 185 13.77 42.58 -10.34
CA ASP I 185 12.48 42.48 -11.01
C ASP I 185 12.31 41.07 -11.57
N PRO I 186 11.33 40.29 -11.12
CA PRO I 186 11.25 38.90 -11.62
C PRO I 186 10.85 38.81 -13.07
N ASP I 187 9.87 39.59 -13.52
CA ASP I 187 9.39 39.46 -14.88
C ASP I 187 10.50 39.73 -15.89
N GLN I 188 11.30 40.77 -15.67
CA GLN I 188 12.41 41.04 -16.56
C GLN I 188 13.41 39.89 -16.53
N ILE I 189 13.78 39.45 -15.33
CA ILE I 189 14.81 38.41 -15.21
C ILE I 189 14.27 37.06 -15.66
N GLY I 190 13.06 36.71 -15.23
CA GLY I 190 12.51 35.41 -15.55
C GLY I 190 12.34 35.22 -17.05
N ILE I 191 12.23 33.97 -17.47
CA ILE I 191 12.10 33.67 -18.88
C ILE I 191 10.81 34.26 -19.40
N ASP I 192 10.90 34.97 -20.52
CA ASP I 192 9.76 35.67 -21.07
C ASP I 192 8.85 34.70 -21.82
N ASP I 193 7.70 35.19 -22.27
CA ASP I 193 6.73 34.33 -22.91
C ASP I 193 7.29 33.71 -24.19
N GLU I 194 8.02 34.50 -24.98
CA GLU I 194 8.52 34.02 -26.26
C GLU I 194 9.46 32.84 -26.06
N THR I 195 10.33 32.92 -25.06
CA THR I 195 11.26 31.81 -24.80
C THR I 195 10.50 30.55 -24.43
N TYR I 196 9.45 30.68 -23.60
CA TYR I 196 8.64 29.52 -23.28
C TYR I 196 7.99 28.94 -24.54
N MET I 197 7.45 29.82 -25.39
CA MET I 197 6.90 29.40 -26.67
C MET I 197 7.90 28.56 -27.44
N THR I 198 9.12 29.06 -27.59
CA THR I 198 10.12 28.33 -28.37
C THR I 198 10.49 27.02 -27.69
N ILE I 199 10.58 27.01 -26.36
CA ILE I 199 11.08 25.85 -25.65
C ILE I 199 10.09 24.69 -25.72
N GLN I 200 8.80 24.98 -25.57
CA GLN I 200 7.85 23.89 -25.40
C GLN I 200 7.82 22.94 -26.59
N GLY I 201 8.34 23.37 -27.73
CA GLY I 201 8.40 22.50 -28.89
C GLY I 201 9.72 21.76 -29.00
N SER I 202 10.39 21.56 -27.86
CA SER I 202 11.69 20.90 -27.84
C SER I 202 11.78 19.76 -26.83
N TYR I 203 10.68 19.44 -26.15
CA TYR I 203 10.71 18.34 -25.18
C TYR I 203 11.26 17.09 -25.83
N ILE I 204 11.76 16.17 -25.01
CA ILE I 204 12.33 14.91 -25.47
C ILE I 204 11.55 13.78 -24.83
N LYS I 205 11.13 12.82 -25.66
CA LYS I 205 10.35 11.68 -25.20
C LYS I 205 11.27 10.50 -24.96
N ASN I 206 11.13 9.87 -23.79
CA ASN I 206 11.85 8.62 -23.55
C ASN I 206 11.26 7.47 -24.35
N LYS I 207 10.12 7.68 -25.01
CA LYS I 207 9.54 6.62 -25.82
C LYS I 207 10.49 6.14 -26.90
N LEU I 208 11.45 6.98 -27.28
CA LEU I 208 12.46 6.63 -28.28
C LEU I 208 13.81 6.87 -27.64
N THR I 209 14.35 5.86 -26.98
CA THR I 209 15.65 5.96 -26.30
C THR I 209 16.52 4.79 -26.74
N ILE I 210 17.21 4.97 -27.85
CA ILE I 210 18.12 3.95 -28.37
C ILE I 210 19.44 4.07 -27.62
N LEU I 211 20.11 2.93 -27.45
CA LEU I 211 21.41 2.88 -26.80
C LEU I 211 22.42 2.20 -27.70
N LYS I 212 23.64 2.70 -27.67
CA LYS I 212 24.76 2.12 -28.41
C LYS I 212 25.81 1.68 -27.40
N ILE I 213 26.34 0.49 -27.58
CA ILE I 213 27.34 -0.08 -26.67
C ILE I 213 28.26 -0.98 -27.46
N LYS I 214 29.57 -0.83 -27.26
CA LYS I 214 30.54 -1.59 -28.03
C LYS I 214 31.71 -1.95 -27.13
N ASP I 215 32.18 -3.19 -27.24
CA ASP I 215 33.27 -3.69 -26.42
C ASP I 215 34.59 -3.32 -27.09
N MET I 216 35.28 -2.31 -26.57
CA MET I 216 36.43 -1.77 -27.28
C MET I 216 37.50 -2.84 -27.47
N ASP I 217 37.72 -3.69 -26.47
CA ASP I 217 38.74 -4.72 -26.62
C ASP I 217 38.40 -5.68 -27.75
N THR I 218 37.13 -6.07 -27.85
CA THR I 218 36.70 -7.00 -28.90
C THR I 218 36.16 -6.31 -30.14
N ASN I 219 35.87 -5.01 -30.06
CA ASN I 219 35.34 -4.26 -31.19
C ASN I 219 34.10 -4.94 -31.76
N LYS I 220 33.09 -5.09 -30.89
CA LYS I 220 31.82 -5.70 -31.25
C LYS I 220 30.71 -4.79 -30.78
N SER I 221 29.75 -4.51 -31.65
CA SER I 221 28.64 -3.61 -31.33
C SER I 221 27.40 -4.41 -31.02
N TYR I 222 26.82 -4.18 -29.84
CA TYR I 222 25.64 -4.90 -29.39
C TYR I 222 24.40 -4.06 -29.65
N ASP I 223 23.37 -4.71 -30.19
CA ASP I 223 22.09 -4.07 -30.48
C ASP I 223 21.14 -4.39 -29.33
N ILE I 224 20.90 -3.40 -28.47
CA ILE I 224 20.20 -3.61 -27.21
C ILE I 224 19.02 -2.65 -27.13
N PRO I 225 17.79 -3.13 -27.09
CA PRO I 225 16.66 -2.25 -26.75
C PRO I 225 16.44 -2.19 -25.25
N ILE I 226 16.57 -1.01 -24.66
CA ILE I 226 16.44 -0.86 -23.22
C ILE I 226 14.99 -1.07 -22.80
N THR I 227 14.80 -1.47 -21.55
CA THR I 227 13.50 -1.38 -20.91
C THR I 227 13.48 -0.33 -19.80
N GLY I 228 14.63 -0.02 -19.23
CA GLY I 228 14.75 1.05 -18.26
C GLY I 228 16.22 1.32 -18.02
N GLY I 229 16.49 2.44 -17.36
CA GLY I 229 17.86 2.80 -17.09
C GLY I 229 18.02 4.13 -16.42
N THR I 230 19.18 4.36 -15.83
CA THR I 230 19.47 5.59 -15.10
C THR I 230 20.96 5.87 -15.18
N PHE I 231 21.32 7.12 -14.93
CA PHE I 231 22.71 7.48 -14.75
C PHE I 231 22.77 8.77 -13.95
N THR I 232 23.70 8.84 -13.03
CA THR I 232 23.83 9.99 -12.14
C THR I 232 25.27 10.48 -12.14
N ILE I 233 25.42 11.80 -12.04
CA ILE I 233 26.73 12.42 -11.90
C ILE I 233 26.84 12.87 -10.46
N ASN I 234 27.75 12.26 -9.71
CA ASN I 234 27.90 12.52 -8.28
C ASN I 234 29.26 13.12 -8.01
N ASN I 235 29.28 14.24 -7.28
CA ASN I 235 30.52 14.86 -6.85
C ASN I 235 30.90 14.51 -5.41
N ASN I 236 30.01 13.87 -4.66
CA ASN I 236 30.30 13.47 -3.29
C ASN I 236 30.79 14.67 -2.47
N ILE I 237 30.12 15.81 -2.66
CA ILE I 237 30.49 17.01 -1.93
C ILE I 237 30.34 16.77 -0.44
N THR I 238 31.39 17.07 0.32
CA THR I 238 31.37 17.03 1.77
C THR I 238 31.51 18.45 2.28
N TYR I 239 30.69 18.82 3.24
CA TYR I 239 30.70 20.17 3.79
C TYR I 239 31.40 20.17 5.14
N LEU I 240 32.41 21.03 5.27
CA LEU I 240 33.21 21.14 6.47
C LEU I 240 32.67 22.26 7.34
N THR I 241 32.54 21.99 8.64
CA THR I 241 32.03 22.98 9.57
C THR I 241 32.90 23.06 10.81
N PRO I 242 33.02 24.22 11.44
CA PRO I 242 33.80 24.32 12.67
C PRO I 242 33.13 23.53 13.79
N ASN I 243 33.77 23.53 14.95
CA ASN I 243 33.30 22.79 16.12
C ASN I 243 33.40 23.63 17.38
N VAL I 244 33.04 24.90 17.27
CA VAL I 244 32.97 25.76 18.45
C VAL I 244 31.79 25.32 19.29
N MET I 245 32.00 25.24 20.60
CA MET I 245 30.94 24.80 21.50
C MET I 245 30.12 25.96 22.06
N SER I 246 30.74 27.10 22.36
CA SER I 246 30.04 28.17 23.06
C SER I 246 29.00 28.84 22.16
N ARG I 247 29.37 29.13 20.91
CA ARG I 247 28.50 29.85 20.00
C ARG I 247 28.10 28.94 18.85
N VAL I 248 26.84 29.04 18.43
CA VAL I 248 26.36 28.24 17.31
C VAL I 248 27.05 28.70 16.03
N THR I 249 27.43 27.76 15.18
CA THR I 249 28.25 28.03 14.03
C THR I 249 27.54 27.59 12.74
N ILE I 250 28.29 27.65 11.64
CA ILE I 250 27.72 27.41 10.31
C ILE I 250 28.79 26.77 9.42
N PRO I 251 28.40 25.82 8.58
CA PRO I 251 29.37 25.23 7.65
C PRO I 251 29.94 26.30 6.72
N ILE I 252 31.26 26.51 6.80
CA ILE I 252 31.89 27.62 6.10
C ILE I 252 32.36 27.19 4.72
N GLY I 253 32.98 26.01 4.64
CA GLY I 253 33.64 25.61 3.41
C GLY I 253 33.03 24.34 2.85
N SER I 254 33.67 23.85 1.79
CA SER I 254 33.27 22.59 1.17
C SER I 254 34.46 21.97 0.47
N PHE I 255 34.46 20.64 0.41
CA PHE I 255 35.47 19.88 -0.31
C PHE I 255 34.76 18.96 -1.30
N THR I 256 35.10 19.10 -2.58
CA THR I 256 34.55 18.20 -3.57
C THR I 256 35.09 16.79 -3.37
N GLY I 257 34.21 15.80 -3.50
CA GLY I 257 34.58 14.43 -3.27
C GLY I 257 35.22 13.80 -4.50
N ALA I 258 34.76 12.60 -4.86
CA ALA I 258 35.29 11.87 -5.99
C ALA I 258 34.23 11.80 -7.10
N PHE I 259 34.64 12.15 -8.31
CA PHE I 259 33.72 12.13 -9.44
C PHE I 259 33.23 10.70 -9.69
N GLU I 260 31.93 10.56 -9.92
CA GLU I 260 31.31 9.25 -10.13
C GLU I 260 30.20 9.39 -11.16
N LEU I 261 30.49 9.00 -12.40
CA LEU I 261 29.49 9.00 -13.47
C LEU I 261 28.83 7.61 -13.54
N THR I 262 28.35 7.18 -12.38
CA THR I 262 27.73 5.87 -12.28
C THR I 262 26.45 5.82 -13.09
N GLY I 263 26.11 4.62 -13.59
CA GLY I 263 24.89 4.43 -14.34
C GLY I 263 24.48 2.97 -14.32
N SER I 264 23.27 2.73 -14.82
CA SER I 264 22.69 1.40 -14.83
C SER I 264 21.85 1.22 -16.07
N LEU I 265 21.65 -0.03 -16.46
CA LEU I 265 20.86 -0.38 -17.62
C LEU I 265 20.02 -1.62 -17.29
N THR I 266 19.01 -1.86 -18.12
CA THR I 266 18.25 -3.10 -18.01
C THR I 266 17.55 -3.34 -19.33
N ALA I 267 17.43 -4.62 -19.70
CA ALA I 267 16.83 -4.97 -20.97
C ALA I 267 16.31 -6.40 -20.89
N TYR I 268 15.50 -6.76 -21.88
CA TYR I 268 15.02 -8.12 -22.01
C TYR I 268 16.08 -9.01 -22.66
N LEU I 269 15.94 -10.31 -22.50
CA LEU I 269 16.82 -11.26 -23.15
C LEU I 269 16.43 -11.39 -24.60
N ASN I 270 17.41 -11.34 -25.50
CA ASN I 270 17.17 -11.44 -26.94
C ASN I 270 18.19 -12.37 -27.56
N ASP I 271 17.72 -13.50 -28.09
CA ASP I 271 18.61 -14.48 -28.66
C ASP I 271 19.27 -14.03 -29.95
N LYS I 272 18.71 -13.04 -30.64
CA LYS I 272 19.31 -12.58 -31.88
C LYS I 272 20.74 -12.13 -31.62
N SER I 273 21.63 -12.49 -32.53
CA SER I 273 23.06 -12.23 -32.33
C SER I 273 23.28 -10.76 -32.02
N LEU I 274 24.32 -10.49 -31.24
CA LEU I 274 24.64 -9.13 -30.79
C LEU I 274 23.46 -8.53 -30.03
N GLY I 275 22.75 -9.39 -29.28
CA GLY I 275 21.67 -8.98 -28.43
C GLY I 275 22.03 -9.09 -26.96
N SER I 276 21.02 -8.92 -26.11
CA SER I 276 21.25 -8.97 -24.67
C SER I 276 21.85 -10.31 -24.26
N MET I 277 21.34 -11.41 -24.81
CA MET I 277 21.86 -12.71 -24.44
C MET I 277 23.33 -12.82 -24.80
N GLU I 278 23.72 -12.31 -25.97
CA GLU I 278 25.12 -12.38 -26.38
C GLU I 278 26.00 -11.60 -25.42
N LEU I 279 25.58 -10.39 -25.04
CA LEU I 279 26.37 -9.60 -24.08
C LEU I 279 26.48 -10.31 -22.75
N TYR I 280 25.37 -10.86 -22.25
CA TYR I 280 25.38 -11.54 -20.97
C TYR I 280 26.32 -12.73 -21.02
N LYS I 281 26.25 -13.52 -22.09
CA LYS I 281 27.13 -14.67 -22.24
C LYS I 281 28.59 -14.24 -22.27
N ASP I 282 28.90 -13.22 -23.06
CA ASP I 282 30.29 -12.77 -23.18
C ASP I 282 30.82 -12.29 -21.83
N LEU I 283 30.04 -11.47 -21.13
CA LEU I 283 30.51 -10.93 -19.87
C LEU I 283 30.72 -12.02 -18.84
N ILE I 284 29.78 -12.97 -18.74
CA ILE I 284 29.91 -13.99 -17.71
C ILE I 284 31.06 -14.95 -18.04
N LYS I 285 31.16 -15.39 -19.30
CA LYS I 285 32.21 -16.33 -19.65
C LYS I 285 33.58 -15.69 -19.53
N THR I 286 33.78 -14.52 -20.13
CA THR I 286 35.12 -13.94 -20.20
C THR I 286 35.70 -13.75 -18.80
N LEU I 287 34.95 -13.08 -17.92
CA LEU I 287 35.33 -12.92 -16.52
C LEU I 287 36.70 -12.24 -16.39
N LYS I 288 36.79 -11.03 -16.91
CA LYS I 288 38.00 -10.23 -16.82
C LYS I 288 37.94 -9.31 -15.60
N VAL I 289 39.12 -8.87 -15.15
CA VAL I 289 39.18 -7.98 -14.00
C VAL I 289 38.59 -6.62 -14.36
N VAL I 290 38.98 -6.06 -15.50
CA VAL I 290 38.54 -4.75 -15.92
C VAL I 290 38.05 -4.83 -17.36
N ASN I 291 37.17 -3.91 -17.72
CA ASN I 291 36.58 -3.85 -19.05
C ASN I 291 36.67 -2.43 -19.57
N ARG I 292 36.53 -2.28 -20.88
CA ARG I 292 36.51 -0.98 -21.53
C ARG I 292 35.37 -0.99 -22.53
N PHE I 293 34.19 -0.56 -22.09
CA PHE I 293 33.01 -0.47 -22.94
C PHE I 293 32.71 0.99 -23.23
N GLU I 294 32.53 1.31 -24.50
CA GLU I 294 32.12 2.64 -24.92
C GLU I 294 30.60 2.66 -24.93
N ILE I 295 30.01 3.32 -23.93
CA ILE I 295 28.57 3.34 -23.75
C ILE I 295 28.05 4.69 -24.21
N ALA I 296 26.97 4.67 -24.98
CA ALA I 296 26.30 5.89 -25.42
C ALA I 296 24.81 5.70 -25.17
N LEU I 297 24.21 6.58 -24.39
CA LEU I 297 22.78 6.59 -24.17
C LEU I 297 22.18 7.74 -24.96
N VAL I 298 21.24 7.43 -25.84
CA VAL I 298 20.68 8.40 -26.78
C VAL I 298 19.22 8.58 -26.40
N LEU I 299 18.94 9.53 -25.52
CA LEU I 299 17.56 9.85 -25.18
C LEU I 299 16.88 10.53 -26.35
N GLY I 300 15.63 10.19 -26.59
CA GLY I 300 14.89 10.77 -27.70
C GLY I 300 15.26 10.19 -29.04
N GLY I 301 16.07 9.15 -29.10
CA GLY I 301 16.39 8.49 -30.34
C GLY I 301 17.05 9.43 -31.33
N GLU I 302 17.44 8.86 -32.47
CA GLU I 302 18.01 9.61 -33.57
C GLU I 302 17.27 9.26 -34.85
N TYR I 303 17.30 10.17 -35.81
CA TYR I 303 16.56 9.98 -37.04
C TYR I 303 17.20 10.80 -38.16
N ASP I 304 16.86 10.44 -39.39
CA ASP I 304 17.32 11.22 -40.53
C ASP I 304 16.78 12.64 -40.46
N ASP I 305 15.51 12.79 -40.12
CA ASP I 305 14.96 14.12 -39.89
C ASP I 305 15.59 14.73 -38.65
N GLU I 306 15.61 16.06 -38.59
CA GLU I 306 16.14 16.76 -37.44
C GLU I 306 15.15 16.69 -36.29
N ARG I 307 15.60 16.27 -35.12
CA ARG I 307 14.73 16.13 -33.97
C ARG I 307 15.56 16.26 -32.70
N PRO I 308 14.93 16.60 -31.58
CA PRO I 308 15.70 16.77 -30.33
C PRO I 308 16.20 15.45 -29.80
N ALA I 309 17.28 15.52 -29.02
CA ALA I 309 17.81 14.36 -28.33
C ALA I 309 18.93 14.81 -27.41
N ALA I 310 19.07 14.10 -26.31
CA ALA I 310 20.16 14.31 -25.36
C ALA I 310 21.07 13.10 -25.38
N ILE I 311 22.37 13.32 -25.27
CA ILE I 311 23.37 12.28 -25.48
C ILE I 311 24.26 12.19 -24.27
N LEU I 312 24.49 10.97 -23.80
CA LEU I 312 25.48 10.67 -22.77
C LEU I 312 26.59 9.84 -23.38
N VAL I 313 27.83 10.29 -23.20
CA VAL I 313 29.00 9.59 -23.74
C VAL I 313 29.92 9.27 -22.58
N ALA I 314 30.27 7.99 -22.45
CA ALA I 314 31.20 7.51 -21.42
C ALA I 314 32.22 6.63 -22.12
N LYS I 315 33.26 7.24 -22.66
CA LYS I 315 34.31 6.47 -23.32
C LYS I 315 35.01 5.57 -22.31
N GLN I 316 35.41 4.40 -22.77
CA GLN I 316 36.04 3.38 -21.93
C GLN I 316 35.33 3.27 -20.59
N ALA I 317 34.03 3.02 -20.65
CA ALA I 317 33.25 2.89 -19.43
C ALA I 317 33.37 1.48 -18.87
N HIS I 318 33.70 1.40 -17.59
CA HIS I 318 33.77 0.12 -16.90
C HIS I 318 32.37 -0.47 -16.76
N VAL I 319 32.26 -1.79 -16.93
CA VAL I 319 31.00 -2.50 -16.85
C VAL I 319 31.11 -3.57 -15.78
N ASN I 320 30.11 -3.63 -14.91
CA ASN I 320 30.02 -4.70 -13.95
C ASN I 320 29.38 -5.93 -14.59
N ILE I 321 29.48 -7.05 -13.90
CA ILE I 321 28.99 -8.32 -14.45
C ILE I 321 27.46 -8.29 -14.48
N PRO I 322 26.82 -8.59 -15.60
CA PRO I 322 25.36 -8.52 -15.65
C PRO I 322 24.71 -9.49 -14.67
N THR I 323 23.54 -9.09 -14.17
CA THR I 323 22.76 -9.92 -13.28
C THR I 323 21.40 -10.17 -13.90
N ILE I 324 21.03 -11.43 -14.03
CA ILE I 324 19.75 -11.80 -14.64
C ILE I 324 18.62 -11.50 -13.66
N GLU I 325 17.53 -10.94 -14.18
CA GLU I 325 16.36 -10.61 -13.39
C GLU I 325 15.16 -11.40 -13.92
N THR I 326 14.34 -11.91 -13.00
CA THR I 326 13.24 -12.81 -13.33
C THR I 326 11.92 -12.13 -13.01
N ASP I 327 11.05 -12.03 -14.01
CA ASP I 327 9.68 -11.57 -13.83
C ASP I 327 8.85 -12.10 -14.99
N ASP I 328 7.66 -11.54 -15.20
CA ASP I 328 6.80 -12.03 -16.27
C ASP I 328 7.59 -12.22 -17.56
N VAL I 329 8.56 -11.35 -17.81
CA VAL I 329 9.51 -11.52 -18.91
C VAL I 329 10.91 -11.39 -18.32
N LEU I 330 11.81 -12.27 -18.72
CA LEU I 330 13.16 -12.25 -18.20
C LEU I 330 13.87 -10.97 -18.64
N GLY I 331 14.65 -10.40 -17.73
CA GLY I 331 15.42 -9.22 -18.03
C GLY I 331 16.75 -9.25 -17.30
N THR I 332 17.73 -8.59 -17.90
CA THR I 332 19.07 -8.50 -17.34
C THR I 332 19.43 -7.03 -17.14
N SER I 333 20.05 -6.73 -16.01
CA SER I 333 20.48 -5.38 -15.69
C SER I 333 22.00 -5.32 -15.68
N VAL I 334 22.54 -4.26 -16.27
CA VAL I 334 23.97 -4.04 -16.32
C VAL I 334 24.26 -2.72 -15.62
N GLU I 335 25.14 -2.75 -14.64
CA GLU I 335 25.59 -1.56 -13.93
C GLU I 335 26.97 -1.19 -14.43
N PHE I 336 27.18 0.09 -14.73
CA PHE I 336 28.43 0.56 -15.28
C PHE I 336 28.87 1.83 -14.57
N LYS I 337 30.16 2.12 -14.66
CA LYS I 337 30.73 3.33 -14.09
C LYS I 337 31.80 3.83 -15.04
N ALA I 338 31.61 5.04 -15.57
CA ALA I 338 32.55 5.63 -16.52
C ALA I 338 33.87 5.92 -15.80
N ILE I 339 34.95 5.29 -16.25
CA ILE I 339 36.27 5.51 -15.69
C ILE I 339 37.11 6.27 -16.71
N PRO I 340 38.09 7.04 -16.28
CA PRO I 340 38.84 7.89 -17.21
C PRO I 340 40.04 7.14 -17.80
N SER I 341 40.63 7.78 -18.81
CA SER I 341 41.91 7.28 -19.32
C SER I 341 42.98 7.38 -18.24
N ASP I 342 42.97 8.46 -17.47
CA ASP I 342 43.86 8.62 -16.33
C ASP I 342 43.10 9.30 -15.22
N LEU I 343 43.59 9.12 -13.98
CA LEU I 343 42.85 9.61 -12.82
C LEU I 343 42.61 11.12 -12.91
N ASP I 344 43.64 11.88 -13.23
CA ASP I 344 43.52 13.33 -13.32
C ASP I 344 43.09 13.80 -14.70
N ALA I 345 42.96 12.90 -15.67
CA ALA I 345 42.62 13.32 -17.02
C ALA I 345 41.27 14.01 -17.06
N GLY I 346 40.29 13.48 -16.33
CA GLY I 346 38.98 14.10 -16.29
C GLY I 346 38.13 13.86 -17.52
N ASP I 347 38.39 12.79 -18.27
CA ASP I 347 37.64 12.47 -19.48
C ASP I 347 36.63 11.36 -19.22
N GLU I 348 36.01 11.37 -18.05
CA GLU I 348 35.01 10.35 -17.74
C GLU I 348 33.96 10.26 -18.82
N GLY I 349 33.44 11.41 -19.23
CA GLY I 349 32.43 11.44 -20.27
C GLY I 349 31.99 12.85 -20.54
N TYR I 350 31.14 13.01 -21.55
CA TYR I 350 30.61 14.30 -21.92
C TYR I 350 29.22 14.10 -22.49
N LEU I 351 28.44 15.18 -22.49
CA LEU I 351 27.05 15.12 -22.90
C LEU I 351 26.81 16.06 -24.08
N GLY I 352 25.74 15.77 -24.82
CA GLY I 352 25.33 16.62 -25.91
C GLY I 352 23.83 16.87 -25.91
N PHE I 353 23.43 18.12 -26.11
CA PHE I 353 22.02 18.49 -26.16
C PHE I 353 21.78 19.35 -27.38
N SER I 354 20.64 19.14 -28.05
CA SER I 354 20.24 19.98 -29.16
C SER I 354 18.87 19.53 -29.63
N SER I 355 18.19 20.44 -30.33
CA SER I 355 16.88 20.15 -30.88
C SER I 355 16.94 19.57 -32.29
N LYS I 356 18.10 19.61 -32.94
CA LYS I 356 18.25 19.25 -34.35
C LYS I 356 19.30 18.16 -34.52
N TYR I 357 19.23 17.12 -33.68
CA TYR I 357 20.24 16.08 -33.72
C TYR I 357 19.93 15.07 -34.82
N THR I 358 20.86 14.92 -35.75
CA THR I 358 20.74 14.00 -36.87
C THR I 358 21.67 12.82 -36.65
N ARG I 359 21.32 11.69 -37.27
CA ARG I 359 22.10 10.48 -37.09
C ARG I 359 23.58 10.74 -37.34
N THR I 360 23.89 11.40 -38.44
CA THR I 360 25.29 11.77 -38.70
C THR I 360 25.82 12.69 -37.62
N THR I 361 25.02 13.67 -37.22
CA THR I 361 25.44 14.57 -36.15
C THR I 361 25.73 13.79 -34.88
N ILE I 362 24.85 12.85 -34.55
CA ILE I 362 25.04 12.06 -33.33
C ILE I 362 26.33 11.27 -33.40
N ASN I 363 26.56 10.61 -34.54
CA ASN I 363 27.74 9.76 -34.63
C ASN I 363 29.02 10.60 -34.56
N ASN I 364 29.05 11.75 -35.23
CA ASN I 364 30.25 12.57 -35.15
C ASN I 364 30.45 13.10 -33.73
N LEU I 365 29.36 13.44 -33.03
CA LEU I 365 29.51 13.80 -31.63
C LEU I 365 30.13 12.66 -30.83
N ILE I 366 29.67 11.45 -31.07
CA ILE I 366 30.17 10.30 -30.31
C ILE I 366 31.66 10.13 -30.54
N VAL I 367 32.10 10.21 -31.79
CA VAL I 367 33.46 9.81 -32.13
C VAL I 367 34.41 11.00 -32.26
N ASN I 368 33.95 12.22 -31.96
CA ASN I 368 34.84 13.37 -32.01
C ASN I 368 34.73 14.21 -30.75
N GLY I 369 33.58 14.13 -30.08
CA GLY I 369 33.34 14.91 -28.89
C GLY I 369 32.45 16.10 -29.09
N ASP I 370 32.27 16.56 -30.33
CA ASP I 370 31.44 17.72 -30.64
C ASP I 370 30.56 17.41 -31.83
N GLY I 371 29.40 18.05 -31.88
CA GLY I 371 28.53 17.88 -33.03
C GLY I 371 29.10 18.48 -34.29
N ALA I 372 29.63 19.70 -34.21
CA ALA I 372 30.03 20.42 -35.41
C ALA I 372 31.12 19.68 -36.16
N THR I 373 32.13 19.17 -35.47
CA THR I 373 33.22 18.48 -36.15
C THR I 373 32.72 17.13 -36.66
N ASP I 374 32.99 16.87 -37.94
CA ASP I 374 32.51 15.65 -38.59
C ASP I 374 33.51 14.53 -38.38
N ALA I 375 33.07 13.31 -38.70
CA ALA I 375 33.89 12.12 -38.55
C ALA I 375 33.84 11.31 -39.83
N VAL I 376 34.94 10.59 -40.10
CA VAL I 376 35.05 9.82 -41.33
C VAL I 376 34.07 8.66 -41.29
N THR I 377 33.31 8.49 -42.38
CA THR I 377 32.28 7.48 -42.48
C THR I 377 32.70 6.30 -43.33
N ALA I 378 33.21 6.54 -44.54
CA ALA I 378 33.61 5.46 -45.44
C ALA I 378 34.95 5.81 -46.06
N ILE I 379 35.78 4.79 -46.24
CA ILE I 379 37.08 4.93 -46.89
C ILE I 379 37.27 3.76 -47.84
N THR I 380 37.84 4.04 -49.00
CA THR I 380 38.29 3.02 -49.93
C THR I 380 39.78 3.25 -50.18
N VAL I 381 40.50 2.18 -50.49
CA VAL I 381 41.93 2.28 -50.71
C VAL I 381 42.18 2.46 -52.21
N LYS I 382 42.79 3.59 -52.56
CA LYS I 382 43.02 3.95 -53.95
C LYS I 382 44.52 3.86 -54.25
N SER I 383 44.87 3.23 -55.37
CA SER I 383 46.26 3.00 -55.70
C SER I 383 46.77 4.08 -56.65
N ALA I 384 48.05 4.44 -56.46
CA ALA I 384 48.70 5.43 -57.31
C ALA I 384 48.66 4.95 -58.75
N GLY I 385 47.95 5.69 -59.60
CA GLY I 385 47.76 5.25 -60.97
C GLY I 385 46.68 4.21 -61.16
N ASN I 386 45.95 3.86 -60.10
CA ASN I 386 44.87 2.89 -60.17
C ASN I 386 45.37 1.56 -60.74
N VAL I 387 46.42 1.03 -60.11
CA VAL I 387 47.07 -0.20 -60.54
C VAL I 387 46.69 -1.30 -59.57
N THR I 388 46.23 -2.44 -60.11
CA THR I 388 45.78 -3.56 -59.30
C THR I 388 46.83 -4.65 -59.16
N THR I 389 48.06 -4.41 -59.60
CA THR I 389 49.13 -5.38 -59.46
C THR I 389 50.46 -4.66 -59.47
N LEU I 390 51.47 -5.36 -58.95
CA LEU I 390 52.82 -4.82 -58.87
C LEU I 390 53.81 -5.96 -59.01
N ASN I 391 54.96 -5.65 -59.62
CA ASN I 391 56.03 -6.62 -59.78
C ASN I 391 57.05 -6.44 -58.67
N ARG I 392 57.93 -7.42 -58.54
CA ARG I 392 58.91 -7.41 -57.47
C ARG I 392 59.87 -6.24 -57.62
N SER I 393 60.40 -5.77 -56.49
CA SER I 393 61.36 -4.68 -56.45
C SER I 393 60.78 -3.41 -57.11
N ALA I 394 59.49 -3.16 -56.85
CA ALA I 394 58.82 -1.96 -57.32
C ALA I 394 58.08 -1.32 -56.16
N THR I 395 57.99 0.01 -56.20
CA THR I 395 57.34 0.79 -55.15
C THR I 395 56.01 1.33 -55.67
N LEU I 396 54.96 1.18 -54.86
CA LEU I 396 53.62 1.70 -55.17
C LEU I 396 53.19 2.55 -53.98
N GLN I 397 53.56 3.83 -54.00
CA GLN I 397 53.16 4.77 -52.96
C GLN I 397 51.69 5.08 -53.17
N MET I 398 50.83 4.23 -52.62
CA MET I 398 49.41 4.32 -52.89
C MET I 398 48.77 5.43 -52.07
N SER I 399 47.55 5.79 -52.46
CA SER I 399 46.81 6.87 -51.83
C SER I 399 45.60 6.31 -51.09
N VAL I 400 44.81 7.22 -50.53
CA VAL I 400 43.59 6.86 -49.80
C VAL I 400 42.62 8.02 -49.87
N GLU I 401 41.33 7.68 -49.91
CA GLU I 401 40.25 8.66 -49.90
C GLU I 401 39.26 8.29 -48.80
N VAL I 402 38.56 9.28 -48.30
CA VAL I 402 37.64 9.11 -47.17
C VAL I 402 36.32 9.80 -47.49
N THR I 403 35.29 9.44 -46.73
CA THR I 403 34.01 10.12 -46.82
C THR I 403 33.51 10.43 -45.40
N PRO I 404 32.88 11.60 -45.19
CA PRO I 404 32.60 12.68 -46.16
C PRO I 404 33.82 13.52 -46.46
N SER I 405 33.71 14.42 -47.45
CA SER I 405 34.81 15.30 -47.79
C SER I 405 35.09 16.34 -46.70
N SER I 406 34.19 16.49 -45.73
CA SER I 406 34.34 17.49 -44.68
C SER I 406 34.85 16.89 -43.37
N ALA I 407 35.33 15.66 -43.39
CA ALA I 407 35.85 15.04 -42.18
C ALA I 407 37.06 15.80 -41.66
N ARG I 408 37.14 15.95 -40.34
CA ARG I 408 38.25 16.70 -39.75
C ARG I 408 39.54 15.90 -39.79
N ASN I 409 39.47 14.59 -39.56
CA ASN I 409 40.64 13.73 -39.56
C ASN I 409 40.74 13.05 -40.92
N LYS I 410 41.36 13.74 -41.88
CA LYS I 410 41.65 13.17 -43.18
C LYS I 410 42.86 12.24 -43.14
N GLU I 411 43.57 12.19 -42.02
CA GLU I 411 44.77 11.37 -41.89
C GLU I 411 44.40 10.02 -41.30
N VAL I 412 44.94 8.96 -41.91
CA VAL I 412 44.68 7.60 -41.48
C VAL I 412 46.00 6.85 -41.45
N THR I 413 45.99 5.70 -40.79
CA THR I 413 47.17 4.86 -40.68
C THR I 413 47.25 3.90 -41.87
N TRP I 414 48.42 3.31 -42.05
CA TRP I 414 48.69 2.34 -43.11
C TRP I 414 49.22 1.06 -42.48
N ALA I 415 48.69 -0.08 -42.89
CA ALA I 415 49.08 -1.35 -42.31
C ALA I 415 49.00 -2.45 -43.35
N ILE I 416 49.91 -3.42 -43.24
CA ILE I 416 49.92 -4.62 -44.07
C ILE I 416 49.56 -5.79 -43.17
N THR I 417 48.45 -6.46 -43.47
CA THR I 417 47.91 -7.49 -42.60
C THR I 417 48.08 -8.89 -43.18
N ALA I 418 47.55 -9.14 -44.38
CA ALA I 418 47.52 -10.49 -44.94
C ALA I 418 48.63 -10.63 -45.99
N GLY I 419 49.49 -11.63 -45.79
CA GLY I 419 50.56 -11.91 -46.71
C GLY I 419 51.83 -11.14 -46.40
N ASP I 420 52.94 -11.62 -46.96
CA ASP I 420 54.26 -11.01 -46.79
C ASP I 420 54.86 -10.82 -48.17
N ALA I 421 54.53 -9.70 -48.82
CA ALA I 421 55.07 -9.39 -50.13
C ALA I 421 55.54 -7.96 -50.30
N ALA I 422 55.17 -7.05 -49.41
CA ALA I 422 55.57 -5.65 -49.56
C ALA I 422 55.59 -5.00 -48.19
N THR I 423 56.34 -3.91 -48.09
CA THR I 423 56.45 -3.12 -46.87
C THR I 423 55.99 -1.69 -47.14
N ILE I 424 55.18 -1.15 -46.24
CA ILE I 424 54.66 0.20 -46.36
C ILE I 424 55.06 0.98 -45.12
N ASN I 425 55.04 2.29 -45.25
CA ASN I 425 55.43 3.21 -44.19
C ASN I 425 54.26 4.15 -43.89
N ALA I 426 54.51 5.14 -43.03
CA ALA I 426 53.49 6.13 -42.72
C ALA I 426 53.13 6.94 -43.96
N THR I 427 54.13 7.32 -44.76
CA THR I 427 53.86 8.10 -45.96
C THR I 427 52.91 7.35 -46.89
N GLY I 428 52.92 6.03 -46.85
CA GLY I 428 52.17 5.21 -47.77
C GLY I 428 52.99 4.60 -48.88
N LEU I 429 54.31 4.78 -48.84
CA LEU I 429 55.21 4.24 -49.87
C LEU I 429 55.33 2.73 -49.67
N LEU I 430 54.55 1.97 -50.42
CA LEU I 430 54.60 0.52 -50.34
C LEU I 430 55.73 -0.01 -51.21
N ARG I 431 56.57 -0.85 -50.63
CA ARG I 431 57.77 -1.35 -51.28
C ARG I 431 57.76 -2.87 -51.27
N ALA I 432 58.18 -3.47 -52.39
CA ALA I 432 58.32 -4.90 -52.52
C ALA I 432 59.80 -5.26 -52.67
N ASP I 433 60.08 -6.55 -52.74
CA ASP I 433 61.45 -7.03 -52.86
C ASP I 433 61.42 -8.36 -53.61
N ALA I 434 62.55 -9.08 -53.57
CA ALA I 434 62.65 -10.37 -54.23
C ALA I 434 62.02 -11.47 -53.38
N SER I 435 61.81 -12.62 -54.01
CA SER I 435 61.23 -13.78 -53.32
C SER I 435 59.88 -13.44 -52.71
N LYS I 436 59.06 -12.71 -53.46
CA LYS I 436 57.72 -12.32 -53.03
C LYS I 436 56.72 -12.91 -54.02
N THR I 437 56.28 -14.14 -53.75
CA THR I 437 55.37 -14.85 -54.65
C THR I 437 53.97 -15.01 -54.04
N GLY I 438 53.60 -14.13 -53.13
CA GLY I 438 52.28 -14.17 -52.53
C GLY I 438 51.62 -12.81 -52.57
N ALA I 439 50.30 -12.83 -52.74
CA ALA I 439 49.53 -11.59 -52.75
C ALA I 439 49.42 -11.03 -51.34
N VAL I 440 49.39 -9.71 -51.25
CA VAL I 440 49.34 -9.01 -49.97
C VAL I 440 48.16 -8.04 -49.99
N THR I 441 47.68 -7.71 -48.80
CA THR I 441 46.57 -6.78 -48.63
C THR I 441 47.03 -5.58 -47.82
N VAL I 442 46.59 -4.40 -48.24
CA VAL I 442 46.97 -3.14 -47.61
C VAL I 442 45.77 -2.67 -46.78
N GLU I 443 46.03 -2.34 -45.52
CA GLU I 443 44.98 -1.93 -44.60
C GLU I 443 45.29 -0.55 -44.02
N ALA I 444 44.22 0.18 -43.73
CA ALA I 444 44.32 1.50 -43.11
C ALA I 444 43.31 1.60 -41.97
N THR I 445 43.64 2.42 -40.98
CA THR I 445 42.75 2.68 -39.85
C THR I 445 42.76 4.17 -39.55
N ALA I 446 41.58 4.72 -39.29
CA ALA I 446 41.46 6.16 -39.10
C ALA I 446 42.15 6.58 -37.81
N LYS I 447 42.78 7.76 -37.87
CA LYS I 447 43.42 8.32 -36.69
C LYS I 447 42.43 8.89 -35.68
N ASP I 448 41.21 9.22 -36.11
CA ASP I 448 40.20 9.77 -35.22
C ASP I 448 39.45 8.68 -34.45
N GLY I 449 39.75 7.42 -34.69
CA GLY I 449 39.08 6.36 -33.98
C GLY I 449 37.63 6.17 -34.35
N SER I 450 37.21 6.69 -35.52
CA SER I 450 35.82 6.53 -35.92
C SER I 450 35.46 5.06 -36.10
N GLY I 451 36.35 4.28 -36.72
CA GLY I 451 36.07 2.88 -36.97
C GLY I 451 35.71 2.61 -38.42
N VAL I 452 36.45 3.22 -39.34
CA VAL I 452 36.29 2.97 -40.77
C VAL I 452 37.40 2.04 -41.22
N LYS I 453 37.14 1.32 -42.31
CA LYS I 453 38.06 0.31 -42.82
C LYS I 453 38.23 0.49 -44.31
N GLY I 454 39.40 0.11 -44.82
CA GLY I 454 39.68 0.13 -46.24
C GLY I 454 40.45 -1.09 -46.68
N THR I 455 39.93 -1.81 -47.67
CA THR I 455 40.50 -3.08 -48.09
C THR I 455 40.91 -3.02 -49.56
N LYS I 456 42.00 -3.72 -49.87
CA LYS I 456 42.49 -3.83 -51.24
C LYS I 456 43.48 -4.98 -51.30
N VAL I 457 43.27 -5.90 -52.24
CA VAL I 457 44.16 -7.03 -52.45
C VAL I 457 44.94 -6.77 -53.73
N ILE I 458 46.27 -6.71 -53.61
CA ILE I 458 47.15 -6.46 -54.74
C ILE I 458 47.89 -7.76 -55.06
N THR I 459 47.84 -8.18 -56.32
CA THR I 459 48.47 -9.42 -56.75
C THR I 459 49.92 -9.13 -57.11
N VAL I 460 50.77 -9.17 -56.09
CA VAL I 460 52.20 -9.02 -56.28
C VAL I 460 52.82 -10.40 -56.42
N THR I 461 53.41 -10.67 -57.58
CA THR I 461 53.95 -11.98 -57.92
C THR I 461 55.40 -11.83 -58.36
N ALA I 462 55.95 -12.91 -58.93
CA ALA I 462 57.33 -12.92 -59.37
C ALA I 462 57.59 -12.00 -60.56
N GLY I 463 56.54 -11.48 -61.19
CA GLY I 463 56.71 -10.57 -62.30
C GLY I 463 56.83 -11.28 -63.64
N GLY I 464 57.11 -10.49 -64.66
CA GLY I 464 57.26 -11.01 -66.01
C GLY I 464 58.68 -11.46 -66.30
#